data_3NV1
# 
_entry.id   3NV1 
# 
_audit_conform.dict_name       mmcif_pdbx.dic 
_audit_conform.dict_version    5.380 
_audit_conform.dict_location   http://mmcif.pdb.org/dictionaries/ascii/mmcif_pdbx.dic 
# 
loop_
_database_2.database_id 
_database_2.database_code 
_database_2.pdbx_database_accession 
_database_2.pdbx_DOI 
PDB   3NV1         pdb_00003nv1 10.2210/pdb3nv1/pdb 
RCSB  RCSB060313   ?            ?                   
WWPDB D_1000060313 ?            ?                   
# 
loop_
_pdbx_database_related.db_name 
_pdbx_database_related.db_id 
_pdbx_database_related.details 
_pdbx_database_related.content_type 
PDB 3NV2 'The same protein with N-acetyllactosamine'         unspecified 
PDB 3NV3 'The same protein with biantennary oligosaccharide' unspecified 
PDB 3NV4 'The same protein with Sialyllactose'               unspecified 
# 
_pdbx_database_status.status_code                     REL 
_pdbx_database_status.entry_id                        3NV1 
_pdbx_database_status.recvd_initial_deposition_date   2010-07-07 
_pdbx_database_status.deposit_site                    RCSB 
_pdbx_database_status.process_site                    PDBJ 
_pdbx_database_status.status_code_sf                  REL 
_pdbx_database_status.status_code_mr                  ? 
_pdbx_database_status.SG_entry                        ? 
_pdbx_database_status.pdb_format_compatible           Y 
_pdbx_database_status.status_code_cs                  ? 
_pdbx_database_status.status_code_nmr_data            ? 
_pdbx_database_status.methods_development_category    ? 
# 
loop_
_audit_author.name 
_audit_author.pdbx_ordinal 
'Yoshida, H.'  1 
'Kamitori, S.' 2 
# 
_citation.id                        primary 
_citation.title                     
'X-ray structures of human galectin-9 C-terminal domain in complexes with a biantennary oligosaccharide and sialyllactose' 
_citation.journal_abbrev            J.Biol.Chem. 
_citation.journal_volume            285 
_citation.page_first                36969 
_citation.page_last                 36976 
_citation.year                      2010 
_citation.journal_id_ASTM           JBCHA3 
_citation.country                   US 
_citation.journal_id_ISSN           0021-9258 
_citation.journal_id_CSD            0071 
_citation.book_publisher            ? 
_citation.pdbx_database_id_PubMed   20861009 
_citation.pdbx_database_id_DOI      10.1074/jbc.M110.163402 
# 
loop_
_citation_author.citation_id 
_citation_author.name 
_citation_author.ordinal 
_citation_author.identifier_ORCID 
primary 'Yoshida, H.'   1 ? 
primary 'Teraoka, M.'   2 ? 
primary 'Nishi, N.'     3 ? 
primary 'Nakakita, S.'  4 ? 
primary 'Nakamura, T.'  5 ? 
primary 'Hirashima, M.' 6 ? 
primary 'Kamitori, S.'  7 ? 
# 
_cell.entry_id           3NV1 
_cell.length_a           70.585 
_cell.length_b           70.585 
_cell.length_c           50.136 
_cell.angle_alpha        90.00 
_cell.angle_beta         90.00 
_cell.angle_gamma        120.00 
_cell.Z_PDB              6 
_cell.pdbx_unique_axis   ? 
_cell.length_a_esd       ? 
_cell.length_b_esd       ? 
_cell.length_c_esd       ? 
_cell.angle_alpha_esd    ? 
_cell.angle_beta_esd     ? 
_cell.angle_gamma_esd    ? 
# 
_symmetry.entry_id                         3NV1 
_symmetry.space_group_name_H-M             'P 63' 
_symmetry.pdbx_full_space_group_name_H-M   ? 
_symmetry.cell_setting                     ? 
_symmetry.Int_Tables_number                173 
_symmetry.space_group_name_Hall            ? 
# 
loop_
_entity.id 
_entity.type 
_entity.src_method 
_entity.pdbx_description 
_entity.formula_weight 
_entity.pdbx_number_of_molecules 
_entity.pdbx_ec 
_entity.pdbx_mutation 
_entity.pdbx_fragment 
_entity.details 
1 polymer     man 'Galectin 9 short isoform variant' 15729.982 1   ? ? 
'C-terminal carbohydrate recognition domain, residues 186-323' ? 
2 non-polymer syn 'NICKEL (II) ION'                  58.693    1   ? ? ? ? 
3 water       nat water                              18.015    180 ? ? ? ? 
# 
_entity_name_com.entity_id   1 
_entity_name_com.name        Galectin-9 
# 
_entity_poly.entity_id                      1 
_entity_poly.type                           'polypeptide(L)' 
_entity_poly.nstd_linkage                   no 
_entity_poly.nstd_monomer                   no 
_entity_poly.pdbx_seq_one_letter_code       
;YPHPAYPMPFITTILGGLYPSKSILLSGTVLPSAQRFHINLCSGNHIAFHLNPRFDENAVVRNTQIDNSWGSEERSLPRK
MPFVRGQSFSVWILCEAHCLKVAVDGQHLFEYYHRLRNLPTINRLEVGGDIQLTHVQT
;
_entity_poly.pdbx_seq_one_letter_code_can   
;YPHPAYPMPFITTILGGLYPSKSILLSGTVLPSAQRFHINLCSGNHIAFHLNPRFDENAVVRNTQIDNSWGSEERSLPRK
MPFVRGQSFSVWILCEAHCLKVAVDGQHLFEYYHRLRNLPTINRLEVGGDIQLTHVQT
;
_entity_poly.pdbx_strand_id                 A 
_entity_poly.pdbx_target_identifier         ? 
# 
loop_
_entity_poly_seq.entity_id 
_entity_poly_seq.num 
_entity_poly_seq.mon_id 
_entity_poly_seq.hetero 
1 1   TYR n 
1 2   PRO n 
1 3   HIS n 
1 4   PRO n 
1 5   ALA n 
1 6   TYR n 
1 7   PRO n 
1 8   MET n 
1 9   PRO n 
1 10  PHE n 
1 11  ILE n 
1 12  THR n 
1 13  THR n 
1 14  ILE n 
1 15  LEU n 
1 16  GLY n 
1 17  GLY n 
1 18  LEU n 
1 19  TYR n 
1 20  PRO n 
1 21  SER n 
1 22  LYS n 
1 23  SER n 
1 24  ILE n 
1 25  LEU n 
1 26  LEU n 
1 27  SER n 
1 28  GLY n 
1 29  THR n 
1 30  VAL n 
1 31  LEU n 
1 32  PRO n 
1 33  SER n 
1 34  ALA n 
1 35  GLN n 
1 36  ARG n 
1 37  PHE n 
1 38  HIS n 
1 39  ILE n 
1 40  ASN n 
1 41  LEU n 
1 42  CYS n 
1 43  SER n 
1 44  GLY n 
1 45  ASN n 
1 46  HIS n 
1 47  ILE n 
1 48  ALA n 
1 49  PHE n 
1 50  HIS n 
1 51  LEU n 
1 52  ASN n 
1 53  PRO n 
1 54  ARG n 
1 55  PHE n 
1 56  ASP n 
1 57  GLU n 
1 58  ASN n 
1 59  ALA n 
1 60  VAL n 
1 61  VAL n 
1 62  ARG n 
1 63  ASN n 
1 64  THR n 
1 65  GLN n 
1 66  ILE n 
1 67  ASP n 
1 68  ASN n 
1 69  SER n 
1 70  TRP n 
1 71  GLY n 
1 72  SER n 
1 73  GLU n 
1 74  GLU n 
1 75  ARG n 
1 76  SER n 
1 77  LEU n 
1 78  PRO n 
1 79  ARG n 
1 80  LYS n 
1 81  MET n 
1 82  PRO n 
1 83  PHE n 
1 84  VAL n 
1 85  ARG n 
1 86  GLY n 
1 87  GLN n 
1 88  SER n 
1 89  PHE n 
1 90  SER n 
1 91  VAL n 
1 92  TRP n 
1 93  ILE n 
1 94  LEU n 
1 95  CYS n 
1 96  GLU n 
1 97  ALA n 
1 98  HIS n 
1 99  CYS n 
1 100 LEU n 
1 101 LYS n 
1 102 VAL n 
1 103 ALA n 
1 104 VAL n 
1 105 ASP n 
1 106 GLY n 
1 107 GLN n 
1 108 HIS n 
1 109 LEU n 
1 110 PHE n 
1 111 GLU n 
1 112 TYR n 
1 113 TYR n 
1 114 HIS n 
1 115 ARG n 
1 116 LEU n 
1 117 ARG n 
1 118 ASN n 
1 119 LEU n 
1 120 PRO n 
1 121 THR n 
1 122 ILE n 
1 123 ASN n 
1 124 ARG n 
1 125 LEU n 
1 126 GLU n 
1 127 VAL n 
1 128 GLY n 
1 129 GLY n 
1 130 ASP n 
1 131 ILE n 
1 132 GLN n 
1 133 LEU n 
1 134 THR n 
1 135 HIS n 
1 136 VAL n 
1 137 GLN n 
1 138 THR n 
# 
_entity_src_gen.entity_id                          1 
_entity_src_gen.pdbx_src_id                        1 
_entity_src_gen.pdbx_alt_source_flag               sample 
_entity_src_gen.pdbx_seq_type                      ? 
_entity_src_gen.pdbx_beg_seq_num                   ? 
_entity_src_gen.pdbx_end_seq_num                   ? 
_entity_src_gen.gene_src_common_name               human 
_entity_src_gen.gene_src_genus                     ? 
_entity_src_gen.pdbx_gene_src_gene                 ? 
_entity_src_gen.gene_src_species                   ? 
_entity_src_gen.gene_src_strain                    ? 
_entity_src_gen.gene_src_tissue                    ? 
_entity_src_gen.gene_src_tissue_fraction           ? 
_entity_src_gen.gene_src_details                   ? 
_entity_src_gen.pdbx_gene_src_fragment             ? 
_entity_src_gen.pdbx_gene_src_scientific_name      'Homo sapiens' 
_entity_src_gen.pdbx_gene_src_ncbi_taxonomy_id     9606 
_entity_src_gen.pdbx_gene_src_variant              ? 
_entity_src_gen.pdbx_gene_src_cell_line            ? 
_entity_src_gen.pdbx_gene_src_atcc                 ? 
_entity_src_gen.pdbx_gene_src_organ                ? 
_entity_src_gen.pdbx_gene_src_organelle            ? 
_entity_src_gen.pdbx_gene_src_cell                 ? 
_entity_src_gen.pdbx_gene_src_cellular_location    ? 
_entity_src_gen.host_org_common_name               ? 
_entity_src_gen.pdbx_host_org_scientific_name      'Escherichia coli' 
_entity_src_gen.pdbx_host_org_ncbi_taxonomy_id     469008 
_entity_src_gen.host_org_genus                     ? 
_entity_src_gen.pdbx_host_org_gene                 ? 
_entity_src_gen.pdbx_host_org_organ                ? 
_entity_src_gen.host_org_species                   ? 
_entity_src_gen.pdbx_host_org_tissue               ? 
_entity_src_gen.pdbx_host_org_tissue_fraction      ? 
_entity_src_gen.pdbx_host_org_strain               'BL21(DE3)' 
_entity_src_gen.pdbx_host_org_variant              ? 
_entity_src_gen.pdbx_host_org_cell_line            ? 
_entity_src_gen.pdbx_host_org_atcc                 ? 
_entity_src_gen.pdbx_host_org_culture_collection   ? 
_entity_src_gen.pdbx_host_org_cell                 ? 
_entity_src_gen.pdbx_host_org_organelle            ? 
_entity_src_gen.pdbx_host_org_cellular_location    ? 
_entity_src_gen.pdbx_host_org_vector_type          PLASMID 
_entity_src_gen.pdbx_host_org_vector               ? 
_entity_src_gen.host_org_details                   ? 
_entity_src_gen.expression_system_id               ? 
_entity_src_gen.plasmid_name                       pGEX-4T-2 
_entity_src_gen.plasmid_details                    ? 
_entity_src_gen.pdbx_description                   ? 
# 
_struct_ref.id                         1 
_struct_ref.db_name                    UNP 
_struct_ref.db_code                    Q53FQ0_HUMAN 
_struct_ref.pdbx_db_accession          Q53FQ0 
_struct_ref.entity_id                  1 
_struct_ref.pdbx_seq_one_letter_code   
;YPHPAYPMPFITTILGGLYPSKSILLSGTVLPSAQRFHINLCSGNHIAFHLNPRFDENAVVRNTQIDNSWGSEERSLPRK
MPFVRGQSFSVWILCEAHCLKVAVDGQHLFEYYHRLRNLPTINRLEVGGDIQLTHVQT
;
_struct_ref.pdbx_align_begin           186 
_struct_ref.pdbx_db_isoform            ? 
# 
_struct_ref_seq.align_id                      1 
_struct_ref_seq.ref_id                        1 
_struct_ref_seq.pdbx_PDB_id_code              3NV1 
_struct_ref_seq.pdbx_strand_id                A 
_struct_ref_seq.seq_align_beg                 1 
_struct_ref_seq.pdbx_seq_align_beg_ins_code   ? 
_struct_ref_seq.seq_align_end                 138 
_struct_ref_seq.pdbx_seq_align_end_ins_code   ? 
_struct_ref_seq.pdbx_db_accession             Q53FQ0 
_struct_ref_seq.db_align_beg                  186 
_struct_ref_seq.pdbx_db_align_beg_ins_code    ? 
_struct_ref_seq.db_align_end                  323 
_struct_ref_seq.pdbx_db_align_end_ins_code    ? 
_struct_ref_seq.pdbx_auth_seq_align_beg       186 
_struct_ref_seq.pdbx_auth_seq_align_end       323 
# 
loop_
_chem_comp.id 
_chem_comp.type 
_chem_comp.mon_nstd_flag 
_chem_comp.name 
_chem_comp.pdbx_synonyms 
_chem_comp.formula 
_chem_comp.formula_weight 
ALA 'L-peptide linking' y ALANINE           ? 'C3 H7 N O2'     89.093  
ARG 'L-peptide linking' y ARGININE          ? 'C6 H15 N4 O2 1' 175.209 
ASN 'L-peptide linking' y ASPARAGINE        ? 'C4 H8 N2 O3'    132.118 
ASP 'L-peptide linking' y 'ASPARTIC ACID'   ? 'C4 H7 N O4'     133.103 
CYS 'L-peptide linking' y CYSTEINE          ? 'C3 H7 N O2 S'   121.158 
GLN 'L-peptide linking' y GLUTAMINE         ? 'C5 H10 N2 O3'   146.144 
GLU 'L-peptide linking' y 'GLUTAMIC ACID'   ? 'C5 H9 N O4'     147.129 
GLY 'peptide linking'   y GLYCINE           ? 'C2 H5 N O2'     75.067  
HIS 'L-peptide linking' y HISTIDINE         ? 'C6 H10 N3 O2 1' 156.162 
HOH non-polymer         . WATER             ? 'H2 O'           18.015  
ILE 'L-peptide linking' y ISOLEUCINE        ? 'C6 H13 N O2'    131.173 
LEU 'L-peptide linking' y LEUCINE           ? 'C6 H13 N O2'    131.173 
LYS 'L-peptide linking' y LYSINE            ? 'C6 H15 N2 O2 1' 147.195 
MET 'L-peptide linking' y METHIONINE        ? 'C5 H11 N O2 S'  149.211 
NI  non-polymer         . 'NICKEL (II) ION' ? 'Ni 2'           58.693  
PHE 'L-peptide linking' y PHENYLALANINE     ? 'C9 H11 N O2'    165.189 
PRO 'L-peptide linking' y PROLINE           ? 'C5 H9 N O2'     115.130 
SER 'L-peptide linking' y SERINE            ? 'C3 H7 N O3'     105.093 
THR 'L-peptide linking' y THREONINE         ? 'C4 H9 N O3'     119.119 
TRP 'L-peptide linking' y TRYPTOPHAN        ? 'C11 H12 N2 O2'  204.225 
TYR 'L-peptide linking' y TYROSINE          ? 'C9 H11 N O3'    181.189 
VAL 'L-peptide linking' y VALINE            ? 'C5 H11 N O2'    117.146 
# 
_exptl.entry_id          3NV1 
_exptl.method            'X-RAY DIFFRACTION' 
_exptl.crystals_number   1 
# 
_exptl_crystal.id                    1 
_exptl_crystal.density_meas          ? 
_exptl_crystal.density_Matthews      2.29 
_exptl_crystal.density_percent_sol   46.34 
_exptl_crystal.description           ? 
_exptl_crystal.F_000                 ? 
_exptl_crystal.preparation           ? 
# 
_exptl_crystal_grow.crystal_id      1 
_exptl_crystal_grow.method          'VAPOR DIFFUSION, HANGING DROP' 
_exptl_crystal_grow.temp            293 
_exptl_crystal_grow.temp_details    ? 
_exptl_crystal_grow.pH              8.5 
_exptl_crystal_grow.pdbx_details    
'20% PEG MME 2000, 0.1M Tris pH 8.5, 0.01M nickel chloride hexahydrate, VAPOR DIFFUSION, HANGING DROP, temperature 293K' 
_exptl_crystal_grow.pdbx_pH_range   . 
# 
_diffrn.id                     1 
_diffrn.ambient_temp           100 
_diffrn.ambient_temp_details   ? 
_diffrn.crystal_id             1 
# 
_diffrn_detector.diffrn_id              1 
_diffrn_detector.detector               CCD 
_diffrn_detector.type                   'ADSC QUANTUM 210r' 
_diffrn_detector.pdbx_collection_date   2010-05-14 
_diffrn_detector.details                ? 
# 
_diffrn_radiation.diffrn_id                        1 
_diffrn_radiation.wavelength_id                    1 
_diffrn_radiation.pdbx_monochromatic_or_laue_m_l   M 
_diffrn_radiation.monochromator                    ? 
_diffrn_radiation.pdbx_diffrn_protocol             'SINGLE WAVELENGTH' 
_diffrn_radiation.pdbx_scattering_type             x-ray 
# 
_diffrn_radiation_wavelength.id           1 
_diffrn_radiation_wavelength.wavelength   1.0 
_diffrn_radiation_wavelength.wt           1.0 
# 
_diffrn_source.diffrn_id                   1 
_diffrn_source.source                      SYNCHROTRON 
_diffrn_source.type                        'PHOTON FACTORY BEAMLINE AR-NW12A' 
_diffrn_source.pdbx_synchrotron_site       'Photon Factory' 
_diffrn_source.pdbx_synchrotron_beamline   AR-NW12A 
_diffrn_source.pdbx_wavelength             ? 
_diffrn_source.pdbx_wavelength_list        1.0 
# 
_reflns.entry_id                     3NV1 
_reflns.observed_criterion_sigma_I   0.0 
_reflns.observed_criterion_sigma_F   0.0 
_reflns.d_resolution_low             50 
_reflns.d_resolution_high            1.5 
_reflns.number_obs                   22811 
_reflns.number_all                   ? 
_reflns.pdbx_number_measured_all     105029 
_reflns.percent_possible_obs         99.4 
_reflns.pdbx_Rmerge_I_obs            0.073 
_reflns.pdbx_Rsym_value              ? 
_reflns.pdbx_netI_over_sigmaI        10.3 
_reflns.B_iso_Wilson_estimate        16.6 
_reflns.pdbx_redundancy              4.6 
_reflns.R_free_details               ? 
_reflns.limit_h_max                  ? 
_reflns.limit_h_min                  ? 
_reflns.limit_k_max                  ? 
_reflns.limit_k_min                  ? 
_reflns.limit_l_max                  ? 
_reflns.limit_l_min                  ? 
_reflns.observed_criterion_F_max     ? 
_reflns.observed_criterion_F_min     ? 
_reflns.pdbx_chi_squared             ? 
_reflns.pdbx_scaling_rejects         ? 
_reflns.pdbx_diffrn_id               1 
_reflns.pdbx_ordinal                 1 
# 
_reflns_shell.d_res_high                  1.50 
_reflns_shell.d_res_low                   1.55 
_reflns_shell.percent_possible_all        99.5 
_reflns_shell.Rmerge_I_obs                0.397 
_reflns_shell.pdbx_Rsym_value             ? 
_reflns_shell.meanI_over_sigI_obs         3.96 
_reflns_shell.pdbx_redundancy             4.5 
_reflns_shell.percent_possible_obs        ? 
_reflns_shell.number_unique_all           ? 
_reflns_shell.number_measured_all         ? 
_reflns_shell.number_measured_obs         ? 
_reflns_shell.number_unique_obs           ? 
_reflns_shell.pdbx_chi_squared            ? 
_reflns_shell.pdbx_rejects                ? 
_reflns_shell.pdbx_netI_over_sigmaI_obs   ? 
_reflns_shell.number_possible             ? 
_reflns_shell.Rmerge_F_all                ? 
_reflns_shell.Rmerge_F_obs                ? 
_reflns_shell.Rmerge_I_all                ? 
_reflns_shell.meanI_over_sigI_all         ? 
_reflns_shell.pdbx_Rrim_I_all             ? 
_reflns_shell.pdbx_Rpim_I_all             ? 
_reflns_shell.pdbx_diffrn_id              ? 
_reflns_shell.pdbx_ordinal                1 
# 
_refine.entry_id                                 3NV1 
_refine.ls_number_reflns_obs                     21979 
_refine.ls_number_reflns_all                     21979 
_refine.pdbx_ls_sigma_I                          ? 
_refine.pdbx_ls_sigma_F                          0.0 
_refine.pdbx_data_cutoff_high_absF               83684.67 
_refine.pdbx_data_cutoff_low_absF                0.000000 
_refine.pdbx_data_cutoff_high_rms_absF           ? 
_refine.ls_d_res_low                             26.10 
_refine.ls_d_res_high                            1.50 
_refine.ls_percent_reflns_obs                    96.0 
_refine.ls_R_factor_obs                          0.181 
_refine.ls_R_factor_all                          0.184 
_refine.ls_R_factor_R_work                       0.181 
_refine.ls_R_factor_R_free                       0.205 
_refine.ls_R_factor_R_free_error                 0.004 
_refine.ls_R_factor_R_free_error_details         ? 
_refine.ls_percent_reflns_R_free                 9.9 
_refine.ls_number_reflns_R_free                  2184 
_refine.ls_number_parameters                     ? 
_refine.ls_number_restraints                     ? 
_refine.occupancy_min                            ? 
_refine.occupancy_max                            ? 
_refine.correlation_coeff_Fo_to_Fc               ? 
_refine.correlation_coeff_Fo_to_Fc_free          ? 
_refine.B_iso_mean                               17.4 
_refine.aniso_B[1][1]                            0.72 
_refine.aniso_B[2][2]                            0.72 
_refine.aniso_B[3][3]                            -1.44 
_refine.aniso_B[1][2]                            1.21 
_refine.aniso_B[1][3]                            0.00 
_refine.aniso_B[2][3]                            0.00 
_refine.solvent_model_details                    'FLAT MODEL' 
_refine.solvent_model_param_ksol                 0.377788 
_refine.solvent_model_param_bsol                 68.6762 
_refine.pdbx_solvent_vdw_probe_radii             ? 
_refine.pdbx_solvent_ion_probe_radii             ? 
_refine.pdbx_solvent_shrinkage_radii             ? 
_refine.pdbx_ls_cross_valid_method               THROUGHOUT 
_refine.details                                  ? 
_refine.pdbx_starting_model                      'PDB entry 3KOE' 
_refine.pdbx_method_to_determine_struct          'MOLECULAR REPLACEMENT' 
_refine.pdbx_isotropic_thermal_model             RESTRAINED 
_refine.pdbx_stereochemistry_target_values       'Engh & Huber' 
_refine.pdbx_stereochem_target_val_spec_case     ? 
_refine.pdbx_R_Free_selection_details            RANDOM 
_refine.pdbx_overall_ESU_R_Free                  ? 
_refine.overall_SU_ML                            ? 
_refine.overall_SU_B                             ? 
_refine.overall_SU_R_Cruickshank_DPI             ? 
_refine.ls_redundancy_reflns_obs                 ? 
_refine.B_iso_min                                ? 
_refine.B_iso_max                                ? 
_refine.overall_SU_R_free                        ? 
_refine.ls_wR_factor_R_free                      ? 
_refine.ls_wR_factor_R_work                      ? 
_refine.overall_FOM_free_R_set                   ? 
_refine.overall_FOM_work_R_set                   ? 
_refine.pdbx_refine_id                           'X-RAY DIFFRACTION' 
_refine.pdbx_overall_phase_error                 ? 
_refine.pdbx_overall_ESU_R                       ? 
_refine.pdbx_diffrn_id                           1 
_refine.pdbx_TLS_residual_ADP_flag               ? 
_refine.pdbx_overall_SU_R_free_Cruickshank_DPI   ? 
_refine.pdbx_overall_SU_R_Blow_DPI               ? 
_refine.pdbx_overall_SU_R_free_Blow_DPI          ? 
# 
_refine_analyze.entry_id                        3NV1 
_refine_analyze.Luzzati_coordinate_error_obs    0.15 
_refine_analyze.Luzzati_sigma_a_obs             0.11 
_refine_analyze.Luzzati_d_res_low_obs           5.00 
_refine_analyze.Luzzati_coordinate_error_free   0.18 
_refine_analyze.Luzzati_sigma_a_free            0.16 
_refine_analyze.Luzzati_d_res_low_free          ? 
_refine_analyze.number_disordered_residues      ? 
_refine_analyze.occupancy_sum_hydrogen          ? 
_refine_analyze.occupancy_sum_non_hydrogen      ? 
_refine_analyze.pdbx_Luzzati_d_res_high_obs     ? 
_refine_analyze.pdbx_refine_id                  'X-RAY DIFFRACTION' 
# 
_refine_hist.pdbx_refine_id                   'X-RAY DIFFRACTION' 
_refine_hist.cycle_id                         LAST 
_refine_hist.pdbx_number_atoms_protein        1091 
_refine_hist.pdbx_number_atoms_nucleic_acid   0 
_refine_hist.pdbx_number_atoms_ligand         1 
_refine_hist.number_atoms_solvent             180 
_refine_hist.number_atoms_total               1272 
_refine_hist.d_res_high                       1.50 
_refine_hist.d_res_low                        26.10 
# 
loop_
_refine_ls_restr.type 
_refine_ls_restr.dev_ideal 
_refine_ls_restr.dev_ideal_target 
_refine_ls_restr.weight 
_refine_ls_restr.number 
_refine_ls_restr.pdbx_refine_id 
_refine_ls_restr.pdbx_restraint_function 
c_bond_d           0.005 ? ? ? 'X-RAY DIFFRACTION' ? 
c_angle_deg        1.5   ? ? ? 'X-RAY DIFFRACTION' ? 
c_dihedral_angle_d 27.0  ? ? ? 'X-RAY DIFFRACTION' ? 
c_improper_angle_d 0.88  ? ? ? 'X-RAY DIFFRACTION' ? 
# 
_refine_ls_shell.pdbx_refine_id                   'X-RAY DIFFRACTION' 
_refine_ls_shell.pdbx_total_number_of_bins_used   6 
_refine_ls_shell.d_res_high                       1.50 
_refine_ls_shell.d_res_low                        1.59 
_refine_ls_shell.number_reflns_R_work             3094 
_refine_ls_shell.R_factor_R_work                  0.217 
_refine_ls_shell.percent_reflns_obs               90.9 
_refine_ls_shell.R_factor_R_free                  0.259 
_refine_ls_shell.R_factor_R_free_error            0.014 
_refine_ls_shell.percent_reflns_R_free            10.1 
_refine_ls_shell.number_reflns_R_free             347 
_refine_ls_shell.number_reflns_all                ? 
_refine_ls_shell.R_factor_all                     ? 
_refine_ls_shell.number_reflns_obs                3094 
_refine_ls_shell.redundancy_reflns_obs            ? 
# 
loop_
_pdbx_xplor_file.pdbx_refine_id 
_pdbx_xplor_file.serial_no 
_pdbx_xplor_file.param_file 
_pdbx_xplor_file.topol_file 
'X-RAY DIFFRACTION' 1 protein_rep.param  protein.top      
'X-RAY DIFFRACTION' 2 carbohydrate.param carbohydrate.top 
'X-RAY DIFFRACTION' 3 ion.param          ion.top          
'X-RAY DIFFRACTION' 4 water_rep.param    water.top        
# 
_struct.entry_id                  3NV1 
_struct.title                     'Crystal structure of human galectin-9 C-terminal CRD' 
_struct.pdbx_model_details        ? 
_struct.pdbx_CASP_flag            ? 
_struct.pdbx_model_type_details   ? 
# 
_struct_keywords.entry_id        3NV1 
_struct_keywords.pdbx_keywords   'SUGAR BINDING PROTEIN' 
_struct_keywords.text            'Sugar Binding, Sugar Binding Protein' 
# 
loop_
_struct_asym.id 
_struct_asym.pdbx_blank_PDB_chainid_flag 
_struct_asym.pdbx_modified 
_struct_asym.entity_id 
_struct_asym.details 
A N N 1 ? 
B N N 2 ? 
C N N 3 ? 
# 
_struct_biol.id        1 
_struct_biol.details   'AUTHOR STATES THAT THE BIOLOGICAL ASSEMBLY IS UNKNOWN.' 
# 
_struct_conf.conf_type_id            HELX_P 
_struct_conf.id                      HELX_P1 
_struct_conf.pdbx_PDB_helix_id       1 
_struct_conf.beg_label_comp_id       ASN 
_struct_conf.beg_label_asym_id       A 
_struct_conf.beg_label_seq_id        118 
_struct_conf.pdbx_beg_PDB_ins_code   ? 
_struct_conf.end_label_comp_id       ILE 
_struct_conf.end_label_asym_id       A 
_struct_conf.end_label_seq_id        122 
_struct_conf.pdbx_end_PDB_ins_code   ? 
_struct_conf.beg_auth_comp_id        ASN 
_struct_conf.beg_auth_asym_id        A 
_struct_conf.beg_auth_seq_id         303 
_struct_conf.end_auth_comp_id        ILE 
_struct_conf.end_auth_asym_id        A 
_struct_conf.end_auth_seq_id         307 
_struct_conf.pdbx_PDB_helix_class    5 
_struct_conf.details                 ? 
_struct_conf.pdbx_PDB_helix_length   5 
# 
_struct_conf_type.id          HELX_P 
_struct_conf_type.criteria    ? 
_struct_conf_type.reference   ? 
# 
loop_
_struct_conn.id 
_struct_conn.conn_type_id 
_struct_conn.pdbx_leaving_atom_flag 
_struct_conn.pdbx_PDB_id 
_struct_conn.ptnr1_label_asym_id 
_struct_conn.ptnr1_label_comp_id 
_struct_conn.ptnr1_label_seq_id 
_struct_conn.ptnr1_label_atom_id 
_struct_conn.pdbx_ptnr1_label_alt_id 
_struct_conn.pdbx_ptnr1_PDB_ins_code 
_struct_conn.pdbx_ptnr1_standard_comp_id 
_struct_conn.ptnr1_symmetry 
_struct_conn.ptnr2_label_asym_id 
_struct_conn.ptnr2_label_comp_id 
_struct_conn.ptnr2_label_seq_id 
_struct_conn.ptnr2_label_atom_id 
_struct_conn.pdbx_ptnr2_label_alt_id 
_struct_conn.pdbx_ptnr2_PDB_ins_code 
_struct_conn.ptnr1_auth_asym_id 
_struct_conn.ptnr1_auth_comp_id 
_struct_conn.ptnr1_auth_seq_id 
_struct_conn.ptnr2_auth_asym_id 
_struct_conn.ptnr2_auth_comp_id 
_struct_conn.ptnr2_auth_seq_id 
_struct_conn.ptnr2_symmetry 
_struct_conn.pdbx_ptnr3_label_atom_id 
_struct_conn.pdbx_ptnr3_label_seq_id 
_struct_conn.pdbx_ptnr3_label_comp_id 
_struct_conn.pdbx_ptnr3_label_asym_id 
_struct_conn.pdbx_ptnr3_label_alt_id 
_struct_conn.pdbx_ptnr3_PDB_ins_code 
_struct_conn.details 
_struct_conn.pdbx_dist_value 
_struct_conn.pdbx_value_order 
_struct_conn.pdbx_role 
metalc1 metalc ? ? C HOH .   O   ? ? ? 1_555 B NI . NI ? ? A HOH 2   A NI 401 1_555 ? ? ? ? ? ? ? 2.133 ? ? 
metalc2 metalc ? ? A HIS 135 NE2 ? ? ? 1_555 B NI . NI ? ? A HIS 320 A NI 401 1_555 ? ? ? ? ? ? ? 2.109 ? ? 
# 
_struct_conn_type.id          metalc 
_struct_conn_type.criteria    ? 
_struct_conn_type.reference   ? 
# 
_struct_mon_prot_cis.pdbx_id                1 
_struct_mon_prot_cis.label_comp_id          MET 
_struct_mon_prot_cis.label_seq_id           8 
_struct_mon_prot_cis.label_asym_id          A 
_struct_mon_prot_cis.label_alt_id           . 
_struct_mon_prot_cis.pdbx_PDB_ins_code      ? 
_struct_mon_prot_cis.auth_comp_id           MET 
_struct_mon_prot_cis.auth_seq_id            193 
_struct_mon_prot_cis.auth_asym_id           A 
_struct_mon_prot_cis.pdbx_label_comp_id_2   PRO 
_struct_mon_prot_cis.pdbx_label_seq_id_2    9 
_struct_mon_prot_cis.pdbx_label_asym_id_2   A 
_struct_mon_prot_cis.pdbx_PDB_ins_code_2    ? 
_struct_mon_prot_cis.pdbx_auth_comp_id_2    PRO 
_struct_mon_prot_cis.pdbx_auth_seq_id_2     194 
_struct_mon_prot_cis.pdbx_auth_asym_id_2    A 
_struct_mon_prot_cis.pdbx_PDB_model_num     1 
_struct_mon_prot_cis.pdbx_omega_angle       0.04 
# 
loop_
_struct_sheet.id 
_struct_sheet.type 
_struct_sheet.number_strands 
_struct_sheet.details 
A ? 6 ? 
B ? 5 ? 
# 
loop_
_struct_sheet_order.sheet_id 
_struct_sheet_order.range_id_1 
_struct_sheet_order.range_id_2 
_struct_sheet_order.offset 
_struct_sheet_order.sense 
A 1 2 ? anti-parallel 
A 2 3 ? anti-parallel 
A 3 4 ? anti-parallel 
A 4 5 ? anti-parallel 
A 5 6 ? anti-parallel 
B 1 2 ? anti-parallel 
B 2 3 ? anti-parallel 
B 3 4 ? anti-parallel 
B 4 5 ? anti-parallel 
# 
loop_
_struct_sheet_range.sheet_id 
_struct_sheet_range.id 
_struct_sheet_range.beg_label_comp_id 
_struct_sheet_range.beg_label_asym_id 
_struct_sheet_range.beg_label_seq_id 
_struct_sheet_range.pdbx_beg_PDB_ins_code 
_struct_sheet_range.end_label_comp_id 
_struct_sheet_range.end_label_asym_id 
_struct_sheet_range.end_label_seq_id 
_struct_sheet_range.pdbx_end_PDB_ins_code 
_struct_sheet_range.beg_auth_comp_id 
_struct_sheet_range.beg_auth_asym_id 
_struct_sheet_range.beg_auth_seq_id 
_struct_sheet_range.end_auth_comp_id 
_struct_sheet_range.end_auth_asym_id 
_struct_sheet_range.end_auth_seq_id 
A 1 PHE A 10  ? THR A 13  ? PHE A 195 THR A 198 
A 2 ARG A 124 ? GLY A 129 ? ARG A 309 GLY A 314 
A 3 PHE A 37  ? SER A 43  ? PHE A 222 SER A 228 
A 4 HIS A 46  ? ARG A 54  ? HIS A 231 ARG A 239 
A 5 ALA A 59  ? ILE A 66  ? ALA A 244 ILE A 251 
A 6 SER A 69  ? TRP A 70  ? SER A 254 TRP A 255 
B 1 GLN A 107 ? TYR A 113 ? GLN A 292 TYR A 298 
B 2 CYS A 99  ? VAL A 104 ? CYS A 284 VAL A 289 
B 3 SER A 88  ? CYS A 95  ? SER A 273 CYS A 280 
B 4 SER A 23  ? VAL A 30  ? SER A 208 VAL A 215 
B 5 ILE A 131 ? GLN A 137 ? ILE A 316 GLN A 322 
# 
loop_
_pdbx_struct_sheet_hbond.sheet_id 
_pdbx_struct_sheet_hbond.range_id_1 
_pdbx_struct_sheet_hbond.range_id_2 
_pdbx_struct_sheet_hbond.range_1_label_atom_id 
_pdbx_struct_sheet_hbond.range_1_label_comp_id 
_pdbx_struct_sheet_hbond.range_1_label_asym_id 
_pdbx_struct_sheet_hbond.range_1_label_seq_id 
_pdbx_struct_sheet_hbond.range_1_PDB_ins_code 
_pdbx_struct_sheet_hbond.range_1_auth_atom_id 
_pdbx_struct_sheet_hbond.range_1_auth_comp_id 
_pdbx_struct_sheet_hbond.range_1_auth_asym_id 
_pdbx_struct_sheet_hbond.range_1_auth_seq_id 
_pdbx_struct_sheet_hbond.range_2_label_atom_id 
_pdbx_struct_sheet_hbond.range_2_label_comp_id 
_pdbx_struct_sheet_hbond.range_2_label_asym_id 
_pdbx_struct_sheet_hbond.range_2_label_seq_id 
_pdbx_struct_sheet_hbond.range_2_PDB_ins_code 
_pdbx_struct_sheet_hbond.range_2_auth_atom_id 
_pdbx_struct_sheet_hbond.range_2_auth_comp_id 
_pdbx_struct_sheet_hbond.range_2_auth_asym_id 
_pdbx_struct_sheet_hbond.range_2_auth_seq_id 
A 1 2 N THR A 12  ? N THR A 197 O LEU A 125 ? O LEU A 310 
A 2 3 O GLU A 126 ? O GLU A 311 N ASN A 40  ? N ASN A 225 
A 3 4 N ILE A 39  ? N ILE A 224 O LEU A 51  ? O LEU A 236 
A 4 5 N ARG A 54  ? N ARG A 239 O ALA A 59  ? O ALA A 244 
A 5 6 N ILE A 66  ? N ILE A 251 O SER A 69  ? O SER A 254 
B 1 2 O LEU A 109 ? O LEU A 294 N VAL A 102 ? N VAL A 287 
B 2 3 O LYS A 101 ? O LYS A 286 N LEU A 94  ? N LEU A 279 
B 3 4 O PHE A 89  ? O PHE A 274 N GLY A 28  ? N GLY A 213 
B 4 5 N LEU A 25  ? N LEU A 210 O GLN A 137 ? O GLN A 322 
# 
_struct_site.id                   AC1 
_struct_site.pdbx_evidence_code   Software 
_struct_site.pdbx_auth_asym_id    A 
_struct_site.pdbx_auth_comp_id    NI 
_struct_site.pdbx_auth_seq_id     401 
_struct_site.pdbx_auth_ins_code   ? 
_struct_site.pdbx_num_residues    6 
_struct_site.details              'BINDING SITE FOR RESIDUE NI A 401' 
# 
loop_
_struct_site_gen.id 
_struct_site_gen.site_id 
_struct_site_gen.pdbx_num_res 
_struct_site_gen.label_comp_id 
_struct_site_gen.label_asym_id 
_struct_site_gen.label_seq_id 
_struct_site_gen.pdbx_auth_ins_code 
_struct_site_gen.auth_comp_id 
_struct_site_gen.auth_asym_id 
_struct_site_gen.auth_seq_id 
_struct_site_gen.label_atom_id 
_struct_site_gen.label_alt_id 
_struct_site_gen.symmetry 
_struct_site_gen.details 
1 AC1 6 HOH C .   ? HOH A 2   . ? 2_665 ? 
2 AC1 6 HOH C .   ? HOH A 2   . ? 3_565 ? 
3 AC1 6 HOH C .   ? HOH A 2   . ? 1_555 ? 
4 AC1 6 HIS A 135 ? HIS A 320 . ? 1_555 ? 
5 AC1 6 HIS A 135 ? HIS A 320 . ? 3_565 ? 
6 AC1 6 HIS A 135 ? HIS A 320 . ? 2_665 ? 
# 
_atom_sites.entry_id                    3NV1 
_atom_sites.fract_transf_matrix[1][1]   0.01368919 
_atom_sites.fract_transf_matrix[1][2]   -0.00814862 
_atom_sites.fract_transf_matrix[1][3]   0.00371786 
_atom_sites.fract_transf_matrix[2][1]   0.00022350 
_atom_sites.fract_transf_matrix[2][2]   -0.01021894 
_atom_sites.fract_transf_matrix[2][3]   0.01277264 
_atom_sites.fract_transf_matrix[3][1]   -0.00568769 
_atom_sites.fract_transf_matrix[3][2]   -0.01497651 
_atom_sites.fract_transf_matrix[3][3]   -0.01188265 
_atom_sites.fract_transf_vector[1]      0.603249 
_atom_sites.fract_transf_vector[2]      0.731052 
_atom_sites.fract_transf_vector[3]      0.492702 
# 
loop_
_atom_type.symbol 
C  
N  
NI 
O  
S  
# 
loop_
_atom_site.group_PDB 
_atom_site.id 
_atom_site.type_symbol 
_atom_site.label_atom_id 
_atom_site.label_alt_id 
_atom_site.label_comp_id 
_atom_site.label_asym_id 
_atom_site.label_entity_id 
_atom_site.label_seq_id 
_atom_site.pdbx_PDB_ins_code 
_atom_site.Cartn_x 
_atom_site.Cartn_y 
_atom_site.Cartn_z 
_atom_site.occupancy 
_atom_site.B_iso_or_equiv 
_atom_site.pdbx_formal_charge 
_atom_site.auth_seq_id 
_atom_site.auth_comp_id 
_atom_site.auth_asym_id 
_atom_site.auth_atom_id 
_atom_site.pdbx_PDB_model_num 
ATOM   1    N  N   . HIS A 1 3   ? -13.783 13.587  11.845  1.00 46.76 ? 188 HIS A N   1 
ATOM   2    C  CA  . HIS A 1 3   ? -13.668 12.271  11.154  1.00 46.35 ? 188 HIS A CA  1 
ATOM   3    C  C   . HIS A 1 3   ? -12.998 11.212  12.028  1.00 44.87 ? 188 HIS A C   1 
ATOM   4    O  O   . HIS A 1 3   ? -11.790 11.249  12.257  1.00 45.42 ? 188 HIS A O   1 
ATOM   5    C  CB  . HIS A 1 3   ? -12.890 12.433  9.841   1.00 47.88 ? 188 HIS A CB  1 
ATOM   6    C  CG  . HIS A 1 3   ? -11.649 13.263  9.969   1.00 49.59 ? 188 HIS A CG  1 
ATOM   7    N  ND1 . HIS A 1 3   ? -10.589 12.903  10.772  1.00 50.26 ? 188 HIS A ND1 1 
ATOM   8    C  CD2 . HIS A 1 3   ? -11.302 14.439  9.393   1.00 50.07 ? 188 HIS A CD2 1 
ATOM   9    C  CE1 . HIS A 1 3   ? -9.642  13.820  10.686  1.00 50.45 ? 188 HIS A CE1 1 
ATOM   10   N  NE2 . HIS A 1 3   ? -10.049 14.763  9.856   1.00 50.37 ? 188 HIS A NE2 1 
ATOM   11   N  N   . PRO A 1 4   ? -13.786 10.250  12.534  1.00 43.18 ? 189 PRO A N   1 
ATOM   12   C  CA  . PRO A 1 4   ? -13.258 9.181   13.385  1.00 40.98 ? 189 PRO A CA  1 
ATOM   13   C  C   . PRO A 1 4   ? -12.370 8.223   12.597  1.00 38.66 ? 189 PRO A C   1 
ATOM   14   O  O   . PRO A 1 4   ? -12.308 8.284   11.368  1.00 38.93 ? 189 PRO A O   1 
ATOM   15   C  CB  . PRO A 1 4   ? -14.522 8.510   13.910  1.00 41.57 ? 189 PRO A CB  1 
ATOM   16   C  CG  . PRO A 1 4   ? -15.456 8.649   12.763  1.00 42.30 ? 189 PRO A CG  1 
ATOM   17   C  CD  . PRO A 1 4   ? -15.236 10.084  12.330  1.00 42.70 ? 189 PRO A CD  1 
ATOM   18   N  N   . ALA A 1 5   ? -11.694 7.331   13.310  1.00 35.06 ? 190 ALA A N   1 
ATOM   19   C  CA  . ALA A 1 5   ? -10.797 6.382   12.673  1.00 31.27 ? 190 ALA A CA  1 
ATOM   20   C  C   . ALA A 1 5   ? -11.458 5.069   12.270  1.00 28.01 ? 190 ALA A C   1 
ATOM   21   O  O   . ALA A 1 5   ? -12.405 4.604   12.903  1.00 28.34 ? 190 ALA A O   1 
ATOM   22   C  CB  . ALA A 1 5   ? -9.614  6.101   13.588  1.00 32.37 ? 190 ALA A CB  1 
ATOM   23   N  N   . TYR A 1 6   ? -10.945 4.489   11.193  1.00 22.70 ? 191 TYR A N   1 
ATOM   24   C  CA  . TYR A 1 6   ? -11.423 3.211   10.681  1.00 17.60 ? 191 TYR A CA  1 
ATOM   25   C  C   . TYR A 1 6   ? -10.934 2.132   11.634  1.00 16.33 ? 191 TYR A C   1 
ATOM   26   O  O   . TYR A 1 6   ? -10.035 2.370   12.440  1.00 16.59 ? 191 TYR A O   1 
ATOM   27   C  CB  . TYR A 1 6   ? -10.782 2.916   9.324   1.00 14.87 ? 191 TYR A CB  1 
ATOM   28   C  CG  . TYR A 1 6   ? -11.439 3.519   8.109   1.00 12.45 ? 191 TYR A CG  1 
ATOM   29   C  CD1 . TYR A 1 6   ? -11.691 2.730   6.992   1.00 11.68 ? 191 TYR A CD1 1 
ATOM   30   C  CD2 . TYR A 1 6   ? -11.765 4.874   8.049   1.00 14.36 ? 191 TYR A CD2 1 
ATOM   31   C  CE1 . TYR A 1 6   ? -12.248 3.263   5.839   1.00 12.21 ? 191 TYR A CE1 1 
ATOM   32   C  CE2 . TYR A 1 6   ? -12.327 5.423   6.889   1.00 13.88 ? 191 TYR A CE2 1 
ATOM   33   C  CZ  . TYR A 1 6   ? -12.564 4.608   5.793   1.00 13.68 ? 191 TYR A CZ  1 
ATOM   34   O  OH  . TYR A 1 6   ? -13.120 5.122   4.642   1.00 15.73 ? 191 TYR A OH  1 
ATOM   35   N  N   . PRO A 1 7   ? -11.527 0.933   11.571  1.00 14.42 ? 192 PRO A N   1 
ATOM   36   C  CA  . PRO A 1 7   ? -11.034 -0.105  12.472  1.00 14.94 ? 192 PRO A CA  1 
ATOM   37   C  C   . PRO A 1 7   ? -9.668  -0.532  11.926  1.00 16.29 ? 192 PRO A C   1 
ATOM   38   O  O   . PRO A 1 7   ? -9.394  -0.370  10.737  1.00 16.60 ? 192 PRO A O   1 
ATOM   39   C  CB  . PRO A 1 7   ? -12.087 -1.208  12.346  1.00 16.28 ? 192 PRO A CB  1 
ATOM   40   C  CG  . PRO A 1 7   ? -12.643 -1.005  10.964  1.00 16.83 ? 192 PRO A CG  1 
ATOM   41   C  CD  . PRO A 1 7   ? -12.746 0.497   10.872  1.00 14.10 ? 192 PRO A CD  1 
ATOM   42   N  N   . MET A 1 8   ? -8.808  -1.042  12.797  1.00 16.00 ? 193 MET A N   1 
ATOM   43   C  CA  . MET A 1 8   ? -7.482  -1.489  12.388  1.00 16.12 ? 193 MET A CA  1 
ATOM   44   C  C   . MET A 1 8   ? -7.201  -2.846  13.007  1.00 15.53 ? 193 MET A C   1 
ATOM   45   O  O   . MET A 1 8   ? -7.295  -3.008  14.222  1.00 16.93 ? 193 MET A O   1 
ATOM   46   C  CB  . MET A 1 8   ? -6.416  -0.487  12.834  1.00 16.12 ? 193 MET A CB  1 
ATOM   47   C  CG  . MET A 1 8   ? -6.299  0.736   11.943  1.00 16.48 ? 193 MET A CG  1 
ATOM   48   S  SD  . MET A 1 8   ? -5.737  0.331   10.273  1.00 17.91 ? 193 MET A SD  1 
ATOM   49   C  CE  . MET A 1 8   ? -4.050  -0.098  10.607  1.00 14.21 ? 193 MET A CE  1 
ATOM   50   N  N   . PRO A 1 9   ? -6.846  -3.840  12.180  1.00 14.40 ? 194 PRO A N   1 
ATOM   51   C  CA  . PRO A 1 9   ? -6.702  -3.741  10.723  1.00 12.78 ? 194 PRO A CA  1 
ATOM   52   C  C   . PRO A 1 9   ? -8.015  -3.505  9.985   1.00 12.66 ? 194 PRO A C   1 
ATOM   53   O  O   . PRO A 1 9   ? -9.093  -3.812  10.493  1.00 14.67 ? 194 PRO A O   1 
ATOM   54   C  CB  . PRO A 1 9   ? -6.074  -5.083  10.356  1.00 13.53 ? 194 PRO A CB  1 
ATOM   55   C  CG  . PRO A 1 9   ? -6.706  -6.010  11.361  1.00 13.90 ? 194 PRO A CG  1 
ATOM   56   C  CD  . PRO A 1 9   ? -6.589  -5.216  12.637  1.00 13.95 ? 194 PRO A CD  1 
ATOM   57   N  N   . PHE A 1 10  ? -7.918  -2.941  8.785   1.00 13.34 ? 195 PHE A N   1 
ATOM   58   C  CA  . PHE A 1 10  ? -9.096  -2.696  7.968   1.00 12.42 ? 195 PHE A CA  1 
ATOM   59   C  C   . PHE A 1 10  ? -9.020  -3.563  6.720   1.00 13.10 ? 195 PHE A C   1 
ATOM   60   O  O   . PHE A 1 10  ? -8.025  -3.535  5.990   1.00 10.98 ? 195 PHE A O   1 
ATOM   61   C  CB  . PHE A 1 10  ? -9.200  -1.227  7.552   1.00 13.02 ? 195 PHE A CB  1 
ATOM   62   C  CG  . PHE A 1 10  ? -10.383 -0.938  6.666   1.00 13.16 ? 195 PHE A CG  1 
ATOM   63   C  CD1 . PHE A 1 10  ? -11.681 -1.150  7.127   1.00 14.63 ? 195 PHE A CD1 1 
ATOM   64   C  CD2 . PHE A 1 10  ? -10.200 -0.501  5.356   1.00 14.05 ? 195 PHE A CD2 1 
ATOM   65   C  CE1 . PHE A 1 10  ? -12.784 -0.932  6.290   1.00 15.62 ? 195 PHE A CE1 1 
ATOM   66   C  CE2 . PHE A 1 10  ? -11.296 -0.282  4.513   1.00 16.42 ? 195 PHE A CE2 1 
ATOM   67   C  CZ  . PHE A 1 10  ? -12.589 -0.500  4.986   1.00 15.97 ? 195 PHE A CZ  1 
ATOM   68   N  N   . ILE A 1 11  ? -10.078 -4.327  6.477   1.00 13.47 ? 196 ILE A N   1 
ATOM   69   C  CA  . ILE A 1 11  ? -10.137 -5.209  5.324   1.00 14.94 ? 196 ILE A CA  1 
ATOM   70   C  C   . ILE A 1 11  ? -11.412 -4.948  4.543   1.00 15.60 ? 196 ILE A C   1 
ATOM   71   O  O   . ILE A 1 11  ? -12.497 -4.841  5.119   1.00 15.02 ? 196 ILE A O   1 
ATOM   72   C  CB  . ILE A 1 11  ? -10.097 -6.686  5.764   1.00 17.43 ? 196 ILE A CB  1 
ATOM   73   C  CG1 . ILE A 1 11  ? -8.826  -6.942  6.577   1.00 18.64 ? 196 ILE A CG1 1 
ATOM   74   C  CG2 . ILE A 1 11  ? -10.139 -7.600  4.543   1.00 20.45 ? 196 ILE A CG2 1 
ATOM   75   C  CD1 . ILE A 1 11  ? -8.735  -8.341  7.168   1.00 21.47 ? 196 ILE A CD1 1 
ATOM   76   N  N   . THR A 1 12  ? -11.278 -4.826  3.228   1.00 14.52 ? 197 THR A N   1 
ATOM   77   C  CA  . THR A 1 12  ? -12.439 -4.583  2.387   1.00 15.51 ? 197 THR A CA  1 
ATOM   78   C  C   . THR A 1 12  ? -12.243 -5.116  0.980   1.00 16.07 ? 197 THR A C   1 
ATOM   79   O  O   . THR A 1 12  ? -11.136 -5.101  0.441   1.00 15.23 ? 197 THR A O   1 
ATOM   80   C  CB  . THR A 1 12  ? -12.771 -3.080  2.292   1.00 16.37 ? 197 THR A CB  1 
ATOM   81   O  OG1 . THR A 1 12  ? -13.981 -2.911  1.541   1.00 20.78 ? 197 THR A OG1 1 
ATOM   82   C  CG2 . THR A 1 12  ? -11.648 -2.323  1.592   1.00 18.67 ? 197 THR A CG2 1 
ATOM   83   N  N   . THR A 1 13  ? -13.327 -5.596  0.395   1.00 15.97 ? 198 THR A N   1 
ATOM   84   C  CA  . THR A 1 13  ? -13.288 -6.113  -0.962  1.00 16.70 ? 198 THR A CA  1 
ATOM   85   C  C   . THR A 1 13  ? -13.242 -4.940  -1.938  1.00 17.15 ? 198 THR A C   1 
ATOM   86   O  O   . THR A 1 13  ? -13.850 -3.895  -1.699  1.00 18.81 ? 198 THR A O   1 
ATOM   87   C  CB  . THR A 1 13  ? -14.543 -6.959  -1.270  1.00 17.53 ? 198 THR A CB  1 
ATOM   88   O  OG1 . THR A 1 13  ? -14.531 -8.148  -0.472  1.00 21.23 ? 198 THR A OG1 1 
ATOM   89   C  CG2 . THR A 1 13  ? -14.582 -7.343  -2.741  1.00 19.76 ? 198 THR A CG2 1 
ATOM   90   N  N   . ILE A 1 14  ? -12.491 -5.110  -3.021  1.00 16.39 ? 199 ILE A N   1 
ATOM   91   C  CA  . ILE A 1 14  ? -12.395 -4.101  -4.067  1.00 17.60 ? 199 ILE A CA  1 
ATOM   92   C  C   . ILE A 1 14  ? -13.180 -4.737  -5.205  1.00 16.52 ? 199 ILE A C   1 
ATOM   93   O  O   . ILE A 1 14  ? -12.624 -5.480  -6.012  1.00 16.64 ? 199 ILE A O   1 
ATOM   94   C  CB  . ILE A 1 14  ? -10.933 -3.878  -4.519  1.00 17.85 ? 199 ILE A CB  1 
ATOM   95   C  CG1 . ILE A 1 14  ? -10.062 -3.511  -3.315  1.00 18.84 ? 199 ILE A CG1 1 
ATOM   96   C  CG2 . ILE A 1 14  ? -10.871 -2.774  -5.577  1.00 17.36 ? 199 ILE A CG2 1 
ATOM   97   C  CD1 . ILE A 1 14  ? -10.501 -2.261  -2.592  1.00 22.07 ? 199 ILE A CD1 1 
ATOM   98   N  N   . LEU A 1 15  ? -14.482 -4.472  -5.250  1.00 17.97 ? 200 LEU A N   1 
ATOM   99   C  CA  . LEU A 1 15  ? -15.332 -5.052  -6.281  1.00 19.13 ? 200 LEU A CA  1 
ATOM   100  C  C   . LEU A 1 15  ? -14.851 -4.719  -7.682  1.00 18.86 ? 200 LEU A C   1 
ATOM   101  O  O   . LEU A 1 15  ? -14.639 -3.554  -8.019  1.00 19.77 ? 200 LEU A O   1 
ATOM   102  C  CB  . LEU A 1 15  ? -16.781 -4.587  -6.111  1.00 21.78 ? 200 LEU A CB  1 
ATOM   103  C  CG  . LEU A 1 15  ? -17.584 -5.283  -5.011  1.00 23.96 ? 200 LEU A CG  1 
ATOM   104  C  CD1 . LEU A 1 15  ? -19.008 -4.738  -4.999  1.00 25.23 ? 200 LEU A CD1 1 
ATOM   105  C  CD2 . LEU A 1 15  ? -17.595 -6.789  -5.257  1.00 23.62 ? 200 LEU A CD2 1 
ATOM   106  N  N   . GLY A 1 16  ? -14.682 -5.756  -8.493  1.00 19.82 ? 201 GLY A N   1 
ATOM   107  C  CA  . GLY A 1 16  ? -14.219 -5.564  -9.853  1.00 21.27 ? 201 GLY A CA  1 
ATOM   108  C  C   . GLY A 1 16  ? -12.715 -5.705  -9.935  1.00 21.74 ? 201 GLY A C   1 
ATOM   109  O  O   . GLY A 1 16  ? -12.149 -5.789  -11.023 1.00 22.76 ? 201 GLY A O   1 
ATOM   110  N  N   . GLY A 1 17  ? -12.062 -5.730  -8.777  1.00 20.96 ? 202 GLY A N   1 
ATOM   111  C  CA  . GLY A 1 17  ? -10.618 -5.863  -8.748  1.00 18.58 ? 202 GLY A CA  1 
ATOM   112  C  C   . GLY A 1 17  ? -9.915  -4.676  -9.380  1.00 17.35 ? 202 GLY A C   1 
ATOM   113  O  O   . GLY A 1 17  ? -10.471 -3.578  -9.459  1.00 17.15 ? 202 GLY A O   1 
ATOM   114  N  N   . LEU A 1 18  ? -8.688  -4.895  -9.838  1.00 14.74 ? 203 LEU A N   1 
ATOM   115  C  CA  . LEU A 1 18  ? -7.917  -3.829  -10.459 1.00 14.61 ? 203 LEU A CA  1 
ATOM   116  C  C   . LEU A 1 18  ? -7.954  -3.891  -11.979 1.00 14.63 ? 203 LEU A C   1 
ATOM   117  O  O   . LEU A 1 18  ? -8.300  -4.915  -12.568 1.00 15.49 ? 203 LEU A O   1 
ATOM   118  C  CB  . LEU A 1 18  ? -6.461  -3.883  -9.987  1.00 13.65 ? 203 LEU A CB  1 
ATOM   119  C  CG  . LEU A 1 18  ? -6.198  -3.764  -8.482  1.00 15.42 ? 203 LEU A CG  1 
ATOM   120  C  CD1 . LEU A 1 18  ? -4.697  -3.812  -8.231  1.00 16.19 ? 203 LEU A CD1 1 
ATOM   121  C  CD2 . LEU A 1 18  ? -6.780  -2.470  -7.952  1.00 14.80 ? 203 LEU A CD2 1 
ATOM   122  N  N   . TYR A 1 19  ? -7.596  -2.767  -12.594 1.00 14.91 ? 204 TYR A N   1 
ATOM   123  C  CA  . TYR A 1 19  ? -7.540  -2.614  -14.044 1.00 15.21 ? 204 TYR A CA  1 
ATOM   124  C  C   . TYR A 1 19  ? -6.893  -1.260  -14.313 1.00 15.30 ? 204 TYR A C   1 
ATOM   125  O  O   . TYR A 1 19  ? -6.843  -0.406  -13.428 1.00 13.72 ? 204 TYR A O   1 
ATOM   126  C  CB  . TYR A 1 19  ? -8.949  -2.672  -14.649 1.00 15.20 ? 204 TYR A CB  1 
ATOM   127  C  CG  . TYR A 1 19  ? -9.944  -1.745  -13.997 1.00 15.57 ? 204 TYR A CG  1 
ATOM   128  C  CD1 . TYR A 1 19  ? -9.997  -0.392  -14.331 1.00 16.18 ? 204 TYR A CD1 1 
ATOM   129  C  CD2 . TYR A 1 19  ? -10.823 -2.218  -13.024 1.00 17.25 ? 204 TYR A CD2 1 
ATOM   130  C  CE1 . TYR A 1 19  ? -10.900 0.467   -13.710 1.00 19.25 ? 204 TYR A CE1 1 
ATOM   131  C  CE2 . TYR A 1 19  ? -11.725 -1.372  -12.399 1.00 19.07 ? 204 TYR A CE2 1 
ATOM   132  C  CZ  . TYR A 1 19  ? -11.758 -0.031  -12.745 1.00 19.05 ? 204 TYR A CZ  1 
ATOM   133  O  OH  . TYR A 1 19  ? -12.648 0.807   -12.114 1.00 23.02 ? 204 TYR A OH  1 
ATOM   134  N  N   . PRO A 1 20  ? -6.375  -1.047  -15.530 1.00 15.29 ? 205 PRO A N   1 
ATOM   135  C  CA  . PRO A 1 20  ? -5.743  0.237   -15.834 1.00 15.48 ? 205 PRO A CA  1 
ATOM   136  C  C   . PRO A 1 20  ? -6.680  1.411   -15.550 1.00 15.08 ? 205 PRO A C   1 
ATOM   137  O  O   . PRO A 1 20  ? -7.851  1.394   -15.942 1.00 17.36 ? 205 PRO A O   1 
ATOM   138  C  CB  . PRO A 1 20  ? -5.385  0.100   -17.311 1.00 15.82 ? 205 PRO A CB  1 
ATOM   139  C  CG  . PRO A 1 20  ? -5.102  -1.374  -17.439 1.00 16.29 ? 205 PRO A CG  1 
ATOM   140  C  CD  . PRO A 1 20  ? -6.254  -1.973  -16.669 1.00 16.04 ? 205 PRO A CD  1 
ATOM   141  N  N   . SER A 1 21  ? -6.136  2.419   -14.874 1.00 15.66 ? 206 SER A N   1 
ATOM   142  C  CA  . SER A 1 21  ? -6.839  3.639   -14.465 1.00 15.73 ? 206 SER A CA  1 
ATOM   143  C  C   . SER A 1 21  ? -7.537  3.513   -13.107 1.00 15.42 ? 206 SER A C   1 
ATOM   144  O  O   . SER A 1 21  ? -8.077  4.493   -12.595 1.00 17.43 ? 206 SER A O   1 
ATOM   145  C  CB  . SER A 1 21  ? -7.866  4.084   -15.519 1.00 17.30 ? 206 SER A CB  1 
ATOM   146  O  OG  . SER A 1 21  ? -9.135  3.484   -15.306 1.00 19.37 ? 206 SER A OG  1 
ATOM   147  N  N   . LYS A 1 22  ? -7.521  2.318   -12.522 1.00 14.96 ? 207 LYS A N   1 
ATOM   148  C  CA  . LYS A 1 22  ? -8.138  2.101   -11.214 1.00 14.73 ? 207 LYS A CA  1 
ATOM   149  C  C   . LYS A 1 22  ? -7.267  2.743   -10.134 1.00 15.29 ? 207 LYS A C   1 
ATOM   150  O  O   . LYS A 1 22  ? -6.054  2.529   -10.096 1.00 14.82 ? 207 LYS A O   1 
ATOM   151  C  CB  . LYS A 1 22  ? -8.272  0.599   -10.938 1.00 17.02 ? 207 LYS A CB  1 
ATOM   152  C  CG  . LYS A 1 22  ? -8.798  0.244   -9.553  1.00 18.54 ? 207 LYS A CG  1 
ATOM   153  C  CD  . LYS A 1 22  ? -10.249 0.650   -9.381  1.00 20.20 ? 207 LYS A CD  1 
ATOM   154  C  CE  . LYS A 1 22  ? -10.777 0.244   -8.012  1.00 21.02 ? 207 LYS A CE  1 
ATOM   155  N  NZ  . LYS A 1 22  ? -12.234 0.520   -7.890  1.00 23.78 ? 207 LYS A NZ  1 
ATOM   156  N  N   . SER A 1 23  ? -7.884  3.536   -9.263  1.00 13.78 ? 208 SER A N   1 
ATOM   157  C  CA  . SER A 1 23  ? -7.158  4.197   -8.184  1.00 14.75 ? 208 SER A CA  1 
ATOM   158  C  C   . SER A 1 23  ? -7.633  3.739   -6.815  1.00 13.20 ? 208 SER A C   1 
ATOM   159  O  O   . SER A 1 23  ? -8.821  3.495   -6.605  1.00 14.63 ? 208 SER A O   1 
ATOM   160  C  CB  . SER A 1 23  ? -7.331  5.722   -8.257  1.00 16.57 ? 208 SER A CB  1 
ATOM   161  O  OG  . SER A 1 23  ? -6.664  6.286   -9.372  1.00 21.69 ? 208 SER A OG  1 
ATOM   162  N  N   . ILE A 1 24  ? -6.689  3.610   -5.890  1.00 12.29 ? 209 ILE A N   1 
ATOM   163  C  CA  . ILE A 1 24  ? -6.995  3.254   -4.511  1.00 11.35 ? 209 ILE A CA  1 
ATOM   164  C  C   . ILE A 1 24  ? -6.314  4.355   -3.712  1.00 11.33 ? 209 ILE A C   1 
ATOM   165  O  O   . ILE A 1 24  ? -5.100  4.538   -3.822  1.00 10.64 ? 209 ILE A O   1 
ATOM   166  C  CB  . ILE A 1 24  ? -6.395  1.890   -4.101  1.00 14.27 ? 209 ILE A CB  1 
ATOM   167  C  CG1 . ILE A 1 24  ? -6.945  0.776   -5.000  1.00 16.58 ? 209 ILE A CG1 1 
ATOM   168  C  CG2 . ILE A 1 24  ? -6.722  1.604   -2.632  1.00 15.31 ? 209 ILE A CG2 1 
ATOM   169  C  CD1 . ILE A 1 24  ? -8.456  0.643   -4.983  1.00 21.32 ? 209 ILE A CD1 1 
ATOM   170  N  N   . LEU A 1 25  ? -7.089  5.100   -2.929  1.00 10.19 ? 210 LEU A N   1 
ATOM   171  C  CA  . LEU A 1 25  ? -6.542  6.201   -2.145  1.00 9.19  ? 210 LEU A CA  1 
ATOM   172  C  C   . LEU A 1 25  ? -6.703  5.939   -0.658  1.00 10.15 ? 210 LEU A C   1 
ATOM   173  O  O   . LEU A 1 25  ? -7.724  5.410   -0.220  1.00 9.99  ? 210 LEU A O   1 
ATOM   174  C  CB  . LEU A 1 25  ? -7.261  7.509   -2.486  1.00 11.07 ? 210 LEU A CB  1 
ATOM   175  C  CG  . LEU A 1 25  ? -7.617  7.778   -3.953  1.00 10.87 ? 210 LEU A CG  1 
ATOM   176  C  CD1 . LEU A 1 25  ? -8.395  9.090   -4.035  1.00 13.98 ? 210 LEU A CD1 1 
ATOM   177  C  CD2 . LEU A 1 25  ? -6.363  7.842   -4.805  1.00 12.97 ? 210 LEU A CD2 1 
ATOM   178  N  N   . LEU A 1 26  ? -5.691  6.308   0.117   1.00 9.77  ? 211 LEU A N   1 
ATOM   179  C  CA  . LEU A 1 26  ? -5.746  6.130   1.562   1.00 10.44 ? 211 LEU A CA  1 
ATOM   180  C  C   . LEU A 1 26  ? -5.193  7.366   2.246   1.00 10.86 ? 211 LEU A C   1 
ATOM   181  O  O   . LEU A 1 26  ? -4.214  7.953   1.790   1.00 13.14 ? 211 LEU A O   1 
ATOM   182  C  CB  . LEU A 1 26  ? -4.928  4.911   2.003   1.00 12.06 ? 211 LEU A CB  1 
ATOM   183  C  CG  . LEU A 1 26  ? -5.319  3.541   1.454   1.00 11.75 ? 211 LEU A CG  1 
ATOM   184  C  CD1 . LEU A 1 26  ? -4.586  3.293   0.139   1.00 13.98 ? 211 LEU A CD1 1 
ATOM   185  C  CD2 . LEU A 1 26  ? -4.958  2.460   2.471   1.00 13.85 ? 211 LEU A CD2 1 
ATOM   186  N  N   . SER A 1 27  ? -5.830  7.768   3.339   1.00 10.73 ? 212 SER A N   1 
ATOM   187  C  CA  . SER A 1 27  ? -5.374  8.920   4.099   1.00 12.92 ? 212 SER A CA  1 
ATOM   188  C  C   . SER A 1 27  ? -5.325  8.492   5.556   1.00 10.70 ? 212 SER A C   1 
ATOM   189  O  O   . SER A 1 27  ? -6.094  7.632   5.982   1.00 11.82 ? 212 SER A O   1 
ATOM   190  C  CB  . SER A 1 27  ? -6.342  10.094  3.937   1.00 16.33 ? 212 SER A CB  1 
ATOM   191  O  OG  . SER A 1 27  ? -7.571  9.834   4.583   1.00 25.85 ? 212 SER A OG  1 
ATOM   192  N  N   . GLY A 1 28  ? -4.413  9.080   6.317   1.00 11.44 ? 213 GLY A N   1 
ATOM   193  C  CA  . GLY A 1 28  ? -4.312  8.727   7.718   1.00 12.92 ? 213 GLY A CA  1 
ATOM   194  C  C   . GLY A 1 28  ? -3.186  9.470   8.394   1.00 12.63 ? 213 GLY A C   1 
ATOM   195  O  O   . GLY A 1 28  ? -2.644  10.430  7.852   1.00 13.41 ? 213 GLY A O   1 
ATOM   196  N  N   . THR A 1 29  ? -2.831  9.018   9.589   1.00 12.04 ? 214 THR A N   1 
ATOM   197  C  CA  . THR A 1 29  ? -1.763  9.643   10.346  1.00 12.65 ? 214 THR A CA  1 
ATOM   198  C  C   . THR A 1 29  ? -0.870  8.559   10.920  1.00 11.19 ? 214 THR A C   1 
ATOM   199  O  O   . THR A 1 29  ? -1.358  7.569   11.471  1.00 11.46 ? 214 THR A O   1 
ATOM   200  C  CB  . THR A 1 29  ? -2.330  10.481  11.509  1.00 12.77 ? 214 THR A CB  1 
ATOM   201  O  OG1 . THR A 1 29  ? -3.233  11.464  10.991  1.00 16.77 ? 214 THR A OG1 1 
ATOM   202  C  CG2 . THR A 1 29  ? -1.210  11.175  12.267  1.00 14.29 ? 214 THR A CG2 1 
ATOM   203  N  N   . VAL A 1 30  ? 0.438   8.736   10.773  1.00 11.90 ? 215 VAL A N   1 
ATOM   204  C  CA  . VAL A 1 30  ? 1.381   7.776   11.320  1.00 11.46 ? 215 VAL A CA  1 
ATOM   205  C  C   . VAL A 1 30  ? 1.412   8.021   12.824  1.00 11.40 ? 215 VAL A C   1 
ATOM   206  O  O   . VAL A 1 30  ? 1.507   9.165   13.269  1.00 11.70 ? 215 VAL A O   1 
ATOM   207  C  CB  . VAL A 1 30  ? 2.795   7.986   10.750  1.00 11.41 ? 215 VAL A CB  1 
ATOM   208  C  CG1 . VAL A 1 30  ? 3.756   6.979   11.366  1.00 10.03 ? 215 VAL A CG1 1 
ATOM   209  C  CG2 . VAL A 1 30  ? 2.769   7.842   9.231   1.00 11.93 ? 215 VAL A CG2 1 
ATOM   210  N  N   . LEU A 1 31  ? 1.310   6.957   13.608  1.00 10.74 ? 216 LEU A N   1 
ATOM   211  C  CA  . LEU A 1 31  ? 1.320   7.112   15.060  1.00 11.41 ? 216 LEU A CA  1 
ATOM   212  C  C   . LEU A 1 31  ? 2.652   7.712   15.525  1.00 12.68 ? 216 LEU A C   1 
ATOM   213  O  O   . LEU A 1 31  ? 3.681   7.541   14.873  1.00 12.70 ? 216 LEU A O   1 
ATOM   214  C  CB  . LEU A 1 31  ? 1.031   5.768   15.731  1.00 11.15 ? 216 LEU A CB  1 
ATOM   215  C  CG  . LEU A 1 31  ? -0.361  5.222   15.380  1.00 13.23 ? 216 LEU A CG  1 
ATOM   216  C  CD1 . LEU A 1 31  ? -0.595  3.894   16.078  1.00 16.30 ? 216 LEU A CD1 1 
ATOM   217  C  CD2 . LEU A 1 31  ? -1.425  6.237   15.784  1.00 14.48 ? 216 LEU A CD2 1 
ATOM   218  N  N   . PRO A 1 32  ? 2.646   8.429   16.662  1.00 12.99 ? 217 PRO A N   1 
ATOM   219  C  CA  . PRO A 1 32  ? 3.839   9.075   17.219  1.00 13.06 ? 217 PRO A CA  1 
ATOM   220  C  C   . PRO A 1 32  ? 5.119   8.256   17.297  1.00 11.22 ? 217 PRO A C   1 
ATOM   221  O  O   . PRO A 1 32  ? 6.208   8.784   17.078  1.00 11.95 ? 217 PRO A O   1 
ATOM   222  C  CB  . PRO A 1 32  ? 3.370   9.530   18.601  1.00 12.59 ? 217 PRO A CB  1 
ATOM   223  C  CG  . PRO A 1 32  ? 1.925   9.798   18.387  1.00 14.06 ? 217 PRO A CG  1 
ATOM   224  C  CD  . PRO A 1 32  ? 1.499   8.601   17.572  1.00 13.22 ? 217 PRO A CD  1 
ATOM   225  N  N   . SER A 1 33  ? 4.989   6.974   17.614  1.00 11.80 ? 218 SER A N   1 
ATOM   226  C  CA  . SER A 1 33  ? 6.149   6.106   17.742  1.00 12.47 ? 218 SER A CA  1 
ATOM   227  C  C   . SER A 1 33  ? 5.967   4.845   16.921  1.00 13.07 ? 218 SER A C   1 
ATOM   228  O  O   . SER A 1 33  ? 6.351   3.748   17.331  1.00 14.45 ? 218 SER A O   1 
ATOM   229  C  CB  . SER A 1 33  ? 6.360   5.754   19.215  1.00 12.79 ? 218 SER A CB  1 
ATOM   230  O  OG  . SER A 1 33  ? 6.489   6.940   19.981  1.00 14.73 ? 218 SER A OG  1 
ATOM   231  N  N   . ALA A 1 34  ? 5.377   5.015   15.746  1.00 11.63 ? 219 ALA A N   1 
ATOM   232  C  CA  . ALA A 1 34  ? 5.126   3.902   14.850  1.00 12.77 ? 219 ALA A CA  1 
ATOM   233  C  C   . ALA A 1 34  ? 6.398   3.149   14.498  1.00 11.86 ? 219 ALA A C   1 
ATOM   234  O  O   . ALA A 1 34  ? 7.467   3.743   14.340  1.00 12.49 ? 219 ALA A O   1 
ATOM   235  C  CB  . ALA A 1 34  ? 4.466   4.410   13.576  1.00 11.02 ? 219 ALA A CB  1 
ATOM   236  N  N   . GLN A 1 35  ? 6.274   1.832   14.383  1.00 11.74 ? 220 GLN A N   1 
ATOM   237  C  CA  . GLN A 1 35  ? 7.397   0.994   13.993  1.00 13.35 ? 220 GLN A CA  1 
ATOM   238  C  C   . GLN A 1 35  ? 7.229   0.708   12.506  1.00 12.02 ? 220 GLN A C   1 
ATOM   239  O  O   . GLN A 1 35  ? 8.147   0.910   11.718  1.00 13.52 ? 220 GLN A O   1 
ATOM   240  C  CB  . GLN A 1 35  ? 7.397   -0.323  14.777  1.00 14.62 ? 220 GLN A CB  1 
ATOM   241  C  CG  . GLN A 1 35  ? 7.907   -0.218  16.212  1.00 20.61 ? 220 GLN A CG  1 
ATOM   242  C  CD  . GLN A 1 35  ? 9.389   0.108   16.289  1.00 23.60 ? 220 GLN A CD  1 
ATOM   243  O  OE1 . GLN A 1 35  ? 9.781   1.270   16.417  1.00 25.01 ? 220 GLN A OE1 1 
ATOM   244  N  NE2 . GLN A 1 35  ? 10.222  -0.921  16.201  1.00 26.44 ? 220 GLN A NE2 1 
ATOM   245  N  N   . ARG A 1 36  ? 6.037   0.257   12.129  1.00 12.22 ? 221 ARG A N   1 
ATOM   246  C  CA  . ARG A 1 36  ? 5.747   -0.058  10.734  1.00 12.50 ? 221 ARG A CA  1 
ATOM   247  C  C   . ARG A 1 36  ? 4.249   -0.128  10.496  1.00 12.35 ? 221 ARG A C   1 
ATOM   248  O  O   . ARG A 1 36  ? 3.458   -0.208  11.431  1.00 11.71 ? 221 ARG A O   1 
ATOM   249  C  CB  . ARG A 1 36  ? 6.328   -1.427  10.349  1.00 13.66 ? 221 ARG A CB  1 
ATOM   250  C  CG  . ARG A 1 36  ? 7.820   -1.606  10.536  1.00 16.65 ? 221 ARG A CG  1 
ATOM   251  C  CD  . ARG A 1 36  ? 8.249   -3.017  10.150  1.00 18.38 ? 221 ARG A CD  1 
ATOM   252  N  NE  . ARG A 1 36  ? 9.671   -3.234  10.406  1.00 20.21 ? 221 ARG A NE  1 
ATOM   253  C  CZ  . ARG A 1 36  ? 10.322  -4.355  10.114  1.00 22.68 ? 221 ARG A CZ  1 
ATOM   254  N  NH1 . ARG A 1 36  ? 9.685   -5.372  9.549   1.00 22.67 ? 221 ARG A NH1 1 
ATOM   255  N  NH2 . ARG A 1 36  ? 11.616  -4.456  10.388  1.00 23.53 ? 221 ARG A NH2 1 
ATOM   256  N  N   . PHE A 1 37  ? 3.865   -0.085  9.227   1.00 10.43 ? 222 PHE A N   1 
ATOM   257  C  CA  . PHE A 1 37  ? 2.469   -0.245  8.857   1.00 9.82  ? 222 PHE A CA  1 
ATOM   258  C  C   . PHE A 1 37  ? 2.481   -0.780  7.438   1.00 7.90  ? 222 PHE A C   1 
ATOM   259  O  O   . PHE A 1 37  ? 3.515   -0.742  6.767   1.00 8.16  ? 222 PHE A O   1 
ATOM   260  C  CB  . PHE A 1 37  ? 1.664   1.069   9.022   1.00 10.01 ? 222 PHE A CB  1 
ATOM   261  C  CG  . PHE A 1 37  ? 1.742   2.037   7.866   1.00 10.88 ? 222 PHE A CG  1 
ATOM   262  C  CD1 . PHE A 1 37  ? 0.837   1.958   6.807   1.00 11.97 ? 222 PHE A CD1 1 
ATOM   263  C  CD2 . PHE A 1 37  ? 2.646   3.097   7.893   1.00 11.39 ? 222 PHE A CD2 1 
ATOM   264  C  CE1 . PHE A 1 37  ? 0.826   2.927   5.800   1.00 11.64 ? 222 PHE A CE1 1 
ATOM   265  C  CE2 . PHE A 1 37  ? 2.643   4.069   6.890   1.00 13.06 ? 222 PHE A CE2 1 
ATOM   266  C  CZ  . PHE A 1 37  ? 1.733   3.986   5.844   1.00 12.42 ? 222 PHE A CZ  1 
ATOM   267  N  N   . HIS A 1 38  ? 1.362   -1.338  6.996   1.00 9.08  ? 223 HIS A N   1 
ATOM   268  C  CA  . HIS A 1 38  ? 1.310   -1.886  5.649   1.00 9.02  ? 223 HIS A CA  1 
ATOM   269  C  C   . HIS A 1 38  ? -0.039  -1.752  4.972   1.00 9.37  ? 223 HIS A C   1 
ATOM   270  O  O   . HIS A 1 38  ? -1.086  -1.647  5.612   1.00 9.42  ? 223 HIS A O   1 
ATOM   271  C  CB  . HIS A 1 38  ? 1.715   -3.370  5.642   1.00 11.10 ? 223 HIS A CB  1 
ATOM   272  C  CG  . HIS A 1 38  ? 0.760   -4.268  6.368   1.00 11.15 ? 223 HIS A CG  1 
ATOM   273  N  ND1 . HIS A 1 38  ? 0.852   -4.518  7.720   1.00 14.06 ? 223 HIS A ND1 1 
ATOM   274  C  CD2 . HIS A 1 38  ? -0.317  -4.962  5.931   1.00 14.98 ? 223 HIS A CD2 1 
ATOM   275  C  CE1 . HIS A 1 38  ? -0.127  -5.326  8.085   1.00 15.02 ? 223 HIS A CE1 1 
ATOM   276  N  NE2 . HIS A 1 38  ? -0.851  -5.611  7.018   1.00 16.11 ? 223 HIS A NE2 1 
ATOM   277  N  N   . ILE A 1 39  ? 0.015   -1.755  3.650   1.00 8.75  ? 224 ILE A N   1 
ATOM   278  C  CA  . ILE A 1 39  ? -1.160  -1.681  2.807   1.00 8.70  ? 224 ILE A CA  1 
ATOM   279  C  C   . ILE A 1 39  ? -0.987  -2.839  1.833   1.00 9.51  ? 224 ILE A C   1 
ATOM   280  O  O   . ILE A 1 39  ? -0.003  -2.887  1.095   1.00 8.52  ? 224 ILE A O   1 
ATOM   281  C  CB  . ILE A 1 39  ? -1.206  -0.348  2.035   1.00 9.65  ? 224 ILE A CB  1 
ATOM   282  C  CG1 . ILE A 1 39  ? -1.354  0.814   3.021   1.00 9.29  ? 224 ILE A CG1 1 
ATOM   283  C  CG2 . ILE A 1 39  ? -2.351  -0.366  1.034   1.00 10.24 ? 224 ILE A CG2 1 
ATOM   284  C  CD1 . ILE A 1 39  ? -1.137  2.187   2.400   1.00 9.38  ? 224 ILE A CD1 1 
ATOM   285  N  N   . ASN A 1 40  ? -1.913  -3.794  1.863   1.00 9.11  ? 225 ASN A N   1 
ATOM   286  C  CA  . ASN A 1 40  ? -1.839  -4.944  0.965   1.00 9.09  ? 225 ASN A CA  1 
ATOM   287  C  C   . ASN A 1 40  ? -2.984  -4.993  -0.029  1.00 9.74  ? 225 ASN A C   1 
ATOM   288  O  O   . ASN A 1 40  ? -4.130  -4.696  0.312   1.00 10.95 ? 225 ASN A O   1 
ATOM   289  C  CB  . ASN A 1 40  ? -1.875  -6.277  1.731   1.00 9.86  ? 225 ASN A CB  1 
ATOM   290  C  CG  . ASN A 1 40  ? -0.702  -6.460  2.671   1.00 10.86 ? 225 ASN A CG  1 
ATOM   291  O  OD1 . ASN A 1 40  ? 0.374   -5.909  2.462   1.00 12.65 ? 225 ASN A OD1 1 
ATOM   292  N  ND2 . ASN A 1 40  ? -0.906  -7.268  3.711   1.00 14.02 ? 225 ASN A ND2 1 
ATOM   293  N  N   . LEU A 1 41  ? -2.658  -5.369  -1.260  1.00 9.10  ? 226 LEU A N   1 
ATOM   294  C  CA  . LEU A 1 41  ? -3.655  -5.564  -2.309  1.00 9.00  ? 226 LEU A CA  1 
ATOM   295  C  C   . LEU A 1 41  ? -3.564  -7.075  -2.485  1.00 9.98  ? 226 LEU A C   1 
ATOM   296  O  O   . LEU A 1 41  ? -2.516  -7.604  -2.884  1.00 9.59  ? 226 LEU A O   1 
ATOM   297  C  CB  . LEU A 1 41  ? -3.268  -4.830  -3.593  1.00 9.81  ? 226 LEU A CB  1 
ATOM   298  C  CG  . LEU A 1 41  ? -3.188  -3.307  -3.458  1.00 10.12 ? 226 LEU A CG  1 
ATOM   299  C  CD1 . LEU A 1 41  ? -2.893  -2.694  -4.812  1.00 10.50 ? 226 LEU A CD1 1 
ATOM   300  C  CD2 . LEU A 1 41  ? -4.496  -2.768  -2.902  1.00 13.38 ? 226 LEU A CD2 1 
ATOM   301  N  N   . CYS A 1 42  ? -4.654  -7.766  -2.165  1.00 9.56  ? 227 CYS A N   1 
ATOM   302  C  CA  . CYS A 1 42  ? -4.677  -9.220  -2.204  1.00 11.12 ? 227 CYS A CA  1 
ATOM   303  C  C   . CYS A 1 42  ? -5.501  -9.875  -3.291  1.00 11.30 ? 227 CYS A C   1 
ATOM   304  O  O   . CYS A 1 42  ? -6.463  -9.306  -3.797  1.00 10.90 ? 227 CYS A O   1 
ATOM   305  C  CB  . CYS A 1 42  ? -5.175  -9.747  -0.857  1.00 12.48 ? 227 CYS A CB  1 
ATOM   306  S  SG  . CYS A 1 42  ? -4.342  -9.035  0.572   1.00 16.03 ? 227 CYS A SG  1 
ATOM   307  N  N   . SER A 1 43  ? -5.105  -11.102 -3.619  1.00 12.25 ? 228 SER A N   1 
ATOM   308  C  CA  . SER A 1 43  ? -5.791  -11.923 -4.605  1.00 14.42 ? 228 SER A CA  1 
ATOM   309  C  C   . SER A 1 43  ? -5.917  -13.302 -3.963  1.00 13.53 ? 228 SER A C   1 
ATOM   310  O  O   . SER A 1 43  ? -4.943  -14.049 -3.883  1.00 13.87 ? 228 SER A O   1 
ATOM   311  C  CB  . SER A 1 43  ? -4.976  -12.012 -5.896  1.00 15.91 ? 228 SER A CB  1 
ATOM   312  O  OG  . SER A 1 43  ? -5.619  -12.857 -6.836  1.00 18.34 ? 228 SER A OG  1 
ATOM   313  N  N   . GLY A 1 44  ? -7.113  -13.625 -3.485  1.00 14.52 ? 229 GLY A N   1 
ATOM   314  C  CA  . GLY A 1 44  ? -7.313  -14.909 -2.840  1.00 15.48 ? 229 GLY A CA  1 
ATOM   315  C  C   . GLY A 1 44  ? -6.447  -14.999 -1.599  1.00 14.83 ? 229 GLY A C   1 
ATOM   316  O  O   . GLY A 1 44  ? -6.551  -14.165 -0.700  1.00 15.96 ? 229 GLY A O   1 
ATOM   317  N  N   . ASN A 1 45  ? -5.576  -15.999 -1.551  1.00 13.99 ? 230 ASN A N   1 
ATOM   318  C  CA  . ASN A 1 45  ? -4.704  -16.172 -0.399  1.00 14.35 ? 230 ASN A CA  1 
ATOM   319  C  C   . ASN A 1 45  ? -3.290  -15.661 -0.676  1.00 14.42 ? 230 ASN A C   1 
ATOM   320  O  O   . ASN A 1 45  ? -2.334  -16.053 -0.007  1.00 15.83 ? 230 ASN A O   1 
ATOM   321  C  CB  . ASN A 1 45  ? -4.672  -17.648 0.006   1.00 14.98 ? 230 ASN A CB  1 
ATOM   322  C  CG  . ASN A 1 45  ? -4.025  -17.868 1.357   1.00 14.41 ? 230 ASN A CG  1 
ATOM   323  O  OD1 . ASN A 1 45  ? -4.303  -17.143 2.314   1.00 16.74 ? 230 ASN A OD1 1 
ATOM   324  N  ND2 . ASN A 1 45  ? -3.168  -18.877 1.448   1.00 16.93 ? 230 ASN A ND2 1 
ATOM   325  N  N   . HIS A 1 46  ? -3.165  -14.776 -1.661  1.00 13.32 ? 231 HIS A N   1 
ATOM   326  C  CA  . HIS A 1 46  ? -1.869  -14.207 -2.024  1.00 12.64 ? 231 HIS A CA  1 
ATOM   327  C  C   . HIS A 1 46  ? -1.872  -12.693 -1.844  1.00 12.33 ? 231 HIS A C   1 
ATOM   328  O  O   . HIS A 1 46  ? -2.927  -12.060 -1.836  1.00 13.36 ? 231 HIS A O   1 
ATOM   329  C  CB  . HIS A 1 46  ? -1.543  -14.502 -3.489  1.00 15.27 ? 231 HIS A CB  1 
ATOM   330  C  CG  . HIS A 1 46  ? -1.732  -15.933 -3.879  1.00 16.52 ? 231 HIS A CG  1 
ATOM   331  N  ND1 . HIS A 1 46  ? -1.018  -16.964 -3.306  1.00 18.98 ? 231 HIS A ND1 1 
ATOM   332  C  CD2 . HIS A 1 46  ? -2.549  -16.504 -4.795  1.00 19.89 ? 231 HIS A CD2 1 
ATOM   333  C  CE1 . HIS A 1 46  ? -1.388  -18.109 -3.853  1.00 19.25 ? 231 HIS A CE1 1 
ATOM   334  N  NE2 . HIS A 1 46  ? -2.316  -17.857 -4.759  1.00 19.08 ? 231 HIS A NE2 1 
ATOM   335  N  N   . ILE A 1 47  ? -0.684  -12.119 -1.701  1.00 11.34 ? 232 ILE A N   1 
ATOM   336  C  CA  . ILE A 1 47  ? -0.555  -10.675 -1.565  1.00 11.24 ? 232 ILE A CA  1 
ATOM   337  C  C   . ILE A 1 47  ? 0.097   -10.185 -2.851  1.00 11.05 ? 232 ILE A C   1 
ATOM   338  O  O   . ILE A 1 47  ? 1.300   -10.359 -3.057  1.00 11.76 ? 232 ILE A O   1 
ATOM   339  C  CB  . ILE A 1 47  ? 0.327   -10.288 -0.365  1.00 11.50 ? 232 ILE A CB  1 
ATOM   340  C  CG1 . ILE A 1 47  ? -0.317  -10.788 0.933   1.00 13.43 ? 232 ILE A CG1 1 
ATOM   341  C  CG2 . ILE A 1 47  ? 0.490   -8.768  -0.313  1.00 12.86 ? 232 ILE A CG2 1 
ATOM   342  C  CD1 . ILE A 1 47  ? 0.535   -10.576 2.163   1.00 11.95 ? 232 ILE A CD1 1 
ATOM   343  N  N   . ALA A 1 48  ? -0.707  -9.590  -3.725  1.00 9.54  ? 233 ALA A N   1 
ATOM   344  C  CA  . ALA A 1 48  ? -0.197  -9.100  -5.000  1.00 8.86  ? 233 ALA A CA  1 
ATOM   345  C  C   . ALA A 1 48  ? 0.767   -7.942  -4.805  1.00 8.51  ? 233 ALA A C   1 
ATOM   346  O  O   . ALA A 1 48  ? 1.764   -7.825  -5.517  1.00 9.55  ? 233 ALA A O   1 
ATOM   347  C  CB  . ALA A 1 48  ? -1.353  -8.663  -5.898  1.00 9.47  ? 233 ALA A CB  1 
ATOM   348  N  N   . PHE A 1 49  ? 0.463   -7.083  -3.840  1.00 8.14  ? 234 PHE A N   1 
ATOM   349  C  CA  . PHE A 1 49  ? 1.292   -5.921  -3.561  1.00 7.96  ? 234 PHE A CA  1 
ATOM   350  C  C   . PHE A 1 49  ? 1.276   -5.599  -2.070  1.00 7.98  ? 234 PHE A C   1 
ATOM   351  O  O   . PHE A 1 49  ? 0.217   -5.391  -1.476  1.00 8.78  ? 234 PHE A O   1 
ATOM   352  C  CB  . PHE A 1 49  ? 0.778   -4.723  -4.367  1.00 8.64  ? 234 PHE A CB  1 
ATOM   353  C  CG  . PHE A 1 49  ? 1.526   -3.437  -4.111  1.00 8.77  ? 234 PHE A CG  1 
ATOM   354  C  CD1 . PHE A 1 49  ? 2.883   -3.332  -4.400  1.00 8.84  ? 234 PHE A CD1 1 
ATOM   355  C  CD2 . PHE A 1 49  ? 0.860   -2.324  -3.605  1.00 9.80  ? 234 PHE A CD2 1 
ATOM   356  C  CE1 . PHE A 1 49  ? 3.570   -2.137  -4.196  1.00 9.32  ? 234 PHE A CE1 1 
ATOM   357  C  CE2 . PHE A 1 49  ? 1.540   -1.115  -3.393  1.00 8.71  ? 234 PHE A CE2 1 
ATOM   358  C  CZ  . PHE A 1 49  ? 2.894   -1.022  -3.689  1.00 9.15  ? 234 PHE A CZ  1 
ATOM   359  N  N   . HIS A 1 50  ? 2.464   -5.575  -1.480  1.00 7.29  ? 235 HIS A N   1 
ATOM   360  C  CA  . HIS A 1 50  ? 2.663   -5.277  -0.063  1.00 7.64  ? 235 HIS A CA  1 
ATOM   361  C  C   . HIS A 1 50  ? 3.462   -3.978  -0.002  1.00 8.18  ? 235 HIS A C   1 
ATOM   362  O  O   . HIS A 1 50  ? 4.611   -3.934  -0.442  1.00 8.59  ? 235 HIS A O   1 
ATOM   363  C  CB  . HIS A 1 50  ? 3.439   -6.444  0.581   1.00 9.11  ? 235 HIS A CB  1 
ATOM   364  C  CG  . HIS A 1 50  ? 3.825   -6.241  2.020   1.00 7.81  ? 235 HIS A CG  1 
ATOM   365  N  ND1 . HIS A 1 50  ? 2.903   -6.113  3.039   1.00 9.00  ? 235 HIS A ND1 1 
ATOM   366  C  CD2 . HIS A 1 50  ? 5.043   -6.247  2.618   1.00 9.82  ? 235 HIS A CD2 1 
ATOM   367  C  CE1 . HIS A 1 50  ? 3.535   -6.053  4.199   1.00 7.30  ? 235 HIS A CE1 1 
ATOM   368  N  NE2 . HIS A 1 50  ? 4.834   -6.134  3.971   1.00 9.39  ? 235 HIS A NE2 1 
ATOM   369  N  N   . LEU A 1 51  ? 2.832   -2.916  0.498   1.00 7.88  ? 236 LEU A N   1 
ATOM   370  C  CA  . LEU A 1 51  ? 3.471   -1.605  0.644   1.00 7.86  ? 236 LEU A CA  1 
ATOM   371  C  C   . LEU A 1 51  ? 3.697   -1.494  2.143   1.00 8.66  ? 236 LEU A C   1 
ATOM   372  O  O   . LEU A 1 51  ? 2.750   -1.382  2.914   1.00 8.94  ? 236 LEU A O   1 
ATOM   373  C  CB  . LEU A 1 51  ? 2.543   -0.497  0.137   1.00 9.89  ? 236 LEU A CB  1 
ATOM   374  C  CG  . LEU A 1 51  ? 2.937   0.964   0.389   1.00 10.83 ? 236 LEU A CG  1 
ATOM   375  C  CD1 . LEU A 1 51  ? 4.400   1.215   0.033   1.00 12.54 ? 236 LEU A CD1 1 
ATOM   376  C  CD2 . LEU A 1 51  ? 2.018   1.859   -0.431  1.00 11.60 ? 236 LEU A CD2 1 
ATOM   377  N  N   . ASN A 1 52  ? 4.964   -1.490  2.539   1.00 9.02  ? 237 ASN A N   1 
ATOM   378  C  CA  . ASN A 1 52  ? 5.327   -1.544  3.945   1.00 10.02 ? 237 ASN A CA  1 
ATOM   379  C  C   . ASN A 1 52  ? 6.324   -0.497  4.460   1.00 8.84  ? 237 ASN A C   1 
ATOM   380  O  O   . ASN A 1 52  ? 7.535   -0.732  4.470   1.00 9.09  ? 237 ASN A O   1 
ATOM   381  C  CB  . ASN A 1 52  ? 5.859   -2.968  4.169   1.00 9.70  ? 237 ASN A CB  1 
ATOM   382  C  CG  . ASN A 1 52  ? 6.260   -3.262  5.597   1.00 10.79 ? 237 ASN A CG  1 
ATOM   383  O  OD1 . ASN A 1 52  ? 7.162   -4.066  5.822   1.00 11.88 ? 237 ASN A OD1 1 
ATOM   384  N  ND2 . ASN A 1 52  ? 5.581   -2.658  6.562   1.00 12.06 ? 237 ASN A ND2 1 
ATOM   385  N  N   . PRO A 1 53  ? 5.829   0.682   4.881   1.00 8.40  ? 238 PRO A N   1 
ATOM   386  C  CA  . PRO A 1 53  ? 6.743   1.706   5.397   1.00 9.22  ? 238 PRO A CA  1 
ATOM   387  C  C   . PRO A 1 53  ? 7.291   1.242   6.746   1.00 9.68  ? 238 PRO A C   1 
ATOM   388  O  O   . PRO A 1 53  ? 6.534   0.795   7.611   1.00 10.52 ? 238 PRO A O   1 
ATOM   389  C  CB  . PRO A 1 53  ? 5.844   2.934   5.534   1.00 9.43  ? 238 PRO A CB  1 
ATOM   390  C  CG  . PRO A 1 53  ? 4.843   2.741   4.436   1.00 8.62  ? 238 PRO A CG  1 
ATOM   391  C  CD  . PRO A 1 53  ? 4.511   1.268   4.583   1.00 8.28  ? 238 PRO A CD  1 
ATOM   392  N  N   . ARG A 1 54  ? 8.605   1.348   6.921   1.00 10.79 ? 239 ARG A N   1 
ATOM   393  C  CA  . ARG A 1 54  ? 9.248   0.925   8.159   1.00 11.87 ? 239 ARG A CA  1 
ATOM   394  C  C   . ARG A 1 54  ? 10.019  2.085   8.775   1.00 12.60 ? 239 ARG A C   1 
ATOM   395  O  O   . ARG A 1 54  ? 10.946  2.627   8.175   1.00 13.25 ? 239 ARG A O   1 
ATOM   396  C  CB  . ARG A 1 54  ? 10.190  -0.251  7.885   1.00 12.49 ? 239 ARG A CB  1 
ATOM   397  C  CG  . ARG A 1 54  ? 9.484   -1.475  7.327   1.00 13.22 ? 239 ARG A CG  1 
ATOM   398  C  CD  . ARG A 1 54  ? 10.446  -2.632  7.092   1.00 13.26 ? 239 ARG A CD  1 
ATOM   399  N  NE  . ARG A 1 54  ? 9.751   -3.804  6.568   1.00 14.71 ? 239 ARG A NE  1 
ATOM   400  C  CZ  . ARG A 1 54  ? 10.351  -4.946  6.250   1.00 14.99 ? 239 ARG A CZ  1 
ATOM   401  N  NH1 . ARG A 1 54  ? 11.662  -5.074  6.404   1.00 15.55 ? 239 ARG A NH1 1 
ATOM   402  N  NH2 . ARG A 1 54  ? 9.641   -5.957  5.772   1.00 14.82 ? 239 ARG A NH2 1 
ATOM   403  N  N   . PHE A 1 55  ? 9.628   2.462   9.983   1.00 13.23 ? 240 PHE A N   1 
ATOM   404  C  CA  . PHE A 1 55  ? 10.269  3.569   10.662  1.00 14.24 ? 240 PHE A CA  1 
ATOM   405  C  C   . PHE A 1 55  ? 11.501  3.111   11.421  1.00 15.67 ? 240 PHE A C   1 
ATOM   406  O  O   . PHE A 1 55  ? 12.436  3.886   11.625  1.00 17.92 ? 240 PHE A O   1 
ATOM   407  C  CB  . PHE A 1 55  ? 9.242   4.239   11.566  1.00 14.03 ? 240 PHE A CB  1 
ATOM   408  C  CG  . PHE A 1 55  ? 8.054   4.747   10.807  1.00 12.38 ? 240 PHE A CG  1 
ATOM   409  C  CD1 . PHE A 1 55  ? 8.119   5.958   10.128  1.00 14.12 ? 240 PHE A CD1 1 
ATOM   410  C  CD2 . PHE A 1 55  ? 6.914   3.963   10.672  1.00 14.22 ? 240 PHE A CD2 1 
ATOM   411  C  CE1 . PHE A 1 55  ? 7.065   6.379   9.318   1.00 14.74 ? 240 PHE A CE1 1 
ATOM   412  C  CE2 . PHE A 1 55  ? 5.854   4.374   9.862   1.00 14.46 ? 240 PHE A CE2 1 
ATOM   413  C  CZ  . PHE A 1 55  ? 5.935   5.583   9.184   1.00 15.77 ? 240 PHE A CZ  1 
ATOM   414  N  N   . ASP A 1 56  ? 11.518  1.844   11.817  1.00 15.91 ? 241 ASP A N   1 
ATOM   415  C  CA  . ASP A 1 56  ? 12.672  1.305   12.514  1.00 17.71 ? 241 ASP A CA  1 
ATOM   416  C  C   . ASP A 1 56  ? 13.819  1.185   11.506  1.00 18.32 ? 241 ASP A C   1 
ATOM   417  O  O   . ASP A 1 56  ? 14.982  1.399   11.846  1.00 18.58 ? 241 ASP A O   1 
ATOM   418  C  CB  . ASP A 1 56  ? 12.334  -0.060  13.128  1.00 19.47 ? 241 ASP A CB  1 
ATOM   419  C  CG  . ASP A 1 56  ? 11.973  -1.101  12.086  1.00 21.74 ? 241 ASP A CG  1 
ATOM   420  O  OD1 . ASP A 1 56  ? 11.204  -0.787  11.156  1.00 20.01 ? 241 ASP A OD1 1 
ATOM   421  O  OD2 . ASP A 1 56  ? 12.453  -2.249  12.209  1.00 24.98 ? 241 ASP A OD2 1 
ATOM   422  N  N   . GLU A 1 57  ? 13.485  0.864   10.259  1.00 17.26 ? 242 GLU A N   1 
ATOM   423  C  CA  . GLU A 1 57  ? 14.494  0.728   9.210   1.00 17.66 ? 242 GLU A CA  1 
ATOM   424  C  C   . GLU A 1 57  ? 14.556  1.955   8.300   1.00 17.04 ? 242 GLU A C   1 
ATOM   425  O  O   . GLU A 1 57  ? 15.380  2.011   7.388   1.00 18.23 ? 242 GLU A O   1 
ATOM   426  C  CB  . GLU A 1 57  ? 14.222  -0.512  8.351   1.00 18.41 ? 242 GLU A CB  1 
ATOM   427  C  CG  . GLU A 1 57  ? 14.164  -1.828  9.117   1.00 20.81 ? 242 GLU A CG  1 
ATOM   428  C  CD  . GLU A 1 57  ? 14.252  -3.037  8.198   1.00 21.70 ? 242 GLU A CD  1 
ATOM   429  O  OE1 . GLU A 1 57  ? 13.704  -2.979  7.081   1.00 23.11 ? 242 GLU A OE1 1 
ATOM   430  O  OE2 . GLU A 1 57  ? 14.863  -4.051  8.596   1.00 26.45 ? 242 GLU A OE2 1 
ATOM   431  N  N   . ASN A 1 58  ? 13.686  2.931   8.545   1.00 18.43 ? 243 ASN A N   1 
ATOM   432  C  CA  . ASN A 1 58  ? 13.647  4.149   7.736   1.00 18.15 ? 243 ASN A CA  1 
ATOM   433  C  C   . ASN A 1 58  ? 13.604  3.798   6.247   1.00 17.92 ? 243 ASN A C   1 
ATOM   434  O  O   . ASN A 1 58  ? 14.436  4.255   5.460   1.00 18.52 ? 243 ASN A O   1 
ATOM   435  C  CB  . ASN A 1 58  ? 14.876  5.011   8.039   1.00 20.38 ? 243 ASN A CB  1 
ATOM   436  C  CG  . ASN A 1 58  ? 14.872  6.322   7.282   1.00 23.60 ? 243 ASN A CG  1 
ATOM   437  O  OD1 . ASN A 1 58  ? 13.886  7.057   7.300   1.00 25.13 ? 243 ASN A OD1 1 
ATOM   438  N  ND2 . ASN A 1 58  ? 15.983  6.629   6.621   1.00 25.65 ? 243 ASN A ND2 1 
ATOM   439  N  N   . ALA A 1 59  ? 12.624  2.990   5.863   1.00 15.47 ? 244 ALA A N   1 
ATOM   440  C  CA  . ALA A 1 59  ? 12.506  2.568   4.473   1.00 14.76 ? 244 ALA A CA  1 
ATOM   441  C  C   . ALA A 1 59  ? 11.074  2.250   4.082   1.00 12.86 ? 244 ALA A C   1 
ATOM   442  O  O   . ALA A 1 59  ? 10.201  2.115   4.938   1.00 14.56 ? 244 ALA A O   1 
ATOM   443  C  CB  . ALA A 1 59  ? 13.374  1.341   4.246   1.00 16.92 ? 244 ALA A CB  1 
ATOM   444  N  N   . VAL A 1 60  ? 10.841  2.152   2.777   1.00 11.27 ? 245 VAL A N   1 
ATOM   445  C  CA  . VAL A 1 60  ? 9.528   1.795   2.255   1.00 10.58 ? 245 VAL A CA  1 
ATOM   446  C  C   . VAL A 1 60  ? 9.751   0.513   1.465   1.00 10.18 ? 245 VAL A C   1 
ATOM   447  O  O   . VAL A 1 60  ? 10.298  0.530   0.359   1.00 10.11 ? 245 VAL A O   1 
ATOM   448  C  CB  . VAL A 1 60  ? 8.952   2.875   1.320   1.00 9.25  ? 245 VAL A CB  1 
ATOM   449  C  CG1 . VAL A 1 60  ? 7.571   2.442   0.815   1.00 10.97 ? 245 VAL A CG1 1 
ATOM   450  C  CG2 . VAL A 1 60  ? 8.845   4.201   2.064   1.00 10.63 ? 245 VAL A CG2 1 
ATOM   451  N  N   . VAL A 1 61  ? 9.342   -0.603  2.054   1.00 10.15 ? 246 VAL A N   1 
ATOM   452  C  CA  . VAL A 1 61  ? 9.508   -1.908  1.434   1.00 10.17 ? 246 VAL A CA  1 
ATOM   453  C  C   . VAL A 1 61  ? 8.294   -2.304  0.594   1.00 10.14 ? 246 VAL A C   1 
ATOM   454  O  O   . VAL A 1 61  ? 7.149   -2.070  0.988   1.00 10.66 ? 246 VAL A O   1 
ATOM   455  C  CB  . VAL A 1 61  ? 9.738   -2.992  2.517   1.00 10.84 ? 246 VAL A CB  1 
ATOM   456  C  CG1 . VAL A 1 61  ? 9.899   -4.362  1.867   1.00 14.39 ? 246 VAL A CG1 1 
ATOM   457  C  CG2 . VAL A 1 61  ? 10.969  -2.642  3.346   1.00 13.49 ? 246 VAL A CG2 1 
ATOM   458  N  N   . ARG A 1 62  ? 8.556   -2.877  -0.579  1.00 9.14  ? 247 ARG A N   1 
ATOM   459  C  CA  . ARG A 1 62  ? 7.495   -3.357  -1.461  1.00 7.30  ? 247 ARG A CA  1 
ATOM   460  C  C   . ARG A 1 62  ? 7.814   -4.798  -1.836  1.00 8.23  ? 247 ARG A C   1 
ATOM   461  O  O   . ARG A 1 62  ? 8.964   -5.131  -2.130  1.00 9.89  ? 247 ARG A O   1 
ATOM   462  C  CB  . ARG A 1 62  ? 7.393   -2.511  -2.736  1.00 7.78  ? 247 ARG A CB  1 
ATOM   463  C  CG  . ARG A 1 62  ? 6.996   -1.069  -2.493  1.00 9.74  ? 247 ARG A CG  1 
ATOM   464  C  CD  . ARG A 1 62  ? 8.212   -0.196  -2.246  1.00 8.76  ? 247 ARG A CD  1 
ATOM   465  N  NE  . ARG A 1 62  ? 8.942   0.087   -3.481  1.00 9.59  ? 247 ARG A NE  1 
ATOM   466  C  CZ  . ARG A 1 62  ? 10.036  0.842   -3.543  1.00 9.75  ? 247 ARG A CZ  1 
ATOM   467  N  NH1 . ARG A 1 62  ? 10.633  1.058   -4.709  1.00 11.30 ? 247 ARG A NH1 1 
ATOM   468  N  NH2 . ARG A 1 62  ? 10.538  1.377   -2.439  1.00 10.19 ? 247 ARG A NH2 1 
ATOM   469  N  N   . ASN A 1 63  ? 6.803   -5.658  -1.822  1.00 8.18  ? 248 ASN A N   1 
ATOM   470  C  CA  . ASN A 1 63  ? 7.022   -7.058  -2.166  1.00 8.42  ? 248 ASN A CA  1 
ATOM   471  C  C   . ASN A 1 63  ? 5.705   -7.729  -2.523  1.00 8.92  ? 248 ASN A C   1 
ATOM   472  O  O   . ASN A 1 63  ? 4.633   -7.123  -2.437  1.00 9.59  ? 248 ASN A O   1 
ATOM   473  C  CB  . ASN A 1 63  ? 7.670   -7.799  -0.987  1.00 8.91  ? 248 ASN A CB  1 
ATOM   474  C  CG  . ASN A 1 63  ? 8.597   -8.923  -1.434  1.00 8.89  ? 248 ASN A CG  1 
ATOM   475  O  OD1 . ASN A 1 63  ? 8.528   -9.395  -2.566  1.00 10.07 ? 248 ASN A OD1 1 
ATOM   476  N  ND2 . ASN A 1 63  ? 9.464   -9.363  -0.528  1.00 10.39 ? 248 ASN A ND2 1 
ATOM   477  N  N   . THR A 1 64  ? 5.805   -8.994  -2.920  1.00 8.99  ? 249 THR A N   1 
ATOM   478  C  CA  . THR A 1 64  ? 4.660   -9.806  -3.300  1.00 10.77 ? 249 THR A CA  1 
ATOM   479  C  C   . THR A 1 64  ? 4.795   -11.164 -2.618  1.00 11.63 ? 249 THR A C   1 
ATOM   480  O  O   . THR A 1 64  ? 5.902   -11.693 -2.509  1.00 11.67 ? 249 THR A O   1 
ATOM   481  C  CB  . THR A 1 64  ? 4.634   -10.030 -4.828  1.00 10.57 ? 249 THR A CB  1 
ATOM   482  O  OG1 . THR A 1 64  ? 4.325   -8.796  -5.488  1.00 11.59 ? 249 THR A OG1 1 
ATOM   483  C  CG2 . THR A 1 64  ? 3.606   -11.089 -5.203  1.00 12.11 ? 249 THR A CG2 1 
ATOM   484  N  N   . GLN A 1 65  ? 3.683   -11.717 -2.143  1.00 11.98 ? 250 GLN A N   1 
ATOM   485  C  CA  . GLN A 1 65  ? 3.720   -13.032 -1.507  1.00 14.63 ? 250 GLN A CA  1 
ATOM   486  C  C   . GLN A 1 65  ? 2.784   -13.953 -2.277  1.00 15.60 ? 250 GLN A C   1 
ATOM   487  O  O   . GLN A 1 65  ? 1.565   -13.792 -2.236  1.00 15.29 ? 250 GLN A O   1 
ATOM   488  C  CB  . GLN A 1 65  ? 3.286   -12.963 -0.038  1.00 13.35 ? 250 GLN A CB  1 
ATOM   489  C  CG  . GLN A 1 65  ? 3.675   -14.220 0.752   1.00 15.95 ? 250 GLN A CG  1 
ATOM   490  C  CD  . GLN A 1 65  ? 3.169   -14.224 2.184   1.00 19.80 ? 250 GLN A CD  1 
ATOM   491  O  OE1 . GLN A 1 65  ? 3.782   -14.834 3.063   1.00 24.10 ? 250 GLN A OE1 1 
ATOM   492  N  NE2 . GLN A 1 65  ? 2.044   -13.563 2.424   1.00 20.50 ? 250 GLN A NE2 1 
ATOM   493  N  N   . ILE A 1 66  ? 3.369   -14.899 -3.002  1.00 19.57 ? 251 ILE A N   1 
ATOM   494  C  CA  . ILE A 1 66  ? 2.602   -15.859 -3.790  1.00 22.34 ? 251 ILE A CA  1 
ATOM   495  C  C   . ILE A 1 66  ? 2.925   -17.254 -3.284  1.00 24.39 ? 251 ILE A C   1 
ATOM   496  O  O   . ILE A 1 66  ? 4.094   -17.621 -3.151  1.00 23.98 ? 251 ILE A O   1 
ATOM   497  C  CB  . ILE A 1 66  ? 2.961   -15.777 -5.288  1.00 22.56 ? 251 ILE A CB  1 
ATOM   498  C  CG1 . ILE A 1 66  ? 2.647   -14.379 -5.824  1.00 24.23 ? 251 ILE A CG1 1 
ATOM   499  C  CG2 . ILE A 1 66  ? 2.177   -16.829 -6.071  1.00 23.44 ? 251 ILE A CG2 1 
ATOM   500  C  CD1 . ILE A 1 66  ? 3.127   -14.145 -7.244  1.00 24.50 ? 251 ILE A CD1 1 
ATOM   501  N  N   . ASP A 1 67  ? 1.884   -18.028 -3.004  1.00 26.40 ? 252 ASP A N   1 
ATOM   502  C  CA  . ASP A 1 67  ? 2.056   -19.377 -2.489  1.00 27.88 ? 252 ASP A CA  1 
ATOM   503  C  C   . ASP A 1 67  ? 2.914   -19.348 -1.227  1.00 27.64 ? 252 ASP A C   1 
ATOM   504  O  O   . ASP A 1 67  ? 3.807   -20.175 -1.036  1.00 27.79 ? 252 ASP A O   1 
ATOM   505  C  CB  . ASP A 1 67  ? 2.683   -20.285 -3.552  1.00 30.50 ? 252 ASP A CB  1 
ATOM   506  C  CG  . ASP A 1 67  ? 1.734   -20.570 -4.703  1.00 32.77 ? 252 ASP A CG  1 
ATOM   507  O  OD1 . ASP A 1 67  ? 0.584   -20.983 -4.437  1.00 33.93 ? 252 ASP A OD1 1 
ATOM   508  O  OD2 . ASP A 1 67  ? 2.137   -20.388 -5.871  1.00 33.64 ? 252 ASP A OD2 1 
ATOM   509  N  N   . ASN A 1 68  ? 2.629   -18.359 -0.382  1.00 26.91 ? 253 ASN A N   1 
ATOM   510  C  CA  . ASN A 1 68  ? 3.295   -18.161 0.902   1.00 25.12 ? 253 ASN A CA  1 
ATOM   511  C  C   . ASN A 1 68  ? 4.778   -17.788 0.871   1.00 23.96 ? 253 ASN A C   1 
ATOM   512  O  O   . ASN A 1 68  ? 5.417   -17.688 1.919   1.00 24.41 ? 253 ASN A O   1 
ATOM   513  C  CB  . ASN A 1 68  ? 3.102   -19.404 1.772   1.00 25.23 ? 253 ASN A CB  1 
ATOM   514  C  CG  . ASN A 1 68  ? 3.375   -19.131 3.234   1.00 24.07 ? 253 ASN A CG  1 
ATOM   515  O  OD1 . ASN A 1 68  ? 2.834   -18.186 3.808   1.00 27.10 ? 253 ASN A OD1 1 
ATOM   516  N  ND2 . ASN A 1 68  ? 4.206   -19.960 3.849   1.00 23.02 ? 253 ASN A ND2 1 
ATOM   517  N  N   . SER A 1 69  ? 5.326   -17.577 -0.319  1.00 23.27 ? 254 SER A N   1 
ATOM   518  C  CA  . SER A 1 69  ? 6.731   -17.212 -0.431  1.00 23.06 ? 254 SER A CA  1 
ATOM   519  C  C   . SER A 1 69  ? 6.899   -15.759 -0.850  1.00 20.56 ? 254 SER A C   1 
ATOM   520  O  O   . SER A 1 69  ? 6.335   -15.325 -1.854  1.00 19.86 ? 254 SER A O   1 
ATOM   521  C  CB  . SER A 1 69  ? 7.436   -18.114 -1.446  1.00 25.90 ? 254 SER A CB  1 
ATOM   522  O  OG  . SER A 1 69  ? 7.454   -19.461 -1.006  1.00 29.57 ? 254 SER A OG  1 
ATOM   523  N  N   . TRP A 1 70  ? 7.668   -15.004 -0.070  1.00 18.34 ? 255 TRP A N   1 
ATOM   524  C  CA  . TRP A 1 70  ? 7.918   -13.610 -0.401  1.00 16.25 ? 255 TRP A CA  1 
ATOM   525  C  C   . TRP A 1 70  ? 8.944   -13.547 -1.520  1.00 16.05 ? 255 TRP A C   1 
ATOM   526  O  O   . TRP A 1 70  ? 9.898   -14.331 -1.545  1.00 16.53 ? 255 TRP A O   1 
ATOM   527  C  CB  . TRP A 1 70  ? 8.466   -12.841 0.805   1.00 15.27 ? 255 TRP A CB  1 
ATOM   528  C  CG  . TRP A 1 70  ? 7.449   -12.518 1.846   1.00 14.94 ? 255 TRP A CG  1 
ATOM   529  C  CD1 . TRP A 1 70  ? 7.317   -13.100 3.074   1.00 17.05 ? 255 TRP A CD1 1 
ATOM   530  C  CD2 . TRP A 1 70  ? 6.427   -11.519 1.762   1.00 14.27 ? 255 TRP A CD2 1 
ATOM   531  N  NE1 . TRP A 1 70  ? 6.276   -12.523 3.761   1.00 17.08 ? 255 TRP A NE1 1 
ATOM   532  C  CE2 . TRP A 1 70  ? 5.712   -11.549 2.979   1.00 15.70 ? 255 TRP A CE2 1 
ATOM   533  C  CE3 . TRP A 1 70  ? 6.047   -10.599 0.775   1.00 13.55 ? 255 TRP A CE3 1 
ATOM   534  C  CZ2 . TRP A 1 70  ? 4.635   -10.694 3.238   1.00 15.14 ? 255 TRP A CZ2 1 
ATOM   535  C  CZ3 . TRP A 1 70  ? 4.973   -9.747  1.031   1.00 12.70 ? 255 TRP A CZ3 1 
ATOM   536  C  CH2 . TRP A 1 70  ? 4.282   -9.802  2.254   1.00 14.02 ? 255 TRP A CH2 1 
ATOM   537  N  N   . GLY A 1 71  ? 8.747   -12.618 -2.447  1.00 13.34 ? 256 GLY A N   1 
ATOM   538  C  CA  . GLY A 1 71  ? 9.694   -12.466 -3.532  1.00 12.07 ? 256 GLY A CA  1 
ATOM   539  C  C   . GLY A 1 71  ? 10.832  -11.556 -3.106  1.00 11.91 ? 256 GLY A C   1 
ATOM   540  O  O   . GLY A 1 71  ? 11.096  -11.381 -1.911  1.00 11.40 ? 256 GLY A O   1 
ATOM   541  N  N   . SER A 1 72  ? 11.511  -10.973 -4.085  1.00 12.41 ? 257 SER A N   1 
ATOM   542  C  CA  . SER A 1 72  ? 12.620  -10.069 -3.812  1.00 14.28 ? 257 SER A CA  1 
ATOM   543  C  C   . SER A 1 72  ? 12.080  -8.680  -3.474  1.00 12.97 ? 257 SER A C   1 
ATOM   544  O  O   . SER A 1 72  ? 11.298  -8.108  -4.230  1.00 12.44 ? 257 SER A O   1 
ATOM   545  C  CB  . SER A 1 72  ? 13.536  -9.987  -5.035  1.00 15.99 ? 257 SER A CB  1 
ATOM   546  O  OG  . SER A 1 72  ? 14.636  -9.130  -4.788  1.00 22.40 ? 257 SER A OG  1 
ATOM   547  N  N   . GLU A 1 73  ? 12.500  -8.140  -2.336  1.00 13.06 ? 258 GLU A N   1 
ATOM   548  C  CA  . GLU A 1 73  ? 12.048  -6.821  -1.903  1.00 13.34 ? 258 GLU A CA  1 
ATOM   549  C  C   . GLU A 1 73  ? 12.555  -5.679  -2.774  1.00 13.92 ? 258 GLU A C   1 
ATOM   550  O  O   . GLU A 1 73  ? 13.655  -5.737  -3.324  1.00 14.20 ? 258 GLU A O   1 
ATOM   551  C  CB  . GLU A 1 73  ? 12.505  -6.538  -0.468  1.00 15.11 ? 258 GLU A CB  1 
ATOM   552  C  CG  . GLU A 1 73  ? 11.773  -7.299  0.614   1.00 18.11 ? 258 GLU A CG  1 
ATOM   553  C  CD  . GLU A 1 73  ? 12.284  -6.955  2.006   1.00 17.11 ? 258 GLU A CD  1 
ATOM   554  O  OE1 . GLU A 1 73  ? 11.716  -7.471  2.989   1.00 19.59 ? 258 GLU A OE1 1 
ATOM   555  O  OE2 . GLU A 1 73  ? 13.254  -6.173  2.118   1.00 20.75 ? 258 GLU A OE2 1 
ATOM   556  N  N   . GLU A 1 74  ? 11.738  -4.637  -2.880  1.00 12.42 ? 259 GLU A N   1 
ATOM   557  C  CA  . GLU A 1 74  ? 12.099  -3.434  -3.614  1.00 11.49 ? 259 GLU A CA  1 
ATOM   558  C  C   . GLU A 1 74  ? 12.074  -2.320  -2.575  1.00 12.40 ? 259 GLU A C   1 
ATOM   559  O  O   . GLU A 1 74  ? 11.043  -2.065  -1.951  1.00 11.76 ? 259 GLU A O   1 
ATOM   560  C  CB  . GLU A 1 74  ? 11.101  -3.164  -4.748  1.00 11.81 ? 259 GLU A CB  1 
ATOM   561  C  CG  . GLU A 1 74  ? 11.349  -4.064  -5.957  1.00 11.54 ? 259 GLU A CG  1 
ATOM   562  C  CD  . GLU A 1 74  ? 10.357  -3.867  -7.089  1.00 12.53 ? 259 GLU A CD  1 
ATOM   563  O  OE1 . GLU A 1 74  ? 10.074  -2.705  -7.449  1.00 15.15 ? 259 GLU A OE1 1 
ATOM   564  O  OE2 . GLU A 1 74  ? 9.872   -4.880  -7.636  1.00 12.63 ? 259 GLU A OE2 1 
ATOM   565  N  N   . ARG A 1 75  ? 13.225  -1.683  -2.373  1.00 13.15 ? 260 ARG A N   1 
ATOM   566  C  CA  . ARG A 1 75  ? 13.352  -0.615  -1.388  1.00 13.77 ? 260 ARG A CA  1 
ATOM   567  C  C   . ARG A 1 75  ? 13.835  0.709   -1.972  1.00 14.92 ? 260 ARG A C   1 
ATOM   568  O  O   . ARG A 1 75  ? 13.935  1.700   -1.252  1.00 14.26 ? 260 ARG A O   1 
ATOM   569  C  CB  . ARG A 1 75  ? 14.333  -1.022  -0.286  1.00 16.98 ? 260 ARG A CB  1 
ATOM   570  C  CG  . ARG A 1 75  ? 13.933  -2.234  0.532   1.00 18.12 ? 260 ARG A CG  1 
ATOM   571  C  CD  . ARG A 1 75  ? 14.906  -2.421  1.693   1.00 20.35 ? 260 ARG A CD  1 
ATOM   572  N  NE  . ARG A 1 75  ? 14.504  -3.521  2.561   1.00 22.12 ? 260 ARG A NE  1 
ATOM   573  C  CZ  . ARG A 1 75  ? 14.493  -3.457  3.887   1.00 18.84 ? 260 ARG A CZ  1 
ATOM   574  N  NH1 . ARG A 1 75  ? 14.863  -2.340  4.502   1.00 22.73 ? 260 ARG A NH1 1 
ATOM   575  N  NH2 . ARG A 1 75  ? 14.105  -4.505  4.595   1.00 23.84 ? 260 ARG A NH2 1 
ATOM   576  N  N   . SER A 1 76  ? 14.145  0.733   -3.263  1.00 15.56 ? 261 SER A N   1 
ATOM   577  C  CA  . SER A 1 76  ? 14.644  1.957   -3.879  1.00 16.99 ? 261 SER A CA  1 
ATOM   578  C  C   . SER A 1 76  ? 13.699  3.139   -3.706  1.00 15.12 ? 261 SER A C   1 
ATOM   579  O  O   . SER A 1 76  ? 12.482  2.999   -3.809  1.00 13.99 ? 261 SER A O   1 
ATOM   580  C  CB  . SER A 1 76  ? 14.895  1.743   -5.372  1.00 19.30 ? 261 SER A CB  1 
ATOM   581  O  OG  . SER A 1 76  ? 13.671  1.603   -6.073  1.00 25.63 ? 261 SER A OG  1 
ATOM   582  N  N   . LEU A 1 77  ? 14.277  4.305   -3.435  1.00 13.23 ? 262 LEU A N   1 
ATOM   583  C  CA  . LEU A 1 77  ? 13.517  5.540   -3.280  1.00 13.17 ? 262 LEU A CA  1 
ATOM   584  C  C   . LEU A 1 77  ? 14.308  6.646   -3.963  1.00 13.43 ? 262 LEU A C   1 
ATOM   585  O  O   . LEU A 1 77  ? 15.530  6.710   -3.842  1.00 14.52 ? 262 LEU A O   1 
ATOM   586  C  CB  . LEU A 1 77  ? 13.311  5.878   -1.802  1.00 13.02 ? 262 LEU A CB  1 
ATOM   587  C  CG  . LEU A 1 77  ? 12.284  5.035   -1.040  1.00 13.75 ? 262 LEU A CG  1 
ATOM   588  C  CD1 . LEU A 1 77  ? 12.275  5.453   0.421   1.00 14.63 ? 262 LEU A CD1 1 
ATOM   589  C  CD2 . LEU A 1 77  ? 10.902  5.215   -1.654  1.00 14.29 ? 262 LEU A CD2 1 
ATOM   590  N  N   . PRO A 1 78  ? 13.618  7.530   -4.695  1.00 12.79 ? 263 PRO A N   1 
ATOM   591  C  CA  . PRO A 1 78  ? 14.269  8.633   -5.404  1.00 14.07 ? 263 PRO A CA  1 
ATOM   592  C  C   . PRO A 1 78  ? 14.586  9.820   -4.505  1.00 14.86 ? 263 PRO A C   1 
ATOM   593  O  O   . PRO A 1 78  ? 15.302  10.740  -4.902  1.00 16.87 ? 263 PRO A O   1 
ATOM   594  C  CB  . PRO A 1 78  ? 13.254  8.980   -6.482  1.00 14.40 ? 263 PRO A CB  1 
ATOM   595  C  CG  . PRO A 1 78  ? 11.955  8.788   -5.754  1.00 13.52 ? 263 PRO A CG  1 
ATOM   596  C  CD  . PRO A 1 78  ? 12.176  7.483   -5.008  1.00 12.82 ? 263 PRO A CD  1 
ATOM   597  N  N   . ARG A 1 79  ? 14.048  9.797   -3.292  1.00 14.64 ? 264 ARG A N   1 
ATOM   598  C  CA  . ARG A 1 79  ? 14.267  10.875  -2.340  1.00 13.70 ? 264 ARG A CA  1 
ATOM   599  C  C   . ARG A 1 79  ? 14.144  10.334  -0.925  1.00 13.96 ? 264 ARG A C   1 
ATOM   600  O  O   . ARG A 1 79  ? 14.075  9.127   -0.725  1.00 13.01 ? 264 ARG A O   1 
ATOM   601  C  CB  . ARG A 1 79  ? 13.258  12.009  -2.574  1.00 15.51 ? 264 ARG A CB  1 
ATOM   602  C  CG  . ARG A 1 79  ? 11.796  11.586  -2.531  1.00 14.69 ? 264 ARG A CG  1 
ATOM   603  C  CD  . ARG A 1 79  ? 10.885  12.790  -2.747  1.00 16.84 ? 264 ARG A CD  1 
ATOM   604  N  NE  . ARG A 1 79  ? 9.466   12.444  -2.729  1.00 16.95 ? 264 ARG A NE  1 
ATOM   605  C  CZ  . ARG A 1 79  ? 8.825   11.844  -3.729  1.00 15.94 ? 264 ARG A CZ  1 
ATOM   606  N  NH1 . ARG A 1 79  ? 9.473   11.516  -4.838  1.00 16.90 ? 264 ARG A NH1 1 
ATOM   607  N  NH2 . ARG A 1 79  ? 7.531   11.577  -3.620  1.00 16.42 ? 264 ARG A NH2 1 
ATOM   608  N  N   . LYS A 1 80  ? 14.115  11.231  0.054   1.00 14.71 ? 265 LYS A N   1 
ATOM   609  C  CA  . LYS A 1 80  ? 14.016  10.837  1.451   1.00 14.92 ? 265 LYS A CA  1 
ATOM   610  C  C   . LYS A 1 80  ? 12.672  10.202  1.815   1.00 14.13 ? 265 LYS A C   1 
ATOM   611  O  O   . LYS A 1 80  ? 11.636  10.534  1.241   1.00 13.94 ? 265 LYS A O   1 
ATOM   612  C  CB  . LYS A 1 80  ? 14.263  12.058  2.345   1.00 16.55 ? 265 LYS A CB  1 
ATOM   613  C  CG  . LYS A 1 80  ? 14.255  11.761  3.836   1.00 20.72 ? 265 LYS A CG  1 
ATOM   614  C  CD  . LYS A 1 80  ? 14.454  13.031  4.658   1.00 25.49 ? 265 LYS A CD  1 
ATOM   615  C  CE  . LYS A 1 80  ? 15.812  13.671  4.389   1.00 28.02 ? 265 LYS A CE  1 
ATOM   616  N  NZ  . LYS A 1 80  ? 16.016  14.913  5.192   1.00 28.92 ? 265 LYS A NZ  1 
ATOM   617  N  N   . MET A 1 81  ? 12.721  9.268   2.762   1.00 13.98 ? 266 MET A N   1 
ATOM   618  C  CA  . MET A 1 81  ? 11.539  8.587   3.286   1.00 14.02 ? 266 MET A CA  1 
ATOM   619  C  C   . MET A 1 81  ? 10.474  9.663   3.517   1.00 13.45 ? 266 MET A C   1 
ATOM   620  O  O   . MET A 1 81  ? 10.670  10.560  4.333   1.00 14.43 ? 266 MET A O   1 
ATOM   621  C  CB  . MET A 1 81  ? 11.911  7.918   4.613   1.00 15.17 ? 266 MET A CB  1 
ATOM   622  C  CG  . MET A 1 81  ? 10.739  7.566   5.500   1.00 15.76 ? 266 MET A CG  1 
ATOM   623  S  SD  . MET A 1 81  ? 9.719   6.301   4.759   1.00 17.25 ? 266 MET A SD  1 
ATOM   624  C  CE  . MET A 1 81  ? 9.384   5.250   6.171   1.00 16.18 ? 266 MET A CE  1 
ATOM   625  N  N   . PRO A 1 82  ? 9.334   9.586   2.803   1.00 12.38 ? 267 PRO A N   1 
ATOM   626  C  CA  . PRO A 1 82  ? 8.266   10.583  2.950   1.00 13.02 ? 267 PRO A CA  1 
ATOM   627  C  C   . PRO A 1 82  ? 7.313   10.431  4.134   1.00 12.80 ? 267 PRO A C   1 
ATOM   628  O  O   . PRO A 1 82  ? 6.645   11.391  4.517   1.00 14.91 ? 267 PRO A O   1 
ATOM   629  C  CB  . PRO A 1 82  ? 7.542   10.494  1.614   1.00 13.65 ? 267 PRO A CB  1 
ATOM   630  C  CG  . PRO A 1 82  ? 7.606   9.035   1.323   1.00 13.57 ? 267 PRO A CG  1 
ATOM   631  C  CD  . PRO A 1 82  ? 9.041   8.670   1.685   1.00 13.61 ? 267 PRO A CD  1 
ATOM   632  N  N   . PHE A 1 83  ? 7.231   9.235   4.699   1.00 12.65 ? 268 PHE A N   1 
ATOM   633  C  CA  . PHE A 1 83  ? 6.355   9.007   5.845   1.00 12.02 ? 268 PHE A CA  1 
ATOM   634  C  C   . PHE A 1 83  ? 7.101   9.427   7.104   1.00 13.26 ? 268 PHE A C   1 
ATOM   635  O  O   . PHE A 1 83  ? 8.278   9.105   7.268   1.00 13.89 ? 268 PHE A O   1 
ATOM   636  C  CB  . PHE A 1 83  ? 5.978   7.532   5.930   1.00 11.47 ? 268 PHE A CB  1 
ATOM   637  C  CG  . PHE A 1 83  ? 5.169   7.046   4.764   1.00 10.97 ? 268 PHE A CG  1 
ATOM   638  C  CD1 . PHE A 1 83  ? 3.804   7.310   4.686   1.00 11.96 ? 268 PHE A CD1 1 
ATOM   639  C  CD2 . PHE A 1 83  ? 5.770   6.321   3.744   1.00 10.31 ? 268 PHE A CD2 1 
ATOM   640  C  CE1 . PHE A 1 83  ? 3.053   6.850   3.606   1.00 10.14 ? 268 PHE A CE1 1 
ATOM   641  C  CE2 . PHE A 1 83  ? 5.026   5.860   2.662   1.00 9.90  ? 268 PHE A CE2 1 
ATOM   642  C  CZ  . PHE A 1 83  ? 3.667   6.125   2.594   1.00 9.52  ? 268 PHE A CZ  1 
ATOM   643  N  N   . VAL A 1 84  ? 6.416   10.145  7.989   1.00 13.58 ? 269 VAL A N   1 
ATOM   644  C  CA  . VAL A 1 84  ? 7.027   10.630  9.220   1.00 14.75 ? 269 VAL A CA  1 
ATOM   645  C  C   . VAL A 1 84  ? 6.141   10.355  10.433  1.00 14.84 ? 269 VAL A C   1 
ATOM   646  O  O   . VAL A 1 84  ? 4.930   10.556  10.385  1.00 13.65 ? 269 VAL A O   1 
ATOM   647  C  CB  . VAL A 1 84  ? 7.294   12.145  9.126   1.00 15.84 ? 269 VAL A CB  1 
ATOM   648  C  CG1 . VAL A 1 84  ? 7.932   12.647  10.414  1.00 16.76 ? 269 VAL A CG1 1 
ATOM   649  C  CG2 . VAL A 1 84  ? 8.201   12.437  7.929   1.00 16.80 ? 269 VAL A CG2 1 
ATOM   650  N  N   . ARG A 1 85  ? 6.750   9.894   11.521  1.00 13.83 ? 270 ARG A N   1 
ATOM   651  C  CA  . ARG A 1 85  ? 6.003   9.598   12.739  1.00 13.89 ? 270 ARG A CA  1 
ATOM   652  C  C   . ARG A 1 85  ? 5.170   10.787  13.199  1.00 14.22 ? 270 ARG A C   1 
ATOM   653  O  O   . ARG A 1 85  ? 5.660   11.915  13.248  1.00 14.63 ? 270 ARG A O   1 
ATOM   654  C  CB  . ARG A 1 85  ? 6.963   9.190   13.856  1.00 13.14 ? 270 ARG A CB  1 
ATOM   655  C  CG  . ARG A 1 85  ? 7.469   7.768   13.735  1.00 12.40 ? 270 ARG A CG  1 
ATOM   656  C  CD  . ARG A 1 85  ? 8.572   7.481   14.737  1.00 14.15 ? 270 ARG A CD  1 
ATOM   657  N  NE  . ARG A 1 85  ? 8.863   6.056   14.804  1.00 13.99 ? 270 ARG A NE  1 
ATOM   658  C  CZ  . ARG A 1 85  ? 9.998   5.546   15.270  1.00 17.38 ? 270 ARG A CZ  1 
ATOM   659  N  NH1 . ARG A 1 85  ? 10.954  6.350   15.712  1.00 20.46 ? 270 ARG A NH1 1 
ATOM   660  N  NH2 . ARG A 1 85  ? 10.176  4.232   15.289  1.00 16.39 ? 270 ARG A NH2 1 
ATOM   661  N  N   . GLY A 1 86  ? 3.908   10.518  13.531  1.00 14.99 ? 271 GLY A N   1 
ATOM   662  C  CA  . GLY A 1 86  ? 3.010   11.556  14.004  1.00 14.64 ? 271 GLY A CA  1 
ATOM   663  C  C   . GLY A 1 86  ? 2.493   12.506  12.942  1.00 14.88 ? 271 GLY A C   1 
ATOM   664  O  O   . GLY A 1 86  ? 1.743   13.436  13.244  1.00 17.19 ? 271 GLY A O   1 
ATOM   665  N  N   . GLN A 1 87  ? 2.870   12.261  11.691  1.00 14.83 ? 272 GLN A N   1 
ATOM   666  C  CA  . GLN A 1 87  ? 2.467   13.123  10.588  1.00 15.87 ? 272 GLN A CA  1 
ATOM   667  C  C   . GLN A 1 87  ? 1.394   12.505  9.688   1.00 15.00 ? 272 GLN A C   1 
ATOM   668  O  O   . GLN A 1 87  ? 1.448   11.320  9.364   1.00 13.51 ? 272 GLN A O   1 
ATOM   669  C  CB  . GLN A 1 87  ? 3.706   13.477  9.762   1.00 17.69 ? 272 GLN A CB  1 
ATOM   670  C  CG  . GLN A 1 87  ? 3.475   14.439  8.612   1.00 21.01 ? 272 GLN A CG  1 
ATOM   671  C  CD  . GLN A 1 87  ? 4.775   14.825  7.934   1.00 23.25 ? 272 GLN A CD  1 
ATOM   672  O  OE1 . GLN A 1 87  ? 5.644   15.447  8.546   1.00 25.78 ? 272 GLN A OE1 1 
ATOM   673  N  NE2 . GLN A 1 87  ? 4.921   14.450  6.670   1.00 23.50 ? 272 GLN A NE2 1 
ATOM   674  N  N   . SER A 1 88  ? 0.417   13.318  9.296   1.00 14.53 ? 273 SER A N   1 
ATOM   675  C  CA  . SER A 1 88  ? -0.658  12.855  8.425   1.00 14.88 ? 273 SER A CA  1 
ATOM   676  C  C   . SER A 1 88  ? -0.113  12.618  7.028   1.00 14.34 ? 273 SER A C   1 
ATOM   677  O  O   . SER A 1 88  ? 0.871   13.235  6.622   1.00 15.88 ? 273 SER A O   1 
ATOM   678  C  CB  . SER A 1 88  ? -1.789  13.879  8.381   1.00 17.10 ? 273 SER A CB  1 
ATOM   679  O  OG  . SER A 1 88  ? -2.429  13.959  9.643   1.00 23.13 ? 273 SER A OG  1 
ATOM   680  N  N   . PHE A 1 89  ? -0.758  11.723  6.289   1.00 12.26 ? 274 PHE A N   1 
ATOM   681  C  CA  . PHE A 1 89  ? -0.293  11.396  4.952   1.00 12.08 ? 274 PHE A CA  1 
ATOM   682  C  C   . PHE A 1 89  ? -1.430  10.952  4.052   1.00 11.76 ? 274 PHE A C   1 
ATOM   683  O  O   . PHE A 1 89  ? -2.546  10.693  4.506   1.00 11.06 ? 274 PHE A O   1 
ATOM   684  C  CB  . PHE A 1 89  ? 0.706   10.243  5.041   1.00 12.59 ? 274 PHE A CB  1 
ATOM   685  C  CG  . PHE A 1 89  ? 0.074   8.938   5.455   1.00 12.67 ? 274 PHE A CG  1 
ATOM   686  C  CD1 . PHE A 1 89  ? -0.566  8.128   4.518   1.00 12.07 ? 274 PHE A CD1 1 
ATOM   687  C  CD2 . PHE A 1 89  ? 0.059   8.551   6.793   1.00 13.65 ? 274 PHE A CD2 1 
ATOM   688  C  CE1 . PHE A 1 89  ? -1.218  6.956   4.906   1.00 12.48 ? 274 PHE A CE1 1 
ATOM   689  C  CE2 . PHE A 1 89  ? -0.591  7.381   7.193   1.00 15.08 ? 274 PHE A CE2 1 
ATOM   690  C  CZ  . PHE A 1 89  ? -1.230  6.583   6.252   1.00 15.35 ? 274 PHE A CZ  1 
ATOM   691  N  N   . SER A 1 90  ? -1.116  10.852  2.767   1.00 13.08 ? 275 SER A N   1 
ATOM   692  C  CA  . SER A 1 90  ? -2.055  10.357  1.780   1.00 11.82 ? 275 SER A CA  1 
ATOM   693  C  C   . SER A 1 90  ? -1.240  9.456   0.867   1.00 10.99 ? 275 SER A C   1 
ATOM   694  O  O   . SER A 1 90  ? -0.067  9.725   0.596   1.00 12.30 ? 275 SER A O   1 
ATOM   695  C  CB  . SER A 1 90  ? -2.683  11.491  0.964   1.00 14.46 ? 275 SER A CB  1 
ATOM   696  O  OG  . SER A 1 90  ? -1.731  12.110  0.122   1.00 16.88 ? 275 SER A OG  1 
ATOM   697  N  N   . VAL A 1 91  ? -1.851  8.364   0.430   1.00 8.92  ? 276 VAL A N   1 
ATOM   698  C  CA  . VAL A 1 91  ? -1.206  7.431   -0.481  1.00 9.28  ? 276 VAL A CA  1 
ATOM   699  C  C   . VAL A 1 91  ? -2.157  7.250   -1.657  1.00 9.85  ? 276 VAL A C   1 
ATOM   700  O  O   . VAL A 1 91  ? -3.356  7.035   -1.469  1.00 9.97  ? 276 VAL A O   1 
ATOM   701  C  CB  . VAL A 1 91  ? -0.962  6.043   0.170   1.00 8.60  ? 276 VAL A CB  1 
ATOM   702  C  CG1 . VAL A 1 91  ? -0.468  5.055   -0.888  1.00 10.97 ? 276 VAL A CG1 1 
ATOM   703  C  CG2 . VAL A 1 91  ? 0.058   6.154   1.304   1.00 9.80  ? 276 VAL A CG2 1 
ATOM   704  N  N   . TRP A 1 92  ? -1.629  7.379   -2.869  1.00 9.38  ? 277 TRP A N   1 
ATOM   705  C  CA  . TRP A 1 92  ? -2.428  7.184   -4.067  1.00 10.56 ? 277 TRP A CA  1 
ATOM   706  C  C   . TRP A 1 92  ? -1.805  6.035   -4.843  1.00 9.89  ? 277 TRP A C   1 
ATOM   707  O  O   . TRP A 1 92  ? -0.642  6.106   -5.235  1.00 10.43 ? 277 TRP A O   1 
ATOM   708  C  CB  . TRP A 1 92  ? -2.427  8.425   -4.970  1.00 11.07 ? 277 TRP A CB  1 
ATOM   709  C  CG  . TRP A 1 92  ? -2.951  9.691   -4.370  1.00 14.00 ? 277 TRP A CG  1 
ATOM   710  C  CD1 . TRP A 1 92  ? -3.775  9.820   -3.285  1.00 13.41 ? 277 TRP A CD1 1 
ATOM   711  C  CD2 . TRP A 1 92  ? -2.716  11.018  -4.857  1.00 14.82 ? 277 TRP A CD2 1 
ATOM   712  N  NE1 . TRP A 1 92  ? -4.066  11.150  -3.069  1.00 14.37 ? 277 TRP A NE1 1 
ATOM   713  C  CE2 . TRP A 1 92  ? -3.429  11.904  -4.019  1.00 15.50 ? 277 TRP A CE2 1 
ATOM   714  C  CE3 . TRP A 1 92  ? -1.972  11.546  -5.924  1.00 15.67 ? 277 TRP A CE3 1 
ATOM   715  C  CZ2 . TRP A 1 92  ? -3.419  13.290  -4.214  1.00 17.11 ? 277 TRP A CZ2 1 
ATOM   716  C  CZ3 . TRP A 1 92  ? -1.963  12.922  -6.117  1.00 16.86 ? 277 TRP A CZ3 1 
ATOM   717  C  CH2 . TRP A 1 92  ? -2.682  13.777  -5.264  1.00 16.60 ? 277 TRP A CH2 1 
ATOM   718  N  N   . ILE A 1 93  ? -2.570  4.970   -5.041  1.00 9.82  ? 278 ILE A N   1 
ATOM   719  C  CA  . ILE A 1 93  ? -2.093  3.828   -5.806  1.00 9.15  ? 278 ILE A CA  1 
ATOM   720  C  C   . ILE A 1 93  ? -2.882  3.831   -7.103  1.00 11.92 ? 278 ILE A C   1 
ATOM   721  O  O   . ILE A 1 93  ? -4.104  3.672   -7.096  1.00 12.86 ? 278 ILE A O   1 
ATOM   722  C  CB  . ILE A 1 93  ? -2.353  2.496   -5.090  1.00 10.40 ? 278 ILE A CB  1 
ATOM   723  C  CG1 . ILE A 1 93  ? -1.665  2.500   -3.723  1.00 11.31 ? 278 ILE A CG1 1 
ATOM   724  C  CG2 . ILE A 1 93  ? -1.832  1.340   -5.949  1.00 11.29 ? 278 ILE A CG2 1 
ATOM   725  C  CD1 . ILE A 1 93  ? -2.002  1.304   -2.860  1.00 12.90 ? 278 ILE A CD1 1 
ATOM   726  N  N   . LEU A 1 94  ? -2.180  4.027   -8.211  1.00 10.59 ? 279 LEU A N   1 
ATOM   727  C  CA  . LEU A 1 94  ? -2.813  4.050   -9.520  1.00 11.39 ? 279 LEU A CA  1 
ATOM   728  C  C   . LEU A 1 94  ? -2.383  2.812   -10.288 1.00 11.14 ? 279 LEU A C   1 
ATOM   729  O  O   . LEU A 1 94  ? -1.193  2.557   -10.452 1.00 10.96 ? 279 LEU A O   1 
ATOM   730  C  CB  . LEU A 1 94  ? -2.399  5.309   -10.284 1.00 11.53 ? 279 LEU A CB  1 
ATOM   731  C  CG  . LEU A 1 94  ? -2.878  5.409   -11.737 1.00 13.14 ? 279 LEU A CG  1 
ATOM   732  C  CD1 . LEU A 1 94  ? -4.397  5.461   -11.787 1.00 14.62 ? 279 LEU A CD1 1 
ATOM   733  C  CD2 . LEU A 1 94  ? -2.283  6.655   -12.378 1.00 14.73 ? 279 LEU A CD2 1 
ATOM   734  N  N   . CYS A 1 95  ? -3.354  2.030   -10.742 1.00 11.07 ? 280 CYS A N   1 
ATOM   735  C  CA  . CYS A 1 95  ? -3.039  0.830   -11.494 1.00 11.41 ? 280 CYS A CA  1 
ATOM   736  C  C   . CYS A 1 95  ? -2.971  1.138   -12.979 1.00 13.19 ? 280 CYS A C   1 
ATOM   737  O  O   . CYS A 1 95  ? -3.825  1.837   -13.514 1.00 13.29 ? 280 CYS A O   1 
ATOM   738  C  CB  . CYS A 1 95  ? -4.097  -0.247  -11.256 1.00 10.98 ? 280 CYS A CB  1 
ATOM   739  S  SG  . CYS A 1 95  ? -3.710  -1.848  -12.016 1.00 13.10 ? 280 CYS A SG  1 
ATOM   740  N  N   . GLU A 1 96  ? -1.931  0.631   -13.629 1.00 13.31 ? 281 GLU A N   1 
ATOM   741  C  CA  . GLU A 1 96  ? -1.767  0.796   -15.064 1.00 14.98 ? 281 GLU A CA  1 
ATOM   742  C  C   . GLU A 1 96  ? -1.626  -0.611  -15.625 1.00 16.21 ? 281 GLU A C   1 
ATOM   743  O  O   . GLU A 1 96  ? -1.638  -1.580  -14.870 1.00 15.45 ? 281 GLU A O   1 
ATOM   744  C  CB  . GLU A 1 96  ? -0.534  1.646   -15.388 1.00 15.82 ? 281 GLU A CB  1 
ATOM   745  C  CG  . GLU A 1 96  ? -0.716  3.136   -15.097 1.00 20.78 ? 281 GLU A CG  1 
ATOM   746  C  CD  . GLU A 1 96  ? -1.923  3.744   -15.805 1.00 22.60 ? 281 GLU A CD  1 
ATOM   747  O  OE1 . GLU A 1 96  ? -2.555  3.055   -16.634 1.00 24.11 ? 281 GLU A OE1 1 
ATOM   748  O  OE2 . GLU A 1 96  ? -2.241  4.921   -15.533 1.00 25.91 ? 281 GLU A OE2 1 
ATOM   749  N  N   . ALA A 1 97  ? -1.500  -0.732  -16.940 1.00 15.92 ? 282 ALA A N   1 
ATOM   750  C  CA  . ALA A 1 97  ? -1.390  -2.047  -17.558 1.00 16.10 ? 282 ALA A CA  1 
ATOM   751  C  C   . ALA A 1 97  ? -0.153  -2.833  -17.134 1.00 17.07 ? 282 ALA A C   1 
ATOM   752  O  O   . ALA A 1 97  ? -0.227  -4.035  -16.884 1.00 18.55 ? 282 ALA A O   1 
ATOM   753  C  CB  . ALA A 1 97  ? -1.410  -1.902  -19.080 1.00 16.25 ? 282 ALA A CB  1 
ATOM   754  N  N   . HIS A 1 98  ? 0.977   -2.144  -17.037 1.00 18.66 ? 283 HIS A N   1 
ATOM   755  C  CA  . HIS A 1 98  ? 2.240   -2.787  -16.701 1.00 19.21 ? 283 HIS A CA  1 
ATOM   756  C  C   . HIS A 1 98  ? 2.716   -2.664  -15.259 1.00 17.56 ? 283 HIS A C   1 
ATOM   757  O  O   . HIS A 1 98  ? 3.558   -3.444  -14.813 1.00 17.28 ? 283 HIS A O   1 
ATOM   758  C  CB  . HIS A 1 98  ? 3.330   -2.240  -17.620 1.00 22.95 ? 283 HIS A CB  1 
ATOM   759  C  CG  . HIS A 1 98  ? 3.518   -0.757  -17.509 1.00 26.55 ? 283 HIS A CG  1 
ATOM   760  N  ND1 . HIS A 1 98  ? 2.493   0.142   -17.718 1.00 28.72 ? 283 HIS A ND1 1 
ATOM   761  C  CD2 . HIS A 1 98  ? 4.610   -0.017  -17.199 1.00 28.47 ? 283 HIS A CD2 1 
ATOM   762  C  CE1 . HIS A 1 98  ? 2.945   1.371   -17.542 1.00 29.68 ? 283 HIS A CE1 1 
ATOM   763  N  NE2 . HIS A 1 98  ? 4.226   1.303   -17.225 1.00 29.66 ? 283 HIS A NE2 1 
ATOM   764  N  N   . CYS A 1 99  ? 2.187   -1.693  -14.525 1.00 16.19 ? 284 CYS A N   1 
ATOM   765  C  CA  . CYS A 1 99  ? 2.642   -1.501  -13.156 1.00 14.52 ? 284 CYS A CA  1 
ATOM   766  C  C   . CYS A 1 99  ? 1.677   -0.710  -12.306 1.00 12.81 ? 284 CYS A C   1 
ATOM   767  O  O   . CYS A 1 99  ? 0.664   -0.210  -12.785 1.00 13.07 ? 284 CYS A O   1 
ATOM   768  C  CB  . CYS A 1 99  ? 3.966   -0.739  -13.161 1.00 15.47 ? 284 CYS A CB  1 
ATOM   769  S  SG  . CYS A 1 99  ? 3.787   1.006   -13.659 1.00 18.40 ? 284 CYS A SG  1 
ATOM   770  N  N   . LEU A 1 100 ? 2.025   -0.609  -11.028 1.00 11.82 ? 285 LEU A N   1 
ATOM   771  C  CA  . LEU A 1 100 ? 1.269   0.182   -10.077 1.00 10.49 ? 285 LEU A CA  1 
ATOM   772  C  C   . LEU A 1 100 ? 2.121   1.430   -9.900  1.00 11.84 ? 285 LEU A C   1 
ATOM   773  O  O   . LEU A 1 100 ? 3.346   1.339   -9.809  1.00 12.79 ? 285 LEU A O   1 
ATOM   774  C  CB  . LEU A 1 100 ? 1.169   -0.525  -8.725  1.00 11.76 ? 285 LEU A CB  1 
ATOM   775  C  CG  . LEU A 1 100 ? 0.369   -1.816  -8.613  1.00 10.51 ? 285 LEU A CG  1 
ATOM   776  C  CD1 . LEU A 1 100 ? 0.534   -2.386  -7.209  1.00 13.78 ? 285 LEU A CD1 1 
ATOM   777  C  CD2 . LEU A 1 100 ? -1.099  -1.537  -8.907  1.00 13.28 ? 285 LEU A CD2 1 
ATOM   778  N  N   . LYS A 1 101 ? 1.485   2.593   -9.877  1.00 11.24 ? 286 LYS A N   1 
ATOM   779  C  CA  . LYS A 1 101 ? 2.210   3.837   -9.658  1.00 12.19 ? 286 LYS A CA  1 
ATOM   780  C  C   . LYS A 1 101 ? 1.748   4.329   -8.296  1.00 12.27 ? 286 LYS A C   1 
ATOM   781  O  O   . LYS A 1 101 ? 0.548   4.449   -8.042  1.00 13.14 ? 286 LYS A O   1 
ATOM   782  C  CB  . LYS A 1 101 ? 1.891   4.858   -10.750 1.00 12.98 ? 286 LYS A CB  1 
ATOM   783  C  CG  . LYS A 1 101 ? 2.403   4.444   -12.123 1.00 17.20 ? 286 LYS A CG  1 
ATOM   784  C  CD  . LYS A 1 101 ? 2.225   5.550   -13.147 1.00 20.24 ? 286 LYS A CD  1 
ATOM   785  C  CE  . LYS A 1 101 ? 2.843   5.159   -14.480 1.00 24.45 ? 286 LYS A CE  1 
ATOM   786  N  NZ  . LYS A 1 101 ? 2.661   6.228   -15.500 1.00 27.81 ? 286 LYS A NZ  1 
ATOM   787  N  N   . VAL A 1 102 ? 2.704   4.597   -7.415  1.00 10.32 ? 287 VAL A N   1 
ATOM   788  C  CA  . VAL A 1 102 ? 2.382   5.042   -6.070  1.00 10.61 ? 287 VAL A CA  1 
ATOM   789  C  C   . VAL A 1 102 ? 2.901   6.434   -5.749  1.00 9.64  ? 287 VAL A C   1 
ATOM   790  O  O   . VAL A 1 102 ? 4.083   6.731   -5.929  1.00 9.27  ? 287 VAL A O   1 
ATOM   791  C  CB  . VAL A 1 102 ? 2.943   4.046   -5.032  1.00 10.24 ? 287 VAL A CB  1 
ATOM   792  C  CG1 . VAL A 1 102 ? 2.588   4.495   -3.614  1.00 10.35 ? 287 VAL A CG1 1 
ATOM   793  C  CG2 . VAL A 1 102 ? 2.387   2.652   -5.315  1.00 11.17 ? 287 VAL A CG2 1 
ATOM   794  N  N   . ALA A 1 103 ? 1.993   7.289   -5.286  1.00 9.67  ? 288 ALA A N   1 
ATOM   795  C  CA  . ALA A 1 103 ? 2.349   8.642   -4.889  1.00 9.04  ? 288 ALA A CA  1 
ATOM   796  C  C   . ALA A 1 103 ? 2.078   8.775   -3.394  1.00 9.32  ? 288 ALA A C   1 
ATOM   797  O  O   . ALA A 1 103 ? 1.207   8.098   -2.847  1.00 9.08  ? 288 ALA A O   1 
ATOM   798  C  CB  . ALA A 1 103 ? 1.517   9.660   -5.658  1.00 10.42 ? 288 ALA A CB  1 
ATOM   799  N  N   . VAL A 1 104 ? 2.852   9.629   -2.733  1.00 9.77  ? 289 VAL A N   1 
ATOM   800  C  CA  . VAL A 1 104 ? 2.670   9.887   -1.315  1.00 10.22 ? 289 VAL A CA  1 
ATOM   801  C  C   . VAL A 1 104 ? 2.600   11.402  -1.167  1.00 11.23 ? 289 VAL A C   1 
ATOM   802  O  O   . VAL A 1 104 ? 3.426   12.132  -1.720  1.00 11.40 ? 289 VAL A O   1 
ATOM   803  C  CB  . VAL A 1 104 ? 3.835   9.317   -0.462  1.00 10.19 ? 289 VAL A CB  1 
ATOM   804  C  CG1 . VAL A 1 104 ? 3.634   9.690   1.010   1.00 11.40 ? 289 VAL A CG1 1 
ATOM   805  C  CG2 . VAL A 1 104 ? 3.887   7.794   -0.597  1.00 10.06 ? 289 VAL A CG2 1 
ATOM   806  N  N   . ASP A 1 105 ? 1.594   11.865  -0.434  1.00 10.77 ? 290 ASP A N   1 
ATOM   807  C  CA  . ASP A 1 105 ? 1.387   13.289  -0.220  1.00 11.39 ? 290 ASP A CA  1 
ATOM   808  C  C   . ASP A 1 105 ? 1.365   14.084  -1.521  1.00 11.48 ? 290 ASP A C   1 
ATOM   809  O  O   . ASP A 1 105 ? 1.945   15.170  -1.623  1.00 13.19 ? 290 ASP A O   1 
ATOM   810  C  CB  . ASP A 1 105 ? 2.442   13.843  0.743   1.00 12.47 ? 290 ASP A CB  1 
ATOM   811  C  CG  . ASP A 1 105 ? 2.305   13.265  2.144   1.00 12.60 ? 290 ASP A CG  1 
ATOM   812  O  OD1 . ASP A 1 105 ? 1.203   12.785  2.482   1.00 13.67 ? 290 ASP A OD1 1 
ATOM   813  O  OD2 . ASP A 1 105 ? 3.288   13.300  2.910   1.00 18.87 ? 290 ASP A OD2 1 
ATOM   814  N  N   . GLY A 1 106 ? 0.684   13.521  -2.517  1.00 12.38 ? 291 GLY A N   1 
ATOM   815  C  CA  . GLY A 1 106 ? 0.531   14.179  -3.805  1.00 13.34 ? 291 GLY A CA  1 
ATOM   816  C  C   . GLY A 1 106 ? 1.694   14.132  -4.774  1.00 13.38 ? 291 GLY A C   1 
ATOM   817  O  O   . GLY A 1 106 ? 1.616   14.714  -5.857  1.00 15.31 ? 291 GLY A O   1 
ATOM   818  N  N   . GLN A 1 107 ? 2.763   13.434  -4.407  1.00 12.37 ? 292 GLN A N   1 
ATOM   819  C  CA  . GLN A 1 107 ? 3.935   13.353  -5.268  1.00 11.64 ? 292 GLN A CA  1 
ATOM   820  C  C   . GLN A 1 107 ? 4.320   11.914  -5.596  1.00 11.17 ? 292 GLN A C   1 
ATOM   821  O  O   . GLN A 1 107 ? 4.463   11.083  -4.703  1.00 11.32 ? 292 GLN A O   1 
ATOM   822  C  CB  . GLN A 1 107 ? 5.117   14.049  -4.593  1.00 12.66 ? 292 GLN A CB  1 
ATOM   823  C  CG  . GLN A 1 107 ? 6.368   14.105  -5.448  1.00 13.31 ? 292 GLN A CG  1 
ATOM   824  C  CD  . GLN A 1 107 ? 7.542   14.746  -4.736  1.00 14.01 ? 292 GLN A CD  1 
ATOM   825  O  OE1 . GLN A 1 107 ? 7.466   15.080  -3.552  1.00 17.07 ? 292 GLN A OE1 1 
ATOM   826  N  NE2 . GLN A 1 107 ? 8.641   14.916  -5.455  1.00 15.99 ? 292 GLN A NE2 1 
ATOM   827  N  N   . HIS A 1 108 ? 4.491   11.629  -6.882  1.00 9.94  ? 293 HIS A N   1 
ATOM   828  C  CA  . HIS A 1 108 ? 4.877   10.292  -7.322  1.00 9.84  ? 293 HIS A CA  1 
ATOM   829  C  C   . HIS A 1 108 ? 6.131   9.841   -6.580  1.00 10.51 ? 293 HIS A C   1 
ATOM   830  O  O   . HIS A 1 108 ? 7.102   10.593  -6.478  1.00 11.99 ? 293 HIS A O   1 
ATOM   831  C  CB  . HIS A 1 108 ? 5.168   10.288  -8.821  1.00 11.90 ? 293 HIS A CB  1 
ATOM   832  C  CG  . HIS A 1 108 ? 5.620   8.960   -9.335  1.00 12.03 ? 293 HIS A CG  1 
ATOM   833  N  ND1 . HIS A 1 108 ? 4.778   7.873   -9.421  1.00 12.91 ? 293 HIS A ND1 1 
ATOM   834  C  CD2 . HIS A 1 108 ? 6.835   8.530   -9.747  1.00 12.39 ? 293 HIS A CD2 1 
ATOM   835  C  CE1 . HIS A 1 108 ? 5.456   6.830   -9.864  1.00 13.32 ? 293 HIS A CE1 1 
ATOM   836  N  NE2 . HIS A 1 108 ? 6.707   7.201   -10.069 1.00 14.02 ? 293 HIS A NE2 1 
ATOM   837  N  N   . LEU A 1 109 ? 6.115   8.609   -6.077  1.00 9.26  ? 294 LEU A N   1 
ATOM   838  C  CA  . LEU A 1 109 ? 7.252   8.073   -5.345  1.00 10.60 ? 294 LEU A CA  1 
ATOM   839  C  C   . LEU A 1 109 ? 7.944   6.911   -6.068  1.00 9.67  ? 294 LEU A C   1 
ATOM   840  O  O   . LEU A 1 109 ? 9.161   6.910   -6.204  1.00 10.84 ? 294 LEU A O   1 
ATOM   841  C  CB  . LEU A 1 109 ? 6.821   7.622   -3.941  1.00 10.65 ? 294 LEU A CB  1 
ATOM   842  C  CG  . LEU A 1 109 ? 7.961   7.216   -2.996  1.00 10.81 ? 294 LEU A CG  1 
ATOM   843  C  CD1 . LEU A 1 109 ? 8.858   8.426   -2.717  1.00 11.71 ? 294 LEU A CD1 1 
ATOM   844  C  CD2 . LEU A 1 109 ? 7.384   6.680   -1.691  1.00 10.54 ? 294 LEU A CD2 1 
ATOM   845  N  N   . PHE A 1 110 ? 7.180   5.923   -6.519  1.00 9.53  ? 295 PHE A N   1 
ATOM   846  C  CA  . PHE A 1 110 ? 7.777   4.786   -7.212  1.00 8.78  ? 295 PHE A CA  1 
ATOM   847  C  C   . PHE A 1 110 ? 6.765   4.026   -8.052  1.00 9.98  ? 295 PHE A C   1 
ATOM   848  O  O   . PHE A 1 110 ? 5.557   4.257   -7.964  1.00 9.03  ? 295 PHE A O   1 
ATOM   849  C  CB  . PHE A 1 110 ? 8.420   3.819   -6.197  1.00 9.05  ? 295 PHE A CB  1 
ATOM   850  C  CG  . PHE A 1 110 ? 7.427   3.164   -5.257  1.00 7.87  ? 295 PHE A CG  1 
ATOM   851  C  CD1 . PHE A 1 110 ? 6.626   2.107   -5.686  1.00 8.08  ? 295 PHE A CD1 1 
ATOM   852  C  CD2 . PHE A 1 110 ? 7.267   3.635   -3.961  1.00 9.35  ? 295 PHE A CD2 1 
ATOM   853  C  CE1 . PHE A 1 110 ? 5.677   1.530   -4.837  1.00 8.68  ? 295 PHE A CE1 1 
ATOM   854  C  CE2 . PHE A 1 110 ? 6.321   3.063   -3.107  1.00 8.74  ? 295 PHE A CE2 1 
ATOM   855  C  CZ  . PHE A 1 110 ? 5.526   2.011   -3.547  1.00 9.68  ? 295 PHE A CZ  1 
ATOM   856  N  N   . GLU A 1 111 ? 7.279   3.121   -8.875  1.00 11.68 ? 296 GLU A N   1 
ATOM   857  C  CA  . GLU A 1 111 ? 6.448   2.263   -9.702  1.00 12.31 ? 296 GLU A CA  1 
ATOM   858  C  C   . GLU A 1 111 ? 6.757   0.843   -9.242  1.00 11.33 ? 296 GLU A C   1 
ATOM   859  O  O   . GLU A 1 111 ? 7.859   0.567   -8.769  1.00 11.12 ? 296 GLU A O   1 
ATOM   860  C  CB  . GLU A 1 111 ? 6.809   2.406   -11.183 1.00 16.63 ? 296 GLU A CB  1 
ATOM   861  C  CG  . GLU A 1 111 ? 6.678   3.814   -11.730 1.00 22.33 ? 296 GLU A CG  1 
ATOM   862  C  CD  . GLU A 1 111 ? 7.043   3.893   -13.196 1.00 26.32 ? 296 GLU A CD  1 
ATOM   863  O  OE1 . GLU A 1 111 ? 8.155   3.450   -13.553 1.00 29.76 ? 296 GLU A OE1 1 
ATOM   864  O  OE2 . GLU A 1 111 ? 6.221   4.396   -13.989 1.00 29.14 ? 296 GLU A OE2 1 
ATOM   865  N  N   . TYR A 1 112 ? 5.780   -0.046  -9.364  1.00 10.54 ? 297 TYR A N   1 
ATOM   866  C  CA  . TYR A 1 112 ? 5.956   -1.444  -8.985  1.00 11.20 ? 297 TYR A CA  1 
ATOM   867  C  C   . TYR A 1 112 ? 5.387   -2.276  -10.124 1.00 12.23 ? 297 TYR A C   1 
ATOM   868  O  O   . TYR A 1 112 ? 4.176   -2.304  -10.332 1.00 10.00 ? 297 TYR A O   1 
ATOM   869  C  CB  . TYR A 1 112 ? 5.189   -1.751  -7.698  1.00 11.45 ? 297 TYR A CB  1 
ATOM   870  C  CG  . TYR A 1 112 ? 5.457   -3.123  -7.108  1.00 10.20 ? 297 TYR A CG  1 
ATOM   871  C  CD1 . TYR A 1 112 ? 6.523   -3.330  -6.230  1.00 9.75  ? 297 TYR A CD1 1 
ATOM   872  C  CD2 . TYR A 1 112 ? 4.614   -4.198  -7.384  1.00 9.31  ? 297 TYR A CD2 1 
ATOM   873  C  CE1 . TYR A 1 112 ? 6.739   -4.569  -5.634  1.00 9.73  ? 297 TYR A CE1 1 
ATOM   874  C  CE2 . TYR A 1 112 ? 4.819   -5.446  -6.793  1.00 10.13 ? 297 TYR A CE2 1 
ATOM   875  C  CZ  . TYR A 1 112 ? 5.879   -5.620  -5.916  1.00 9.33  ? 297 TYR A CZ  1 
ATOM   876  O  OH  . TYR A 1 112 ? 6.065   -6.837  -5.301  1.00 10.62 ? 297 TYR A OH  1 
ATOM   877  N  N   . TYR A 1 113 ? 6.258   -2.949  -10.867 1.00 11.71 ? 298 TYR A N   1 
ATOM   878  C  CA  . TYR A 1 113 ? 5.809   -3.774  -11.976 1.00 12.61 ? 298 TYR A CA  1 
ATOM   879  C  C   . TYR A 1 113 ? 4.984   -4.937  -11.457 1.00 12.02 ? 298 TYR A C   1 
ATOM   880  O  O   . TYR A 1 113 ? 5.356   -5.585  -10.477 1.00 12.10 ? 298 TYR A O   1 
ATOM   881  C  CB  . TYR A 1 113 ? 7.013   -4.277  -12.777 1.00 14.79 ? 298 TYR A CB  1 
ATOM   882  C  CG  . TYR A 1 113 ? 7.531   -3.250  -13.750 1.00 18.60 ? 298 TYR A CG  1 
ATOM   883  C  CD1 . TYR A 1 113 ? 6.967   -3.122  -15.018 1.00 21.57 ? 298 TYR A CD1 1 
ATOM   884  C  CD2 . TYR A 1 113 ? 8.547   -2.366  -13.388 1.00 22.89 ? 298 TYR A CD2 1 
ATOM   885  C  CE1 . TYR A 1 113 ? 7.398   -2.139  -15.902 1.00 25.64 ? 298 TYR A CE1 1 
ATOM   886  C  CE2 . TYR A 1 113 ? 8.984   -1.375  -14.264 1.00 27.34 ? 298 TYR A CE2 1 
ATOM   887  C  CZ  . TYR A 1 113 ? 8.404   -1.269  -15.520 1.00 27.70 ? 298 TYR A CZ  1 
ATOM   888  O  OH  . TYR A 1 113 ? 8.825   -0.289  -16.391 1.00 31.44 ? 298 TYR A OH  1 
ATOM   889  N  N   . HIS A 1 114 ? 3.853   -5.193  -12.108 1.00 12.03 ? 299 HIS A N   1 
ATOM   890  C  CA  . HIS A 1 114 ? 2.970   -6.274  -11.689 1.00 11.81 ? 299 HIS A CA  1 
ATOM   891  C  C   . HIS A 1 114 ? 3.666   -7.628  -11.668 1.00 12.53 ? 299 HIS A C   1 
ATOM   892  O  O   . HIS A 1 114 ? 4.337   -8.011  -12.633 1.00 12.65 ? 299 HIS A O   1 
ATOM   893  C  CB  . HIS A 1 114 ? 1.761   -6.391  -12.620 1.00 12.53 ? 299 HIS A CB  1 
ATOM   894  C  CG  . HIS A 1 114 ? 0.871   -5.189  -12.632 1.00 12.56 ? 299 HIS A CG  1 
ATOM   895  N  ND1 . HIS A 1 114 ? 0.369   -4.621  -11.481 1.00 12.95 ? 299 HIS A ND1 1 
ATOM   896  C  CD2 . HIS A 1 114 ? 0.347   -4.482  -13.662 1.00 12.82 ? 299 HIS A CD2 1 
ATOM   897  C  CE1 . HIS A 1 114 ? -0.428  -3.617  -11.801 1.00 12.32 ? 299 HIS A CE1 1 
ATOM   898  N  NE2 . HIS A 1 114 ? -0.459  -3.512  -13.117 1.00 14.24 ? 299 HIS A NE2 1 
ATOM   899  N  N   . ARG A 1 115 ? 3.496   -8.352  -10.565 1.00 12.02 ? 300 ARG A N   1 
ATOM   900  C  CA  . ARG A 1 115 ? 4.061   -9.690  -10.437 1.00 12.47 ? 300 ARG A CA  1 
ATOM   901  C  C   . ARG A 1 115 ? 2.889   -10.662 -10.560 1.00 13.82 ? 300 ARG A C   1 
ATOM   902  O  O   . ARG A 1 115 ? 3.026   -11.759 -11.107 1.00 15.78 ? 300 ARG A O   1 
ATOM   903  C  CB  . ARG A 1 115 ? 4.782   -9.847  -9.098  1.00 9.95  ? 300 ARG A CB  1 
ATOM   904  C  CG  . ARG A 1 115 ? 5.965   -8.906  -8.949  1.00 11.13 ? 300 ARG A CG  1 
ATOM   905  C  CD  . ARG A 1 115 ? 6.847   -9.308  -7.788  1.00 10.70 ? 300 ARG A CD  1 
ATOM   906  N  NE  . ARG A 1 115 ? 7.732   -8.224  -7.375  1.00 11.32 ? 300 ARG A NE  1 
ATOM   907  C  CZ  . ARG A 1 115 ? 8.475   -8.262  -6.274  1.00 11.11 ? 300 ARG A CZ  1 
ATOM   908  N  NH1 . ARG A 1 115 ? 8.441   -9.332  -5.494  1.00 11.14 ? 300 ARG A NH1 1 
ATOM   909  N  NH2 . ARG A 1 115 ? 9.217   -7.219  -5.929  1.00 10.98 ? 300 ARG A NH2 1 
ATOM   910  N  N   . LEU A 1 116 ? 1.739   -10.246 -10.041 1.00 13.79 ? 301 LEU A N   1 
ATOM   911  C  CA  . LEU A 1 116 ? 0.505   -11.019 -10.146 1.00 14.81 ? 301 LEU A CA  1 
ATOM   912  C  C   . LEU A 1 116 ? -0.218  -10.186 -11.207 1.00 15.52 ? 301 LEU A C   1 
ATOM   913  O  O   . LEU A 1 116 ? -0.719  -9.097  -10.926 1.00 14.79 ? 301 LEU A O   1 
ATOM   914  C  CB  . LEU A 1 116 ? -0.253  -11.009 -8.817  1.00 18.33 ? 301 LEU A CB  1 
ATOM   915  C  CG  . LEU A 1 116 ? -0.975  -12.308 -8.453  1.00 20.84 ? 301 LEU A CG  1 
ATOM   916  C  CD1 . LEU A 1 116 ? 0.006   -13.474 -8.522  1.00 23.70 ? 301 LEU A CD1 1 
ATOM   917  C  CD2 . LEU A 1 116 ? -1.562  -12.195 -7.053  1.00 22.24 ? 301 LEU A CD2 1 
ATOM   918  N  N   . ARG A 1 117 ? -0.248  -10.698 -12.433 1.00 15.17 ? 302 ARG A N   1 
ATOM   919  C  CA  . ARG A 1 117 ? -0.820  -9.970  -13.557 1.00 16.08 ? 302 ARG A CA  1 
ATOM   920  C  C   . ARG A 1 117 ? -2.310  -10.053 -13.862 1.00 16.13 ? 302 ARG A C   1 
ATOM   921  O  O   . ARG A 1 117 ? -2.810  -9.262  -14.665 1.00 17.05 ? 302 ARG A O   1 
ATOM   922  C  CB  . ARG A 1 117 ? -0.033  -10.324 -14.817 1.00 17.66 ? 302 ARG A CB  1 
ATOM   923  C  CG  . ARG A 1 117 ? 1.450   -10.015 -14.713 1.00 19.05 ? 302 ARG A CG  1 
ATOM   924  C  CD  . ARG A 1 117 ? 2.146   -10.378 -16.005 1.00 22.34 ? 302 ARG A CD  1 
ATOM   925  N  NE  . ARG A 1 117 ? 1.612   -9.608  -17.123 1.00 26.91 ? 302 ARG A NE  1 
ATOM   926  C  CZ  . ARG A 1 117 ? 1.782   -9.930  -18.400 1.00 27.94 ? 302 ARG A CZ  1 
ATOM   927  N  NH1 . ARG A 1 117 ? 1.262   -9.169  -19.354 1.00 28.85 ? 302 ARG A NH1 1 
ATOM   928  N  NH2 . ARG A 1 117 ? 2.464   -11.021 -18.721 1.00 30.89 ? 302 ARG A NH2 1 
ATOM   929  N  N   . ASN A 1 118 ? -3.025  -10.996 -13.259 1.00 15.77 ? 303 ASN A N   1 
ATOM   930  C  CA  . ASN A 1 118 ? -4.459  -11.088 -13.515 1.00 17.15 ? 303 ASN A CA  1 
ATOM   931  C  C   . ASN A 1 118 ? -5.095  -10.019 -12.625 1.00 16.03 ? 303 ASN A C   1 
ATOM   932  O  O   . ASN A 1 118 ? -5.623  -10.318 -11.555 1.00 16.33 ? 303 ASN A O   1 
ATOM   933  C  CB  . ASN A 1 118 ? -4.987  -12.474 -13.142 1.00 18.80 ? 303 ASN A CB  1 
ATOM   934  C  CG  . ASN A 1 118 ? -6.343  -12.760 -13.755 1.00 21.29 ? 303 ASN A CG  1 
ATOM   935  O  OD1 . ASN A 1 118 ? -7.117  -11.843 -14.029 1.00 23.72 ? 303 ASN A OD1 1 
ATOM   936  N  ND2 . ASN A 1 118 ? -6.642  -14.038 -13.965 1.00 23.81 ? 303 ASN A ND2 1 
ATOM   937  N  N   . LEU A 1 119 ? -5.037  -8.775  -13.087 1.00 16.30 ? 304 LEU A N   1 
ATOM   938  C  CA  . LEU A 1 119 ? -5.533  -7.632  -12.324 1.00 16.12 ? 304 LEU A CA  1 
ATOM   939  C  C   . LEU A 1 119 ? -6.937  -7.716  -11.718 1.00 16.90 ? 304 LEU A C   1 
ATOM   940  O  O   . LEU A 1 119 ? -7.134  -7.344  -10.559 1.00 14.64 ? 304 LEU A O   1 
ATOM   941  C  CB  . LEU A 1 119 ? -5.397  -6.360  -13.167 1.00 14.83 ? 304 LEU A CB  1 
ATOM   942  C  CG  . LEU A 1 119 ? -3.982  -6.097  -13.709 1.00 14.08 ? 304 LEU A CG  1 
ATOM   943  C  CD1 . LEU A 1 119 ? -3.949  -4.742  -14.400 1.00 14.78 ? 304 LEU A CD1 1 
ATOM   944  C  CD2 . LEU A 1 119 ? -2.958  -6.131  -12.573 1.00 14.53 ? 304 LEU A CD2 1 
ATOM   945  N  N   . PRO A 1 120 ? -7.930  -8.197  -12.481 1.00 16.87 ? 305 PRO A N   1 
ATOM   946  C  CA  . PRO A 1 120 ? -9.281  -8.285  -11.920 1.00 17.63 ? 305 PRO A CA  1 
ATOM   947  C  C   . PRO A 1 120 ? -9.398  -9.177  -10.684 1.00 16.90 ? 305 PRO A C   1 
ATOM   948  O  O   . PRO A 1 120 ? -10.337 -9.032  -9.900  1.00 17.35 ? 305 PRO A O   1 
ATOM   949  C  CB  . PRO A 1 120 ? -10.106 -8.813  -13.092 1.00 18.07 ? 305 PRO A CB  1 
ATOM   950  C  CG  . PRO A 1 120 ? -9.395  -8.226  -14.280 1.00 19.05 ? 305 PRO A CG  1 
ATOM   951  C  CD  . PRO A 1 120 ? -7.945  -8.473  -13.929 1.00 18.34 ? 305 PRO A CD  1 
ATOM   952  N  N   . THR A 1 121 ? -8.446  -10.090 -10.507 1.00 15.99 ? 306 THR A N   1 
ATOM   953  C  CA  . THR A 1 121 ? -8.469  -10.998 -9.365  1.00 15.83 ? 306 THR A CA  1 
ATOM   954  C  C   . THR A 1 121 ? -7.902  -10.379 -8.090  1.00 14.10 ? 306 THR A C   1 
ATOM   955  O  O   . THR A 1 121 ? -8.007  -10.961 -7.013  1.00 15.65 ? 306 THR A O   1 
ATOM   956  C  CB  . THR A 1 121 ? -7.697  -12.303 -9.658  1.00 16.37 ? 306 THR A CB  1 
ATOM   957  O  OG1 . THR A 1 121 ? -6.298  -12.021 -9.765  1.00 17.22 ? 306 THR A OG1 1 
ATOM   958  C  CG2 . THR A 1 121 ? -8.187  -12.922 -10.961 1.00 18.57 ? 306 THR A CG2 1 
ATOM   959  N  N   . ILE A 1 122 ? -7.290  -9.206  -8.218  1.00 13.07 ? 307 ILE A N   1 
ATOM   960  C  CA  . ILE A 1 122 ? -6.739  -8.505  -7.059  1.00 12.66 ? 307 ILE A CA  1 
ATOM   961  C  C   . ILE A 1 122 ? -7.927  -7.701  -6.540  1.00 12.36 ? 307 ILE A C   1 
ATOM   962  O  O   . ILE A 1 122 ? -8.118  -6.537  -6.895  1.00 13.46 ? 307 ILE A O   1 
ATOM   963  C  CB  . ILE A 1 122 ? -5.579  -7.583  -7.486  1.00 11.18 ? 307 ILE A CB  1 
ATOM   964  C  CG1 . ILE A 1 122 ? -4.520  -8.419  -8.213  1.00 10.47 ? 307 ILE A CG1 1 
ATOM   965  C  CG2 . ILE A 1 122 ? -4.982  -6.888  -6.266  1.00 12.94 ? 307 ILE A CG2 1 
ATOM   966  C  CD1 . ILE A 1 122 ? -3.378  -7.625  -8.815  1.00 10.89 ? 307 ILE A CD1 1 
ATOM   967  N  N   . ASN A 1 123 ? -8.732  -8.338  -5.695  1.00 12.66 ? 308 ASN A N   1 
ATOM   968  C  CA  . ASN A 1 123 ? -9.951  -7.715  -5.204  1.00 13.99 ? 308 ASN A CA  1 
ATOM   969  C  C   . ASN A 1 123 ? -10.119 -7.536  -3.705  1.00 13.66 ? 308 ASN A C   1 
ATOM   970  O  O   . ASN A 1 123 ? -11.248 -7.482  -3.218  1.00 13.39 ? 308 ASN A O   1 
ATOM   971  C  CB  . ASN A 1 123 ? -11.153 -8.495  -5.740  1.00 16.16 ? 308 ASN A CB  1 
ATOM   972  C  CG  . ASN A 1 123 ? -11.199 -9.919  -5.214  1.00 18.57 ? 308 ASN A CG  1 
ATOM   973  O  OD1 . ASN A 1 123 ? -10.317 -10.350 -4.469  1.00 18.16 ? 308 ASN A OD1 1 
ATOM   974  N  ND2 . ASN A 1 123 ? -12.234 -10.658 -5.600  1.00 21.64 ? 308 ASN A ND2 1 
ATOM   975  N  N   . ARG A 1 124 ? -9.021  -7.438  -2.971  1.00 12.76 ? 309 ARG A N   1 
ATOM   976  C  CA  . ARG A 1 124 ? -9.130  -7.231  -1.537  1.00 12.80 ? 309 ARG A CA  1 
ATOM   977  C  C   . ARG A 1 124 ? -8.042  -6.289  -1.057  1.00 11.37 ? 309 ARG A C   1 
ATOM   978  O  O   . ARG A 1 124 ? -6.892  -6.375  -1.484  1.00 12.00 ? 309 ARG A O   1 
ATOM   979  C  CB  . ARG A 1 124 ? -9.044  -8.560  -0.780  1.00 14.07 ? 309 ARG A CB  1 
ATOM   980  C  CG  . ARG A 1 124 ? -9.360  -8.434  0.706   1.00 16.79 ? 309 ARG A CG  1 
ATOM   981  C  CD  . ARG A 1 124 ? -9.419  -9.787  1.415   1.00 17.79 ? 309 ARG A CD  1 
ATOM   982  N  NE  . ARG A 1 124 ? -8.102  -10.362 1.676   1.00 18.69 ? 309 ARG A NE  1 
ATOM   983  C  CZ  . ARG A 1 124 ? -7.565  -11.370 0.995   1.00 19.88 ? 309 ARG A CZ  1 
ATOM   984  N  NH1 . ARG A 1 124 ? -8.226  -11.936 -0.006  1.00 18.26 ? 309 ARG A NH1 1 
ATOM   985  N  NH2 . ARG A 1 124 ? -6.363  -11.820 1.326   1.00 21.97 ? 309 ARG A NH2 1 
ATOM   986  N  N   . LEU A 1 125 ? -8.430  -5.372  -0.180  1.00 10.68 ? 310 LEU A N   1 
ATOM   987  C  CA  . LEU A 1 125 ? -7.505  -4.407  0.393   1.00 10.38 ? 310 LEU A CA  1 
ATOM   988  C  C   . LEU A 1 125 ? -7.387  -4.682  1.883   1.00 10.47 ? 310 LEU A C   1 
ATOM   989  O  O   . LEU A 1 125 ? -8.394  -4.876  2.565   1.00 11.80 ? 310 LEU A O   1 
ATOM   990  C  CB  . LEU A 1 125 ? -8.033  -2.985  0.195   1.00 10.81 ? 310 LEU A CB  1 
ATOM   991  C  CG  . LEU A 1 125 ? -7.350  -1.878  1.007   1.00 11.00 ? 310 LEU A CG  1 
ATOM   992  C  CD1 . LEU A 1 125 ? -5.926  -1.686  0.508   1.00 11.20 ? 310 LEU A CD1 1 
ATOM   993  C  CD2 . LEU A 1 125 ? -8.134  -0.578  0.875   1.00 11.41 ? 310 LEU A CD2 1 
ATOM   994  N  N   . GLU A 1 126 ? -6.161  -4.712  2.388   1.00 10.70 ? 311 GLU A N   1 
ATOM   995  C  CA  . GLU A 1 126 ? -5.935  -4.923  3.812   1.00 11.38 ? 311 GLU A CA  1 
ATOM   996  C  C   . GLU A 1 126 ? -4.949  -3.872  4.293   1.00 11.20 ? 311 GLU A C   1 
ATOM   997  O  O   . GLU A 1 126 ? -3.907  -3.657  3.673   1.00 13.47 ? 311 GLU A O   1 
ATOM   998  C  CB  . GLU A 1 126 ? -5.363  -6.316  4.081   1.00 13.87 ? 311 GLU A CB  1 
ATOM   999  C  CG  . GLU A 1 126 ? -6.181  -7.441  3.486   1.00 19.22 ? 311 GLU A CG  1 
ATOM   1000 C  CD  . GLU A 1 126 ? -5.682  -8.805  3.912   1.00 25.37 ? 311 GLU A CD  1 
ATOM   1001 O  OE1 . GLU A 1 126 ? -4.449  -9.020  3.900   1.00 29.55 ? 311 GLU A OE1 1 
ATOM   1002 O  OE2 . GLU A 1 126 ? -6.524  -9.662  4.248   1.00 28.31 ? 311 GLU A OE2 1 
ATOM   1003 N  N   . VAL A 1 127 ? -5.286  -3.207  5.390   1.00 11.12 ? 312 VAL A N   1 
ATOM   1004 C  CA  . VAL A 1 127 ? -4.419  -2.183  5.958   1.00 10.10 ? 312 VAL A CA  1 
ATOM   1005 C  C   . VAL A 1 127 ? -4.167  -2.560  7.410   1.00 11.78 ? 312 VAL A C   1 
ATOM   1006 O  O   . VAL A 1 127 ? -5.096  -2.915  8.131   1.00 13.49 ? 312 VAL A O   1 
ATOM   1007 C  CB  . VAL A 1 127 ? -5.090  -0.792  5.926   1.00 10.05 ? 312 VAL A CB  1 
ATOM   1008 C  CG1 . VAL A 1 127 ? -4.115  0.272   6.427   1.00 10.61 ? 312 VAL A CG1 1 
ATOM   1009 C  CG2 . VAL A 1 127 ? -5.563  -0.471  4.518   1.00 11.03 ? 312 VAL A CG2 1 
ATOM   1010 N  N   . GLY A 1 128 ? -2.914  -2.495  7.840   1.00 10.19 ? 313 GLY A N   1 
ATOM   1011 C  CA  . GLY A 1 128 ? -2.615  -2.832  9.220   1.00 10.37 ? 313 GLY A CA  1 
ATOM   1012 C  C   . GLY A 1 128 ? -1.403  -2.087  9.728   1.00 10.29 ? 313 GLY A C   1 
ATOM   1013 O  O   . GLY A 1 128 ? -0.704  -1.429  8.966   1.00 10.12 ? 313 GLY A O   1 
ATOM   1014 N  N   . GLY A 1 129 ? -1.151  -2.160  11.026  1.00 9.95  ? 314 GLY A N   1 
ATOM   1015 C  CA  . GLY A 1 129 ? 0.022   -1.483  11.527  1.00 10.39 ? 314 GLY A CA  1 
ATOM   1016 C  C   . GLY A 1 129 ? -0.184  -0.220  12.325  1.00 9.80  ? 314 GLY A C   1 
ATOM   1017 O  O   . GLY A 1 129 ? -1.297  0.132   12.709  1.00 10.70 ? 314 GLY A O   1 
ATOM   1018 N  N   . ASP A 1 130 ? 0.920   0.488   12.522  1.00 12.12 ? 315 ASP A N   1 
ATOM   1019 C  CA  . ASP A 1 130 ? 0.948   1.684   13.347  1.00 10.12 ? 315 ASP A CA  1 
ATOM   1020 C  C   . ASP A 1 130 ? 0.518   3.019   12.758  1.00 9.94  ? 315 ASP A C   1 
ATOM   1021 O  O   . ASP A 1 130 ? 1.286   3.979   12.730  1.00 10.38 ? 315 ASP A O   1 
ATOM   1022 C  CB  . ASP A 1 130 ? 2.338   1.803   13.966  1.00 11.81 ? 315 ASP A CB  1 
ATOM   1023 C  CG  . ASP A 1 130 ? 2.819   0.491   14.557  1.00 12.69 ? 315 ASP A CG  1 
ATOM   1024 O  OD1 . ASP A 1 130 ? 1.966   -0.338  14.939  1.00 15.01 ? 315 ASP A OD1 1 
ATOM   1025 O  OD2 . ASP A 1 130 ? 4.046   0.286   14.648  1.00 13.15 ? 315 ASP A OD2 1 
ATOM   1026 N  N   . ILE A 1 131 ? -0.726  3.073   12.303  1.00 10.57 ? 316 ILE A N   1 
ATOM   1027 C  CA  . ILE A 1 131 ? -1.284  4.309   11.775  1.00 10.79 ? 316 ILE A CA  1 
ATOM   1028 C  C   . ILE A 1 131 ? -2.725  4.414   12.232  1.00 11.91 ? 316 ILE A C   1 
ATOM   1029 O  O   . ILE A 1 131 ? -3.311  3.452   12.738  1.00 12.18 ? 316 ILE A O   1 
ATOM   1030 C  CB  . ILE A 1 131 ? -1.342  4.353   10.220  1.00 10.40 ? 316 ILE A CB  1 
ATOM   1031 C  CG1 . ILE A 1 131 ? -2.239  3.221   9.703   1.00 12.29 ? 316 ILE A CG1 1 
ATOM   1032 C  CG2 . ILE A 1 131 ? 0.048   4.274   9.629   1.00 10.17 ? 316 ILE A CG2 1 
ATOM   1033 C  CD1 . ILE A 1 131 ? -2.655  3.374   8.241   1.00 10.34 ? 316 ILE A CD1 1 
ATOM   1034 N  N   . GLN A 1 132 ? -3.274  5.609   12.073  1.00 11.47 ? 317 GLN A N   1 
ATOM   1035 C  CA  . GLN A 1 132 ? -4.678  5.840   12.347  1.00 14.34 ? 317 GLN A CA  1 
ATOM   1036 C  C   . GLN A 1 132 ? -5.186  6.047   10.926  1.00 14.23 ? 317 GLN A C   1 
ATOM   1037 O  O   . GLN A 1 132 ? -4.770  6.987   10.249  1.00 15.53 ? 317 GLN A O   1 
ATOM   1038 C  CB  . GLN A 1 132 ? -4.893  7.103   13.179  1.00 17.23 ? 317 GLN A CB  1 
ATOM   1039 C  CG  . GLN A 1 132 ? -6.367  7.404   13.439  1.00 23.71 ? 317 GLN A CG  1 
ATOM   1040 C  CD  . GLN A 1 132 ? -6.570  8.509   14.456  1.00 27.28 ? 317 GLN A CD  1 
ATOM   1041 O  OE1 . GLN A 1 132 ? -6.288  8.335   15.643  1.00 29.55 ? 317 GLN A OE1 1 
ATOM   1042 N  NE2 . GLN A 1 132 ? -7.059  9.655   13.996  1.00 30.14 ? 317 GLN A NE2 1 
ATOM   1043 N  N   . LEU A 1 133 ? -6.040  5.142   10.462  1.00 13.89 ? 318 LEU A N   1 
ATOM   1044 C  CA  . LEU A 1 133 ? -6.593  5.221   9.116   1.00 13.69 ? 318 LEU A CA  1 
ATOM   1045 C  C   . LEU A 1 133 ? -7.827  6.115   9.149   1.00 15.18 ? 318 LEU A C   1 
ATOM   1046 O  O   . LEU A 1 133 ? -8.798  5.808   9.842   1.00 15.78 ? 318 LEU A O   1 
ATOM   1047 C  CB  . LEU A 1 133 ? -6.958  3.815   8.635   1.00 14.28 ? 318 LEU A CB  1 
ATOM   1048 C  CG  . LEU A 1 133 ? -7.478  3.633   7.208   1.00 12.96 ? 318 LEU A CG  1 
ATOM   1049 C  CD1 . LEU A 1 133 ? -6.429  4.095   6.203   1.00 14.43 ? 318 LEU A CD1 1 
ATOM   1050 C  CD2 . LEU A 1 133 ? -7.814  2.167   6.987   1.00 12.85 ? 318 LEU A CD2 1 
ATOM   1051 N  N   . THR A 1 134 ? -7.786  7.213   8.397   1.00 14.08 ? 319 THR A N   1 
ATOM   1052 C  CA  . THR A 1 134 ? -8.891  8.168   8.377   1.00 14.59 ? 319 THR A CA  1 
ATOM   1053 C  C   . THR A 1 134 ? -9.801  8.106   7.150   1.00 12.86 ? 319 THR A C   1 
ATOM   1054 O  O   . THR A 1 134 ? -10.958 8.521   7.216   1.00 13.74 ? 319 THR A O   1 
ATOM   1055 C  CB  . THR A 1 134 ? -8.366  9.610   8.545   1.00 16.27 ? 319 THR A CB  1 
ATOM   1056 O  OG1 . THR A 1 134 ? -7.416  9.902   7.516   1.00 21.34 ? 319 THR A OG1 1 
ATOM   1057 C  CG2 . THR A 1 134 ? -7.700  9.775   9.906   1.00 21.09 ? 319 THR A CG2 1 
ATOM   1058 N  N   . HIS A 1 135 ? -9.291  7.613   6.024   1.00 11.04 ? 320 HIS A N   1 
ATOM   1059 C  CA  . HIS A 1 135 ? -10.136 7.505   4.841   1.00 11.06 ? 320 HIS A CA  1 
ATOM   1060 C  C   . HIS A 1 135 ? -9.595  6.556   3.796   1.00 11.35 ? 320 HIS A C   1 
ATOM   1061 O  O   . HIS A 1 135 ? -8.384  6.440   3.609   1.00 11.95 ? 320 HIS A O   1 
ATOM   1062 C  CB  . HIS A 1 135 ? -10.373 8.873   4.189   1.00 10.74 ? 320 HIS A CB  1 
ATOM   1063 C  CG  . HIS A 1 135 ? -11.448 8.855   3.144   1.00 8.79  ? 320 HIS A CG  1 
ATOM   1064 N  ND1 . HIS A 1 135 ? -11.181 8.914   1.792   1.00 10.25 ? 320 HIS A ND1 1 
ATOM   1065 C  CD2 . HIS A 1 135 ? -12.789 8.699   3.254   1.00 10.04 ? 320 HIS A CD2 1 
ATOM   1066 C  CE1 . HIS A 1 135 ? -12.310 8.788   1.117   1.00 10.11 ? 320 HIS A CE1 1 
ATOM   1067 N  NE2 . HIS A 1 135 ? -13.300 8.656   1.980   1.00 9.86  ? 320 HIS A NE2 1 
ATOM   1068 N  N   . VAL A 1 136 ? -10.515 5.872   3.126   1.00 9.57  ? 321 VAL A N   1 
ATOM   1069 C  CA  . VAL A 1 136 ? -10.167 4.945   2.061   1.00 11.66 ? 321 VAL A CA  1 
ATOM   1070 C  C   . VAL A 1 136 ? -11.121 5.171   0.897   1.00 11.62 ? 321 VAL A C   1 
ATOM   1071 O  O   . VAL A 1 136 ? -12.329 5.309   1.088   1.00 12.43 ? 321 VAL A O   1 
ATOM   1072 C  CB  . VAL A 1 136 ? -10.301 3.469   2.500   1.00 12.41 ? 321 VAL A CB  1 
ATOM   1073 C  CG1 . VAL A 1 136 ? -10.033 2.547   1.314   1.00 14.64 ? 321 VAL A CG1 1 
ATOM   1074 C  CG2 . VAL A 1 136 ? -9.329  3.167   3.627   1.00 13.11 ? 321 VAL A CG2 1 
ATOM   1075 N  N   . GLN A 1 137 ? -10.566 5.239   -0.305  1.00 12.03 ? 322 GLN A N   1 
ATOM   1076 C  CA  . GLN A 1 137 ? -11.356 5.392   -1.518  1.00 12.58 ? 322 GLN A CA  1 
ATOM   1077 C  C   . GLN A 1 137 ? -10.958 4.210   -2.387  1.00 14.17 ? 322 GLN A C   1 
ATOM   1078 O  O   . GLN A 1 137 ? -9.811  4.115   -2.819  1.00 13.23 ? 322 GLN A O   1 
ATOM   1079 C  CB  . GLN A 1 137 ? -11.025 6.709   -2.233  1.00 11.79 ? 322 GLN A CB  1 
ATOM   1080 C  CG  . GLN A 1 137 ? -11.623 6.825   -3.639  1.00 12.84 ? 322 GLN A CG  1 
ATOM   1081 C  CD  . GLN A 1 137 ? -13.140 6.918   -3.653  1.00 15.71 ? 322 GLN A CD  1 
ATOM   1082 O  OE1 . GLN A 1 137 ? -13.718 7.943   -3.293  1.00 15.29 ? 322 GLN A OE1 1 
ATOM   1083 N  NE2 . GLN A 1 137 ? -13.791 5.842   -4.077  1.00 16.97 ? 322 GLN A NE2 1 
ATOM   1084 N  N   . THR A 1 138 ? -11.892 3.293   -2.611  1.00 17.47 ? 323 THR A N   1 
ATOM   1085 C  CA  . THR A 1 138 ? -11.616 2.118   -3.429  1.00 21.88 ? 323 THR A CA  1 
ATOM   1086 C  C   . THR A 1 138 ? -12.332 2.197   -4.770  1.00 22.68 ? 323 THR A C   1 
ATOM   1087 O  O   . THR A 1 138 ? -12.784 3.302   -5.138  1.00 22.52 ? 323 THR A O   1 
ATOM   1088 C  CB  . THR A 1 138 ? -12.044 0.820   -2.717  1.00 24.24 ? 323 THR A CB  1 
ATOM   1089 O  OG1 . THR A 1 138 ? -13.456 0.844   -2.484  1.00 25.86 ? 323 THR A OG1 1 
ATOM   1090 C  CG2 . THR A 1 138 ? -11.315 0.677   -1.388  1.00 26.46 ? 323 THR A CG2 1 
ATOM   1091 O  OXT . THR A 1 138 ? -12.416 1.150   -5.444  1.00 25.01 ? 323 THR A OXT 1 
HETATM 1092 NI NI  . NI  B 2 .   ? -15.336 8.158   1.754   0.50 9.94  ? 401 NI  A NI  1 
HETATM 1093 O  O   . HOH C 3 .   ? 7.836   -5.950  -9.231  1.00 11.24 ? 1   HOH A O   1 
HETATM 1094 O  O   . HOH C 3 .   ? -14.907 6.069   1.764   1.00 13.87 ? 2   HOH A O   1 
HETATM 1095 O  O   . HOH C 3 .   ? -3.474  -3.538  12.615  1.00 11.21 ? 3   HOH A O   1 
HETATM 1096 O  O   . HOH C 3 .   ? 1.881   -7.799  -8.290  1.00 12.62 ? 4   HOH A O   1 
HETATM 1097 O  O   . HOH C 3 .   ? 3.657   10.648  7.297   1.00 13.26 ? 5   HOH A O   1 
HETATM 1098 O  O   . HOH C 3 .   ? -0.599  10.954  -2.370  1.00 13.73 ? 6   HOH A O   1 
HETATM 1099 O  O   . HOH C 3 .   ? 8.805   -0.640  -6.383  1.00 11.03 ? 7   HOH A O   1 
HETATM 1100 O  O   . HOH C 3 .   ? -0.153  -6.531  -9.455  1.00 14.22 ? 8   HOH A O   1 
HETATM 1101 O  O   . HOH C 3 .   ? 14.156  -6.592  -5.905  1.00 17.00 ? 9   HOH A O   1 
HETATM 1102 O  O   . HOH C 3 .   ? 2.802   5.320   18.542  1.00 14.06 ? 10  HOH A O   1 
HETATM 1103 O  O   . HOH C 3 .   ? 13.291  2.409   1.234   1.00 16.75 ? 11  HOH A O   1 
HETATM 1104 O  O   . HOH C 3 .   ? -0.183  7.324   -8.062  1.00 15.25 ? 12  HOH A O   1 
HETATM 1105 O  O   . HOH C 3 .   ? 9.067   -2.657  -10.036 1.00 15.64 ? 13  HOH A O   1 
HETATM 1106 O  O   . HOH C 3 .   ? 10.752  -11.715 -6.742  1.00 17.11 ? 14  HOH A O   1 
HETATM 1107 O  O   . HOH C 3 .   ? 6.163   12.014  -1.253  1.00 21.63 ? 15  HOH A O   1 
HETATM 1108 O  O   . HOH C 3 .   ? 7.402   -12.140 -6.027  1.00 16.04 ? 16  HOH A O   1 
HETATM 1109 O  O   . HOH C 3 .   ? 13.920  -1.275  -5.454  1.00 19.23 ? 17  HOH A O   1 
HETATM 1110 O  O   . HOH C 3 .   ? 9.294   -8.159  2.100   1.00 20.99 ? 18  HOH A O   1 
HETATM 1111 O  O   . HOH C 3 .   ? 3.271   12.631  5.414   1.00 22.97 ? 19  HOH A O   1 
HETATM 1112 O  O   . HOH C 3 .   ? 10.289  3.345   -9.233  1.00 19.42 ? 20  HOH A O   1 
HETATM 1113 O  O   . HOH C 3 .   ? -8.312  6.742   -11.356 1.00 21.48 ? 21  HOH A O   1 
HETATM 1114 O  O   . HOH C 3 .   ? 2.028   8.521   -9.155  1.00 19.85 ? 22  HOH A O   1 
HETATM 1115 O  O   . HOH C 3 .   ? 17.121  5.302   -1.813  1.00 21.61 ? 23  HOH A O   1 
HETATM 1116 O  O   . HOH C 3 .   ? -7.520  3.671   12.476  1.00 16.55 ? 24  HOH A O   1 
HETATM 1117 O  O   . HOH C 3 .   ? -10.516 4.872   -9.698  1.00 20.10 ? 25  HOH A O   1 
HETATM 1118 O  O   . HOH C 3 .   ? 9.615   9.493   11.423  1.00 20.48 ? 26  HOH A O   1 
HETATM 1119 O  O   . HOH C 3 .   ? 12.872  -7.488  5.247   1.00 21.91 ? 27  HOH A O   1 
HETATM 1120 O  O   . HOH C 3 .   ? 6.258   -9.983  -13.221 1.00 19.23 ? 28  HOH A O   1 
HETATM 1121 O  O   . HOH C 3 .   ? 0.522   -8.493  -21.962 1.00 23.28 ? 29  HOH A O   1 
HETATM 1122 O  O   . HOH C 3 .   ? 6.745   -7.058  5.853   1.00 20.86 ? 30  HOH A O   1 
HETATM 1123 O  O   . HOH C 3 .   ? 4.265   13.729  -8.794  1.00 20.36 ? 31  HOH A O   1 
HETATM 1124 O  O   . HOH C 3 .   ? 15.743  -2.618  -3.300  1.00 21.49 ? 32  HOH A O   1 
HETATM 1125 O  O   . HOH C 3 .   ? 9.189   -16.123 2.161   1.00 22.15 ? 33  HOH A O   1 
HETATM 1126 O  O   . HOH C 3 .   ? 12.252  -0.908  -7.760  1.00 21.98 ? 34  HOH A O   1 
HETATM 1127 O  O   . HOH C 3 .   ? -2.065  1.656   -18.680 1.00 21.28 ? 35  HOH A O   1 
HETATM 1128 O  O   . HOH C 3 .   ? 10.577  9.345   8.765   1.00 18.84 ? 36  HOH A O   1 
HETATM 1129 O  O   . HOH C 3 .   ? -8.481  8.607   0.905   1.00 21.12 ? 37  HOH A O   1 
HETATM 1130 O  O   . HOH C 3 .   ? 4.719   15.940  -1.840  1.00 24.02 ? 38  HOH A O   1 
HETATM 1131 O  O   . HOH C 3 .   ? -11.944 -4.554  8.792   1.00 22.72 ? 39  HOH A O   1 
HETATM 1132 O  O   . HOH C 3 .   ? 13.326  4.686   -6.770  1.00 27.32 ? 40  HOH A O   1 
HETATM 1133 O  O   . HOH C 3 .   ? 0.404   16.112  10.276  1.00 26.41 ? 41  HOH A O   1 
HETATM 1134 O  O   . HOH C 3 .   ? -2.191  -5.481  -18.023 1.00 25.56 ? 42  HOH A O   1 
HETATM 1135 O  O   . HOH C 3 .   ? 8.747   14.497  -8.177  1.00 31.82 ? 43  HOH A O   1 
HETATM 1136 O  O   . HOH C 3 .   ? -2.938  -20.640 -1.022  1.00 25.66 ? 44  HOH A O   1 
HETATM 1137 O  O   . HOH C 3 .   ? 4.887   1.297   17.729  1.00 27.86 ? 45  HOH A O   1 
HETATM 1138 O  O   . HOH C 3 .   ? -9.662  -12.447 -2.976  1.00 28.15 ? 46  HOH A O   1 
HETATM 1139 O  O   . HOH C 3 .   ? 14.465  -9.543  -0.656  1.00 22.56 ? 47  HOH A O   1 
HETATM 1140 O  O   . HOH C 3 .   ? 8.182   12.790  14.118  1.00 29.82 ? 48  HOH A O   1 
HETATM 1141 O  O   . HOH C 3 .   ? -9.229  2.014   15.020  1.00 23.68 ? 49  HOH A O   1 
HETATM 1142 O  O   . HOH C 3 .   ? 11.035  6.049   -8.111  1.00 27.09 ? 50  HOH A O   1 
HETATM 1143 O  O   . HOH C 3 .   ? 10.959  13.103  1.131   1.00 25.02 ? 51  HOH A O   1 
HETATM 1144 O  O   . HOH C 3 .   ? 11.989  12.304  -6.080  1.00 24.42 ? 52  HOH A O   1 
HETATM 1145 O  O   . HOH C 3 .   ? -11.147 5.075   -6.983  1.00 26.58 ? 53  HOH A O   1 
HETATM 1146 O  O   . HOH C 3 .   ? 5.465   14.538  2.569   1.00 32.44 ? 54  HOH A O   1 
HETATM 1147 O  O   . HOH C 3 .   ? 11.331  9.255   15.653  1.00 30.23 ? 55  HOH A O   1 
HETATM 1148 O  O   . HOH C 3 .   ? 11.958  6.746   8.990   1.00 28.01 ? 56  HOH A O   1 
HETATM 1149 O  O   . HOH C 3 .   ? 4.362   -7.283  -15.234 1.00 29.18 ? 57  HOH A O   1 
HETATM 1150 O  O   . HOH C 3 .   ? -0.197  -14.411 1.165   1.00 25.99 ? 58  HOH A O   1 
HETATM 1151 O  O   . HOH C 3 .   ? 13.936  14.218  -0.110  1.00 26.16 ? 59  HOH A O   1 
HETATM 1152 O  O   . HOH C 3 .   ? 4.950   -11.590 -17.710 1.00 26.37 ? 60  HOH A O   1 
HETATM 1153 O  O   . HOH C 3 .   ? 6.954   -5.916  8.374   1.00 27.14 ? 61  HOH A O   1 
HETATM 1154 O  O   . HOH C 3 .   ? -10.192 -4.774  12.774  1.00 23.25 ? 62  HOH A O   1 
HETATM 1155 O  O   . HOH C 3 .   ? 8.858   13.810  -0.341  1.00 21.54 ? 63  HOH A O   1 
HETATM 1156 O  O   . HOH C 3 .   ? -0.247  16.427  -6.782  1.00 24.42 ? 64  HOH A O   1 
HETATM 1157 O  O   . HOH C 3 .   ? -14.536 -0.756  -10.703 1.00 28.10 ? 65  HOH A O   1 
HETATM 1158 O  O   . HOH C 3 .   ? -4.184  12.612  5.806   1.00 26.49 ? 66  HOH A O   1 
HETATM 1159 O  O   . HOH C 3 .   ? -8.481  -11.420 5.326   1.00 26.75 ? 67  HOH A O   1 
HETATM 1160 O  O   . HOH C 3 .   ? 1.196   -8.442  5.615   1.00 28.05 ? 68  HOH A O   1 
HETATM 1161 O  O   . HOH C 3 .   ? -2.212  -13.030 -11.507 1.00 25.27 ? 69  HOH A O   1 
HETATM 1162 O  O   . HOH C 3 .   ? 16.276  2.918   -0.526  1.00 25.84 ? 70  HOH A O   1 
HETATM 1163 O  O   . HOH C 3 .   ? 9.511   -8.878  5.031   1.00 29.37 ? 71  HOH A O   1 
HETATM 1164 O  O   . HOH C 3 .   ? -11.934 3.188   -11.447 1.00 23.76 ? 72  HOH A O   1 
HETATM 1165 O  O   . HOH C 3 .   ? 9.478   16.160  -1.661  1.00 24.44 ? 73  HOH A O   1 
HETATM 1166 O  O   . HOH C 3 .   ? 12.490  -12.925 -0.010  1.00 37.27 ? 74  HOH A O   1 
HETATM 1167 O  O   . HOH C 3 .   ? -0.341  6.690   -15.714 1.00 39.05 ? 75  HOH A O   1 
HETATM 1168 O  O   . HOH C 3 .   ? 6.293   -14.110 -4.305  1.00 26.64 ? 76  HOH A O   1 
HETATM 1169 O  O   . HOH C 3 .   ? 8.968   5.967   -10.825 1.00 27.16 ? 77  HOH A O   1 
HETATM 1170 O  O   . HOH C 3 .   ? 8.719   11.774  -8.305  1.00 39.88 ? 78  HOH A O   1 
HETATM 1171 O  O   . HOH C 3 .   ? 5.262   14.707  13.332  1.00 27.69 ? 79  HOH A O   1 
HETATM 1172 O  O   . HOH C 3 .   ? 16.125  -6.542  -2.185  1.00 37.92 ? 80  HOH A O   1 
HETATM 1173 O  O   . HOH C 3 .   ? 12.089  11.043  6.757   1.00 35.11 ? 81  HOH A O   1 
HETATM 1174 O  O   . HOH C 3 .   ? 0.632   -13.366 -12.985 1.00 28.03 ? 82  HOH A O   1 
HETATM 1175 O  O   . HOH C 3 .   ? -10.993 4.439   -13.413 1.00 27.86 ? 83  HOH A O   1 
HETATM 1176 O  O   . HOH C 3 .   ? 8.684   -9.687  -11.842 1.00 16.98 ? 84  HOH A O   1 
HETATM 1177 O  O   . HOH C 3 .   ? 4.988   -4.613  9.164   1.00 24.19 ? 85  HOH A O   1 
HETATM 1178 O  O   . HOH C 3 .   ? -2.393  -5.966  11.368  1.00 26.70 ? 86  HOH A O   1 
HETATM 1179 O  O   . HOH C 3 .   ? 12.374  15.880  -1.751  1.00 26.75 ? 87  HOH A O   1 
HETATM 1180 O  O   . HOH C 3 .   ? 6.277   14.248  0.203   1.00 23.46 ? 88  HOH A O   1 
HETATM 1181 O  O   . HOH C 3 .   ? 10.088  -0.322  -10.730 1.00 23.69 ? 89  HOH A O   1 
HETATM 1182 O  O   . HOH C 3 .   ? -6.434  9.980   0.041   1.00 25.46 ? 90  HOH A O   1 
HETATM 1183 O  O   . HOH C 3 .   ? -2.616  8.893   -8.428  1.00 28.48 ? 91  HOH A O   1 
HETATM 1184 O  O   . HOH C 3 .   ? -12.869 4.539   -15.136 1.00 32.25 ? 92  HOH A O   1 
HETATM 1185 O  O   . HOH C 3 .   ? -12.648 -2.021  -8.882  1.00 27.82 ? 93  HOH A O   1 
HETATM 1186 O  O   . HOH C 3 .   ? 4.597   16.344  -7.950  1.00 26.88 ? 94  HOH A O   1 
HETATM 1187 O  O   . HOH C 3 .   ? 9.781   10.060  17.521  1.00 29.38 ? 95  HOH A O   1 
HETATM 1188 O  O   . HOH C 3 .   ? -1.191  -10.032 -23.201 1.00 36.61 ? 96  HOH A O   1 
HETATM 1189 O  O   . HOH C 3 .   ? -0.472  -0.812  16.012  1.00 29.80 ? 97  HOH A O   1 
HETATM 1190 O  O   . HOH C 3 .   ? -4.514  7.333   -7.932  1.00 34.05 ? 98  HOH A O   1 
HETATM 1191 O  O   . HOH C 3 .   ? 1.964   -13.496 -17.425 1.00 37.69 ? 99  HOH A O   1 
HETATM 1192 O  O   . HOH C 3 .   ? 7.250   14.075  4.575   1.00 28.98 ? 100 HOH A O   1 
HETATM 1193 O  O   . HOH C 3 .   ? -2.654  -15.701 3.752   1.00 38.02 ? 101 HOH A O   1 
HETATM 1194 O  O   . HOH C 3 .   ? -6.317  2.991   14.814  1.00 34.36 ? 102 HOH A O   1 
HETATM 1195 O  O   . HOH C 3 .   ? 17.923  0.772   -0.800  1.00 36.21 ? 103 HOH A O   1 
HETATM 1196 O  O   . HOH C 3 .   ? -15.679 -2.480  -3.574  1.00 34.25 ? 104 HOH A O   1 
HETATM 1197 O  O   . HOH C 3 .   ? 14.204  -0.578  -9.705  1.00 31.90 ? 105 HOH A O   1 
HETATM 1198 O  O   . HOH C 3 .   ? -3.866  1.849   14.966  1.00 40.96 ? 106 HOH A O   1 
HETATM 1199 O  O   . HOH C 3 .   ? 8.003   16.140  -10.608 1.00 39.69 ? 107 HOH A O   1 
HETATM 1200 O  O   . HOH C 3 .   ? 19.113  4.300   -3.516  1.00 32.65 ? 108 HOH A O   1 
HETATM 1201 O  O   . HOH C 3 .   ? 6.502   11.425  17.298  1.00 32.96 ? 109 HOH A O   1 
HETATM 1202 O  O   . HOH C 3 .   ? 11.224  15.118  -9.069  1.00 35.97 ? 110 HOH A O   1 
HETATM 1203 O  O   . HOH C 3 .   ? 3.539   4.862   -17.604 1.00 39.17 ? 111 HOH A O   1 
HETATM 1204 O  O   . HOH C 3 .   ? 17.153  10.380  -6.922  1.00 35.24 ? 112 HOH A O   1 
HETATM 1205 O  O   . HOH C 3 .   ? -4.733  -15.364 -7.705  1.00 34.15 ? 113 HOH A O   1 
HETATM 1206 O  O   . HOH C 3 .   ? 17.197  -0.154  -3.247  1.00 40.89 ? 114 HOH A O   1 
HETATM 1207 O  O   . HOH C 3 .   ? 7.743   11.817  -11.364 1.00 37.33 ? 115 HOH A O   1 
HETATM 1208 O  O   . HOH C 3 .   ? 2.718   -3.433  9.557   1.00 19.45 ? 116 HOH A O   1 
HETATM 1209 O  O   . HOH C 3 .   ? -14.205 4.666   11.238  1.00 27.10 ? 117 HOH A O   1 
HETATM 1210 O  O   . HOH C 3 .   ? -3.910  -12.486 1.171   1.00 29.72 ? 118 HOH A O   1 
HETATM 1211 O  O   . HOH C 3 .   ? 5.997   17.691  -9.999  1.00 27.99 ? 119 HOH A O   1 
HETATM 1212 O  O   . HOH C 3 .   ? 10.930  16.111  -4.684  1.00 36.37 ? 120 HOH A O   1 
HETATM 1213 O  O   . HOH C 3 .   ? 0.887   -16.201 -0.517  1.00 31.99 ? 121 HOH A O   1 
HETATM 1214 O  O   . HOH C 3 .   ? 11.263  8.467   -9.575  1.00 36.20 ? 122 HOH A O   1 
HETATM 1215 O  O   . HOH C 3 .   ? 10.403  16.405  -11.544 1.00 30.98 ? 123 HOH A O   1 
HETATM 1216 O  O   . HOH C 3 .   ? -15.503 0.770   -8.824  1.00 32.31 ? 124 HOH A O   1 
HETATM 1217 O  O   . HOH C 3 .   ? -14.363 3.094   -1.270  1.00 31.32 ? 125 HOH A O   1 
HETATM 1218 O  O   . HOH C 3 .   ? 16.903  3.091   4.918   1.00 36.01 ? 126 HOH A O   1 
HETATM 1219 O  O   . HOH C 3 .   ? 4.778   -5.084  -16.605 1.00 44.07 ? 127 HOH A O   1 
HETATM 1220 O  O   . HOH C 3 .   ? 4.526   13.091  17.019  1.00 37.66 ? 128 HOH A O   1 
HETATM 1221 O  O   . HOH C 3 .   ? -13.656 5.556   15.204  1.00 35.10 ? 129 HOH A O   1 
HETATM 1222 O  O   . HOH C 3 .   ? 10.527  11.114  13.639  1.00 35.55 ? 130 HOH A O   1 
HETATM 1223 O  O   . HOH C 3 .   ? 1.267   -4.815  11.838  1.00 37.54 ? 131 HOH A O   1 
HETATM 1224 O  O   . HOH C 3 .   ? -12.962 -9.025  -9.759  1.00 35.80 ? 132 HOH A O   1 
HETATM 1225 O  O   . HOH C 3 .   ? -10.820 -5.611  -13.099 1.00 35.54 ? 133 HOH A O   1 
HETATM 1226 O  O   . HOH C 3 .   ? 18.261  7.140   -5.819  1.00 41.37 ? 134 HOH A O   1 
HETATM 1227 O  O   . HOH C 3 .   ? 1.413   17.832  0.102   1.00 41.51 ? 135 HOH A O   1 
HETATM 1228 O  O   . HOH C 3 .   ? -9.623  -13.114 -6.553  1.00 38.23 ? 136 HOH A O   1 
HETATM 1229 O  O   . HOH C 3 .   ? 4.080   18.217  -11.770 1.00 22.59 ? 137 HOH A O   1 
HETATM 1230 O  O   . HOH C 3 .   ? -14.515 -8.774  -7.610  1.00 28.50 ? 138 HOH A O   1 
HETATM 1231 O  O   . HOH C 3 .   ? -2.171  -11.163 4.859   1.00 30.68 ? 139 HOH A O   1 
HETATM 1232 O  O   . HOH C 3 .   ? 11.613  1.666   -7.539  1.00 35.34 ? 140 HOH A O   1 
HETATM 1233 O  O   . HOH C 3 .   ? 2.762   -16.353 5.725   1.00 41.75 ? 141 HOH A O   1 
HETATM 1234 O  O   . HOH C 3 .   ? 11.447  7.694   12.469  1.00 42.13 ? 142 HOH A O   1 
HETATM 1235 O  O   . HOH C 3 .   ? 1.054   -6.787  -16.537 1.00 36.17 ? 143 HOH A O   1 
HETATM 1236 O  O   . HOH C 3 .   ? 14.898  -12.639 -2.279  1.00 38.47 ? 144 HOH A O   1 
HETATM 1237 O  O   . HOH C 3 .   ? -14.812 -2.723  -13.038 1.00 42.13 ? 145 HOH A O   1 
HETATM 1238 O  O   . HOH C 3 .   ? -2.078  -13.319 2.775   1.00 43.05 ? 146 HOH A O   1 
HETATM 1239 O  O   . HOH C 3 .   ? -2.979  -7.447  6.686   1.00 28.95 ? 147 HOH A O   1 
HETATM 1240 O  O   . HOH C 3 .   ? 1.204   11.583  -8.780  1.00 37.91 ? 148 HOH A O   1 
HETATM 1241 O  O   . HOH C 3 .   ? -1.441  17.723  -4.554  1.00 33.39 ? 149 HOH A O   1 
HETATM 1242 O  O   . HOH C 3 .   ? -8.729  11.752  6.133   1.00 37.44 ? 150 HOH A O   1 
HETATM 1243 O  O   . HOH C 3 .   ? -5.195  11.800  8.200   1.00 37.47 ? 151 HOH A O   1 
HETATM 1244 O  O   . HOH C 3 .   ? 11.218  14.073  3.884   1.00 39.74 ? 152 HOH A O   1 
HETATM 1245 O  O   . HOH C 3 .   ? -2.514  -7.998  -17.246 1.00 39.31 ? 153 HOH A O   1 
HETATM 1246 O  O   . HOH C 3 .   ? -14.959 -1.039  -6.663  1.00 40.01 ? 154 HOH A O   1 
HETATM 1247 O  O   . HOH C 3 .   ? 2.787   -3.180  13.969  1.00 36.89 ? 155 HOH A O   1 
HETATM 1248 O  O   . HOH C 3 .   ? 10.036  1.466   -13.185 1.00 37.08 ? 156 HOH A O   1 
HETATM 1249 O  O   . HOH C 3 .   ? 1.292   -13.633 5.013   1.00 39.30 ? 157 HOH A O   1 
HETATM 1250 O  O   . HOH C 3 .   ? 5.743   3.802   -16.559 1.00 47.40 ? 158 HOH A O   1 
HETATM 1251 O  O   . HOH C 3 .   ? 15.179  -6.023  6.667   1.00 41.27 ? 159 HOH A O   1 
HETATM 1252 O  O   . HOH C 3 .   ? 11.205  10.938  -8.610  1.00 46.24 ? 160 HOH A O   1 
HETATM 1253 O  O   . HOH C 3 .   ? -0.337  10.420  15.410  1.00 37.96 ? 161 HOH A O   1 
HETATM 1254 O  O   . HOH C 3 .   ? -16.916 1.391   -1.840  1.00 48.20 ? 162 HOH A O   1 
HETATM 1255 O  O   . HOH C 3 .   ? 6.191   -4.546  -18.990 1.00 44.85 ? 163 HOH A O   1 
HETATM 1256 O  O   . HOH C 3 .   ? -11.219 -12.099 -0.855  1.00 36.10 ? 164 HOH A O   1 
HETATM 1257 O  O   . HOH C 3 .   ? 6.694   -16.372 4.430   1.00 40.15 ? 165 HOH A O   1 
HETATM 1258 O  O   . HOH C 3 .   ? -9.283  -15.586 -13.723 1.00 45.42 ? 166 HOH A O   1 
HETATM 1259 O  O   . HOH C 3 .   ? -0.640  -4.455  14.242  1.00 49.92 ? 167 HOH A O   1 
HETATM 1260 O  O   . HOH C 3 .   ? 12.573  0.429   -11.458 1.00 46.12 ? 168 HOH A O   1 
HETATM 1261 O  O   . HOH C 3 .   ? 1.528   13.897  -9.972  1.00 46.88 ? 169 HOH A O   1 
HETATM 1262 O  O   . HOH C 3 .   ? 5.497   -12.694 6.709   1.00 42.62 ? 170 HOH A O   1 
HETATM 1263 O  O   . HOH C 3 .   ? 10.470  3.772   -11.864 1.00 48.32 ? 171 HOH A O   1 
HETATM 1264 O  O   . HOH C 3 .   ? -3.285  10.197  -10.528 1.00 41.89 ? 172 HOH A O   1 
HETATM 1265 O  O   . HOH C 3 .   ? 15.426  -3.844  -5.669  1.00 40.48 ? 173 HOH A O   1 
HETATM 1266 O  O   . HOH C 3 .   ? 3.674   16.409  11.892  1.00 45.24 ? 174 HOH A O   1 
HETATM 1267 O  O   . HOH C 3 .   ? 5.762   -18.642 -5.060  1.00 48.03 ? 175 HOH A O   1 
HETATM 1268 O  O   . HOH C 3 .   ? -12.766 -9.838  -1.864  1.00 37.38 ? 176 HOH A O   1 
HETATM 1269 O  O   . HOH C 3 .   ? -11.270 -13.315 -8.847  1.00 48.24 ? 177 HOH A O   1 
HETATM 1270 O  O   . HOH C 3 .   ? -3.305  -7.147  9.217   1.00 50.19 ? 178 HOH A O   1 
HETATM 1271 O  O   . HOH C 3 .   ? 16.052  7.119   -7.830  1.00 42.46 ? 179 HOH A O   1 
HETATM 1272 O  O   . HOH C 3 .   ? 4.034   15.432  15.667  1.00 44.39 ? 180 HOH A O   1 
# 
loop_
_pdbx_poly_seq_scheme.asym_id 
_pdbx_poly_seq_scheme.entity_id 
_pdbx_poly_seq_scheme.seq_id 
_pdbx_poly_seq_scheme.mon_id 
_pdbx_poly_seq_scheme.ndb_seq_num 
_pdbx_poly_seq_scheme.pdb_seq_num 
_pdbx_poly_seq_scheme.auth_seq_num 
_pdbx_poly_seq_scheme.pdb_mon_id 
_pdbx_poly_seq_scheme.auth_mon_id 
_pdbx_poly_seq_scheme.pdb_strand_id 
_pdbx_poly_seq_scheme.pdb_ins_code 
_pdbx_poly_seq_scheme.hetero 
A 1 1   TYR 1   186 ?   ?   ?   A . n 
A 1 2   PRO 2   187 ?   ?   ?   A . n 
A 1 3   HIS 3   188 188 HIS HIS A . n 
A 1 4   PRO 4   189 189 PRO PRO A . n 
A 1 5   ALA 5   190 190 ALA ALA A . n 
A 1 6   TYR 6   191 191 TYR TYR A . n 
A 1 7   PRO 7   192 192 PRO PRO A . n 
A 1 8   MET 8   193 193 MET MET A . n 
A 1 9   PRO 9   194 194 PRO PRO A . n 
A 1 10  PHE 10  195 195 PHE PHE A . n 
A 1 11  ILE 11  196 196 ILE ILE A . n 
A 1 12  THR 12  197 197 THR THR A . n 
A 1 13  THR 13  198 198 THR THR A . n 
A 1 14  ILE 14  199 199 ILE ILE A . n 
A 1 15  LEU 15  200 200 LEU LEU A . n 
A 1 16  GLY 16  201 201 GLY GLY A . n 
A 1 17  GLY 17  202 202 GLY GLY A . n 
A 1 18  LEU 18  203 203 LEU LEU A . n 
A 1 19  TYR 19  204 204 TYR TYR A . n 
A 1 20  PRO 20  205 205 PRO PRO A . n 
A 1 21  SER 21  206 206 SER SER A . n 
A 1 22  LYS 22  207 207 LYS LYS A . n 
A 1 23  SER 23  208 208 SER SER A . n 
A 1 24  ILE 24  209 209 ILE ILE A . n 
A 1 25  LEU 25  210 210 LEU LEU A . n 
A 1 26  LEU 26  211 211 LEU LEU A . n 
A 1 27  SER 27  212 212 SER SER A . n 
A 1 28  GLY 28  213 213 GLY GLY A . n 
A 1 29  THR 29  214 214 THR THR A . n 
A 1 30  VAL 30  215 215 VAL VAL A . n 
A 1 31  LEU 31  216 216 LEU LEU A . n 
A 1 32  PRO 32  217 217 PRO PRO A . n 
A 1 33  SER 33  218 218 SER SER A . n 
A 1 34  ALA 34  219 219 ALA ALA A . n 
A 1 35  GLN 35  220 220 GLN GLN A . n 
A 1 36  ARG 36  221 221 ARG ARG A . n 
A 1 37  PHE 37  222 222 PHE PHE A . n 
A 1 38  HIS 38  223 223 HIS HIS A . n 
A 1 39  ILE 39  224 224 ILE ILE A . n 
A 1 40  ASN 40  225 225 ASN ASN A . n 
A 1 41  LEU 41  226 226 LEU LEU A . n 
A 1 42  CYS 42  227 227 CYS CYS A . n 
A 1 43  SER 43  228 228 SER SER A . n 
A 1 44  GLY 44  229 229 GLY GLY A . n 
A 1 45  ASN 45  230 230 ASN ASN A . n 
A 1 46  HIS 46  231 231 HIS HIS A . n 
A 1 47  ILE 47  232 232 ILE ILE A . n 
A 1 48  ALA 48  233 233 ALA ALA A . n 
A 1 49  PHE 49  234 234 PHE PHE A . n 
A 1 50  HIS 50  235 235 HIS HIS A . n 
A 1 51  LEU 51  236 236 LEU LEU A . n 
A 1 52  ASN 52  237 237 ASN ASN A . n 
A 1 53  PRO 53  238 238 PRO PRO A . n 
A 1 54  ARG 54  239 239 ARG ARG A . n 
A 1 55  PHE 55  240 240 PHE PHE A . n 
A 1 56  ASP 56  241 241 ASP ASP A . n 
A 1 57  GLU 57  242 242 GLU GLU A . n 
A 1 58  ASN 58  243 243 ASN ASN A . n 
A 1 59  ALA 59  244 244 ALA ALA A . n 
A 1 60  VAL 60  245 245 VAL VAL A . n 
A 1 61  VAL 61  246 246 VAL VAL A . n 
A 1 62  ARG 62  247 247 ARG ARG A . n 
A 1 63  ASN 63  248 248 ASN ASN A . n 
A 1 64  THR 64  249 249 THR THR A . n 
A 1 65  GLN 65  250 250 GLN GLN A . n 
A 1 66  ILE 66  251 251 ILE ILE A . n 
A 1 67  ASP 67  252 252 ASP ASP A . n 
A 1 68  ASN 68  253 253 ASN ASN A . n 
A 1 69  SER 69  254 254 SER SER A . n 
A 1 70  TRP 70  255 255 TRP TRP A . n 
A 1 71  GLY 71  256 256 GLY GLY A . n 
A 1 72  SER 72  257 257 SER SER A . n 
A 1 73  GLU 73  258 258 GLU GLU A . n 
A 1 74  GLU 74  259 259 GLU GLU A . n 
A 1 75  ARG 75  260 260 ARG ARG A . n 
A 1 76  SER 76  261 261 SER SER A . n 
A 1 77  LEU 77  262 262 LEU LEU A . n 
A 1 78  PRO 78  263 263 PRO PRO A . n 
A 1 79  ARG 79  264 264 ARG ARG A . n 
A 1 80  LYS 80  265 265 LYS LYS A . n 
A 1 81  MET 81  266 266 MET MET A . n 
A 1 82  PRO 82  267 267 PRO PRO A . n 
A 1 83  PHE 83  268 268 PHE PHE A . n 
A 1 84  VAL 84  269 269 VAL VAL A . n 
A 1 85  ARG 85  270 270 ARG ARG A . n 
A 1 86  GLY 86  271 271 GLY GLY A . n 
A 1 87  GLN 87  272 272 GLN GLN A . n 
A 1 88  SER 88  273 273 SER SER A . n 
A 1 89  PHE 89  274 274 PHE PHE A . n 
A 1 90  SER 90  275 275 SER SER A . n 
A 1 91  VAL 91  276 276 VAL VAL A . n 
A 1 92  TRP 92  277 277 TRP TRP A . n 
A 1 93  ILE 93  278 278 ILE ILE A . n 
A 1 94  LEU 94  279 279 LEU LEU A . n 
A 1 95  CYS 95  280 280 CYS CYS A . n 
A 1 96  GLU 96  281 281 GLU GLU A . n 
A 1 97  ALA 97  282 282 ALA ALA A . n 
A 1 98  HIS 98  283 283 HIS HIS A . n 
A 1 99  CYS 99  284 284 CYS CYS A . n 
A 1 100 LEU 100 285 285 LEU LEU A . n 
A 1 101 LYS 101 286 286 LYS LYS A . n 
A 1 102 VAL 102 287 287 VAL VAL A . n 
A 1 103 ALA 103 288 288 ALA ALA A . n 
A 1 104 VAL 104 289 289 VAL VAL A . n 
A 1 105 ASP 105 290 290 ASP ASP A . n 
A 1 106 GLY 106 291 291 GLY GLY A . n 
A 1 107 GLN 107 292 292 GLN GLN A . n 
A 1 108 HIS 108 293 293 HIS HIS A . n 
A 1 109 LEU 109 294 294 LEU LEU A . n 
A 1 110 PHE 110 295 295 PHE PHE A . n 
A 1 111 GLU 111 296 296 GLU GLU A . n 
A 1 112 TYR 112 297 297 TYR TYR A . n 
A 1 113 TYR 113 298 298 TYR TYR A . n 
A 1 114 HIS 114 299 299 HIS HIS A . n 
A 1 115 ARG 115 300 300 ARG ARG A . n 
A 1 116 LEU 116 301 301 LEU LEU A . n 
A 1 117 ARG 117 302 302 ARG ARG A . n 
A 1 118 ASN 118 303 303 ASN ASN A . n 
A 1 119 LEU 119 304 304 LEU LEU A . n 
A 1 120 PRO 120 305 305 PRO PRO A . n 
A 1 121 THR 121 306 306 THR THR A . n 
A 1 122 ILE 122 307 307 ILE ILE A . n 
A 1 123 ASN 123 308 308 ASN ASN A . n 
A 1 124 ARG 124 309 309 ARG ARG A . n 
A 1 125 LEU 125 310 310 LEU LEU A . n 
A 1 126 GLU 126 311 311 GLU GLU A . n 
A 1 127 VAL 127 312 312 VAL VAL A . n 
A 1 128 GLY 128 313 313 GLY GLY A . n 
A 1 129 GLY 129 314 314 GLY GLY A . n 
A 1 130 ASP 130 315 315 ASP ASP A . n 
A 1 131 ILE 131 316 316 ILE ILE A . n 
A 1 132 GLN 132 317 317 GLN GLN A . n 
A 1 133 LEU 133 318 318 LEU LEU A . n 
A 1 134 THR 134 319 319 THR THR A . n 
A 1 135 HIS 135 320 320 HIS HIS A . n 
A 1 136 VAL 136 321 321 VAL VAL A . n 
A 1 137 GLN 137 322 322 GLN GLN A . n 
A 1 138 THR 138 323 323 THR THR A . n 
# 
loop_
_pdbx_nonpoly_scheme.asym_id 
_pdbx_nonpoly_scheme.entity_id 
_pdbx_nonpoly_scheme.mon_id 
_pdbx_nonpoly_scheme.ndb_seq_num 
_pdbx_nonpoly_scheme.pdb_seq_num 
_pdbx_nonpoly_scheme.auth_seq_num 
_pdbx_nonpoly_scheme.pdb_mon_id 
_pdbx_nonpoly_scheme.auth_mon_id 
_pdbx_nonpoly_scheme.pdb_strand_id 
_pdbx_nonpoly_scheme.pdb_ins_code 
B 2 NI  1   401 401 NI  NI2 A . 
C 3 HOH 1   1   1   HOH HOH A . 
C 3 HOH 2   2   2   HOH HOH A . 
C 3 HOH 3   3   3   HOH HOH A . 
C 3 HOH 4   4   4   HOH HOH A . 
C 3 HOH 5   5   5   HOH HOH A . 
C 3 HOH 6   6   6   HOH HOH A . 
C 3 HOH 7   7   7   HOH HOH A . 
C 3 HOH 8   8   8   HOH HOH A . 
C 3 HOH 9   9   9   HOH HOH A . 
C 3 HOH 10  10  10  HOH HOH A . 
C 3 HOH 11  11  11  HOH HOH A . 
C 3 HOH 12  12  12  HOH HOH A . 
C 3 HOH 13  13  13  HOH HOH A . 
C 3 HOH 14  14  14  HOH HOH A . 
C 3 HOH 15  15  15  HOH HOH A . 
C 3 HOH 16  16  16  HOH HOH A . 
C 3 HOH 17  17  17  HOH HOH A . 
C 3 HOH 18  18  18  HOH HOH A . 
C 3 HOH 19  19  19  HOH HOH A . 
C 3 HOH 20  20  20  HOH HOH A . 
C 3 HOH 21  21  21  HOH HOH A . 
C 3 HOH 22  22  22  HOH HOH A . 
C 3 HOH 23  23  23  HOH HOH A . 
C 3 HOH 24  24  24  HOH HOH A . 
C 3 HOH 25  25  25  HOH HOH A . 
C 3 HOH 26  26  26  HOH HOH A . 
C 3 HOH 27  27  27  HOH HOH A . 
C 3 HOH 28  28  28  HOH HOH A . 
C 3 HOH 29  29  29  HOH HOH A . 
C 3 HOH 30  30  30  HOH HOH A . 
C 3 HOH 31  31  31  HOH HOH A . 
C 3 HOH 32  32  32  HOH HOH A . 
C 3 HOH 33  33  33  HOH HOH A . 
C 3 HOH 34  34  34  HOH HOH A . 
C 3 HOH 35  35  35  HOH HOH A . 
C 3 HOH 36  36  36  HOH HOH A . 
C 3 HOH 37  37  37  HOH HOH A . 
C 3 HOH 38  38  38  HOH HOH A . 
C 3 HOH 39  39  39  HOH HOH A . 
C 3 HOH 40  40  40  HOH HOH A . 
C 3 HOH 41  41  41  HOH HOH A . 
C 3 HOH 42  42  42  HOH HOH A . 
C 3 HOH 43  43  43  HOH HOH A . 
C 3 HOH 44  44  44  HOH HOH A . 
C 3 HOH 45  45  45  HOH HOH A . 
C 3 HOH 46  46  46  HOH HOH A . 
C 3 HOH 47  47  47  HOH HOH A . 
C 3 HOH 48  48  48  HOH HOH A . 
C 3 HOH 49  49  49  HOH HOH A . 
C 3 HOH 50  50  50  HOH HOH A . 
C 3 HOH 51  51  51  HOH HOH A . 
C 3 HOH 52  52  52  HOH HOH A . 
C 3 HOH 53  53  53  HOH HOH A . 
C 3 HOH 54  54  54  HOH HOH A . 
C 3 HOH 55  55  55  HOH HOH A . 
C 3 HOH 56  56  56  HOH HOH A . 
C 3 HOH 57  57  57  HOH HOH A . 
C 3 HOH 58  58  58  HOH HOH A . 
C 3 HOH 59  59  59  HOH HOH A . 
C 3 HOH 60  60  60  HOH HOH A . 
C 3 HOH 61  61  61  HOH HOH A . 
C 3 HOH 62  62  62  HOH HOH A . 
C 3 HOH 63  63  63  HOH HOH A . 
C 3 HOH 64  64  64  HOH HOH A . 
C 3 HOH 65  65  65  HOH HOH A . 
C 3 HOH 66  66  66  HOH HOH A . 
C 3 HOH 67  67  67  HOH HOH A . 
C 3 HOH 68  68  68  HOH HOH A . 
C 3 HOH 69  69  69  HOH HOH A . 
C 3 HOH 70  70  70  HOH HOH A . 
C 3 HOH 71  71  71  HOH HOH A . 
C 3 HOH 72  72  72  HOH HOH A . 
C 3 HOH 73  73  73  HOH HOH A . 
C 3 HOH 74  74  74  HOH HOH A . 
C 3 HOH 75  75  75  HOH HOH A . 
C 3 HOH 76  76  76  HOH HOH A . 
C 3 HOH 77  77  77  HOH HOH A . 
C 3 HOH 78  78  78  HOH HOH A . 
C 3 HOH 79  79  79  HOH HOH A . 
C 3 HOH 80  80  80  HOH HOH A . 
C 3 HOH 81  81  81  HOH HOH A . 
C 3 HOH 82  82  82  HOH HOH A . 
C 3 HOH 83  83  83  HOH HOH A . 
C 3 HOH 84  84  84  HOH HOH A . 
C 3 HOH 85  85  85  HOH HOH A . 
C 3 HOH 86  86  86  HOH HOH A . 
C 3 HOH 87  87  87  HOH HOH A . 
C 3 HOH 88  88  88  HOH HOH A . 
C 3 HOH 89  89  89  HOH HOH A . 
C 3 HOH 90  90  90  HOH HOH A . 
C 3 HOH 91  91  91  HOH HOH A . 
C 3 HOH 92  92  92  HOH HOH A . 
C 3 HOH 93  93  93  HOH HOH A . 
C 3 HOH 94  94  94  HOH HOH A . 
C 3 HOH 95  95  95  HOH HOH A . 
C 3 HOH 96  96  96  HOH HOH A . 
C 3 HOH 97  97  97  HOH HOH A . 
C 3 HOH 98  98  98  HOH HOH A . 
C 3 HOH 99  99  99  HOH HOH A . 
C 3 HOH 100 100 100 HOH HOH A . 
C 3 HOH 101 101 101 HOH HOH A . 
C 3 HOH 102 102 102 HOH HOH A . 
C 3 HOH 103 103 103 HOH HOH A . 
C 3 HOH 104 104 104 HOH HOH A . 
C 3 HOH 105 105 105 HOH HOH A . 
C 3 HOH 106 106 106 HOH HOH A . 
C 3 HOH 107 107 107 HOH HOH A . 
C 3 HOH 108 108 108 HOH HOH A . 
C 3 HOH 109 109 109 HOH HOH A . 
C 3 HOH 110 110 110 HOH HOH A . 
C 3 HOH 111 111 111 HOH HOH A . 
C 3 HOH 112 112 112 HOH HOH A . 
C 3 HOH 113 113 113 HOH HOH A . 
C 3 HOH 114 114 114 HOH HOH A . 
C 3 HOH 115 115 115 HOH HOH A . 
C 3 HOH 116 116 116 HOH HOH A . 
C 3 HOH 117 117 117 HOH HOH A . 
C 3 HOH 118 118 118 HOH HOH A . 
C 3 HOH 119 119 119 HOH HOH A . 
C 3 HOH 120 120 120 HOH HOH A . 
C 3 HOH 121 121 121 HOH HOH A . 
C 3 HOH 122 122 122 HOH HOH A . 
C 3 HOH 123 123 123 HOH HOH A . 
C 3 HOH 124 124 124 HOH HOH A . 
C 3 HOH 125 125 125 HOH HOH A . 
C 3 HOH 126 126 126 HOH HOH A . 
C 3 HOH 127 127 127 HOH HOH A . 
C 3 HOH 128 128 128 HOH HOH A . 
C 3 HOH 129 129 129 HOH HOH A . 
C 3 HOH 130 130 130 HOH HOH A . 
C 3 HOH 131 131 131 HOH HOH A . 
C 3 HOH 132 132 132 HOH HOH A . 
C 3 HOH 133 133 133 HOH HOH A . 
C 3 HOH 134 134 134 HOH HOH A . 
C 3 HOH 135 135 135 HOH HOH A . 
C 3 HOH 136 136 136 HOH HOH A . 
C 3 HOH 137 137 137 HOH HOH A . 
C 3 HOH 138 138 138 HOH HOH A . 
C 3 HOH 139 139 139 HOH HOH A . 
C 3 HOH 140 140 140 HOH HOH A . 
C 3 HOH 141 141 141 HOH HOH A . 
C 3 HOH 142 142 142 HOH HOH A . 
C 3 HOH 143 143 143 HOH HOH A . 
C 3 HOH 144 144 144 HOH HOH A . 
C 3 HOH 145 145 145 HOH HOH A . 
C 3 HOH 146 146 146 HOH HOH A . 
C 3 HOH 147 147 147 HOH HOH A . 
C 3 HOH 148 148 148 HOH HOH A . 
C 3 HOH 149 149 149 HOH HOH A . 
C 3 HOH 150 150 150 HOH HOH A . 
C 3 HOH 151 151 151 HOH HOH A . 
C 3 HOH 152 152 152 HOH HOH A . 
C 3 HOH 153 153 153 HOH HOH A . 
C 3 HOH 154 154 154 HOH HOH A . 
C 3 HOH 155 155 155 HOH HOH A . 
C 3 HOH 156 156 156 HOH HOH A . 
C 3 HOH 157 157 157 HOH HOH A . 
C 3 HOH 158 158 158 HOH HOH A . 
C 3 HOH 159 159 159 HOH HOH A . 
C 3 HOH 160 160 160 HOH HOH A . 
C 3 HOH 161 161 161 HOH HOH A . 
C 3 HOH 162 162 162 HOH HOH A . 
C 3 HOH 163 163 163 HOH HOH A . 
C 3 HOH 164 164 164 HOH HOH A . 
C 3 HOH 165 165 165 HOH HOH A . 
C 3 HOH 166 166 166 HOH HOH A . 
C 3 HOH 167 167 167 HOH HOH A . 
C 3 HOH 168 168 168 HOH HOH A . 
C 3 HOH 169 169 169 HOH HOH A . 
C 3 HOH 170 170 170 HOH HOH A . 
C 3 HOH 171 171 171 HOH HOH A . 
C 3 HOH 172 172 172 HOH HOH A . 
C 3 HOH 173 173 173 HOH HOH A . 
C 3 HOH 174 174 174 HOH HOH A . 
C 3 HOH 175 175 175 HOH HOH A . 
C 3 HOH 176 176 176 HOH HOH A . 
C 3 HOH 177 177 177 HOH HOH A . 
C 3 HOH 178 178 178 HOH HOH A . 
C 3 HOH 179 179 179 HOH HOH A . 
C 3 HOH 180 180 180 HOH HOH A . 
# 
_pdbx_struct_assembly.id                   1 
_pdbx_struct_assembly.details              software_defined_assembly 
_pdbx_struct_assembly.method_details       PISA 
_pdbx_struct_assembly.oligomeric_details   monomeric 
_pdbx_struct_assembly.oligomeric_count     1 
# 
_pdbx_struct_assembly_gen.assembly_id       1 
_pdbx_struct_assembly_gen.oper_expression   1 
_pdbx_struct_assembly_gen.asym_id_list      A,B,C 
# 
_pdbx_struct_oper_list.id                   1 
_pdbx_struct_oper_list.type                 'identity operation' 
_pdbx_struct_oper_list.name                 1_555 
_pdbx_struct_oper_list.symmetry_operation   x,y,z 
_pdbx_struct_oper_list.matrix[1][1]         1.0000000000 
_pdbx_struct_oper_list.matrix[1][2]         0.0000000000 
_pdbx_struct_oper_list.matrix[1][3]         0.0000000000 
_pdbx_struct_oper_list.vector[1]            0.0000000000 
_pdbx_struct_oper_list.matrix[2][1]         0.0000000000 
_pdbx_struct_oper_list.matrix[2][2]         1.0000000000 
_pdbx_struct_oper_list.matrix[2][3]         0.0000000000 
_pdbx_struct_oper_list.vector[2]            0.0000000000 
_pdbx_struct_oper_list.matrix[3][1]         0.0000000000 
_pdbx_struct_oper_list.matrix[3][2]         0.0000000000 
_pdbx_struct_oper_list.matrix[3][3]         1.0000000000 
_pdbx_struct_oper_list.vector[3]            0.0000000000 
# 
_pdbx_struct_special_symmetry.id              1 
_pdbx_struct_special_symmetry.PDB_model_num   1 
_pdbx_struct_special_symmetry.auth_asym_id    A 
_pdbx_struct_special_symmetry.auth_comp_id    NI 
_pdbx_struct_special_symmetry.auth_seq_id     401 
_pdbx_struct_special_symmetry.PDB_ins_code    ? 
_pdbx_struct_special_symmetry.label_asym_id   B 
_pdbx_struct_special_symmetry.label_comp_id   NI 
_pdbx_struct_special_symmetry.label_seq_id    . 
# 
_pdbx_struct_conn_angle.id                    1 
_pdbx_struct_conn_angle.ptnr1_label_atom_id   O 
_pdbx_struct_conn_angle.ptnr1_label_alt_id    ? 
_pdbx_struct_conn_angle.ptnr1_label_asym_id   C 
_pdbx_struct_conn_angle.ptnr1_label_comp_id   HOH 
_pdbx_struct_conn_angle.ptnr1_label_seq_id    . 
_pdbx_struct_conn_angle.ptnr1_auth_atom_id    ? 
_pdbx_struct_conn_angle.ptnr1_auth_asym_id    A 
_pdbx_struct_conn_angle.ptnr1_auth_comp_id    HOH 
_pdbx_struct_conn_angle.ptnr1_auth_seq_id     2 
_pdbx_struct_conn_angle.ptnr1_PDB_ins_code    ? 
_pdbx_struct_conn_angle.ptnr1_symmetry        1_555 
_pdbx_struct_conn_angle.ptnr2_label_atom_id   NI 
_pdbx_struct_conn_angle.ptnr2_label_alt_id    ? 
_pdbx_struct_conn_angle.ptnr2_label_asym_id   B 
_pdbx_struct_conn_angle.ptnr2_label_comp_id   NI 
_pdbx_struct_conn_angle.ptnr2_label_seq_id    . 
_pdbx_struct_conn_angle.ptnr2_auth_atom_id    ? 
_pdbx_struct_conn_angle.ptnr2_auth_asym_id    A 
_pdbx_struct_conn_angle.ptnr2_auth_comp_id    NI 
_pdbx_struct_conn_angle.ptnr2_auth_seq_id     401 
_pdbx_struct_conn_angle.ptnr2_PDB_ins_code    ? 
_pdbx_struct_conn_angle.ptnr2_symmetry        1_555 
_pdbx_struct_conn_angle.ptnr3_label_atom_id   NE2 
_pdbx_struct_conn_angle.ptnr3_label_alt_id    ? 
_pdbx_struct_conn_angle.ptnr3_label_asym_id   A 
_pdbx_struct_conn_angle.ptnr3_label_comp_id   HIS 
_pdbx_struct_conn_angle.ptnr3_label_seq_id    135 
_pdbx_struct_conn_angle.ptnr3_auth_atom_id    ? 
_pdbx_struct_conn_angle.ptnr3_auth_asym_id    A 
_pdbx_struct_conn_angle.ptnr3_auth_comp_id    HIS 
_pdbx_struct_conn_angle.ptnr3_auth_seq_id     320 
_pdbx_struct_conn_angle.ptnr3_PDB_ins_code    ? 
_pdbx_struct_conn_angle.ptnr3_symmetry        1_555 
_pdbx_struct_conn_angle.value                 92.1 
_pdbx_struct_conn_angle.value_esd             ? 
# 
loop_
_pdbx_audit_revision_history.ordinal 
_pdbx_audit_revision_history.data_content_type 
_pdbx_audit_revision_history.major_revision 
_pdbx_audit_revision_history.minor_revision 
_pdbx_audit_revision_history.revision_date 
1 'Structure model' 1 0 2010-09-22 
2 'Structure model' 1 1 2011-07-13 
3 'Structure model' 1 2 2023-11-01 
# 
_pdbx_audit_revision_details.ordinal             1 
_pdbx_audit_revision_details.revision_ordinal    1 
_pdbx_audit_revision_details.data_content_type   'Structure model' 
_pdbx_audit_revision_details.provider            repository 
_pdbx_audit_revision_details.type                'Initial release' 
_pdbx_audit_revision_details.description         ? 
_pdbx_audit_revision_details.details             ? 
# 
loop_
_pdbx_audit_revision_group.ordinal 
_pdbx_audit_revision_group.revision_ordinal 
_pdbx_audit_revision_group.data_content_type 
_pdbx_audit_revision_group.group 
1 2 'Structure model' 'Version format compliance' 
2 3 'Structure model' 'Data collection'           
3 3 'Structure model' 'Database references'       
4 3 'Structure model' 'Derived calculations'      
5 3 'Structure model' 'Refinement description'    
# 
loop_
_pdbx_audit_revision_category.ordinal 
_pdbx_audit_revision_category.revision_ordinal 
_pdbx_audit_revision_category.data_content_type 
_pdbx_audit_revision_category.category 
1 3 'Structure model' chem_comp_atom                
2 3 'Structure model' chem_comp_bond                
3 3 'Structure model' database_2                    
4 3 'Structure model' pdbx_initial_refinement_model 
5 3 'Structure model' pdbx_struct_conn_angle        
6 3 'Structure model' struct_conn                   
7 3 'Structure model' struct_site                   
# 
loop_
_pdbx_audit_revision_item.ordinal 
_pdbx_audit_revision_item.revision_ordinal 
_pdbx_audit_revision_item.data_content_type 
_pdbx_audit_revision_item.item 
1  3 'Structure model' '_database_2.pdbx_DOI'                        
2  3 'Structure model' '_database_2.pdbx_database_accession'         
3  3 'Structure model' '_pdbx_struct_conn_angle.ptnr1_auth_comp_id'  
4  3 'Structure model' '_pdbx_struct_conn_angle.ptnr1_auth_seq_id'   
5  3 'Structure model' '_pdbx_struct_conn_angle.ptnr1_label_asym_id' 
6  3 'Structure model' '_pdbx_struct_conn_angle.ptnr1_label_atom_id' 
7  3 'Structure model' '_pdbx_struct_conn_angle.ptnr1_label_comp_id' 
8  3 'Structure model' '_pdbx_struct_conn_angle.ptnr1_label_seq_id'  
9  3 'Structure model' '_pdbx_struct_conn_angle.ptnr3_auth_comp_id'  
10 3 'Structure model' '_pdbx_struct_conn_angle.ptnr3_auth_seq_id'   
11 3 'Structure model' '_pdbx_struct_conn_angle.ptnr3_label_asym_id' 
12 3 'Structure model' '_pdbx_struct_conn_angle.ptnr3_label_atom_id' 
13 3 'Structure model' '_pdbx_struct_conn_angle.ptnr3_label_comp_id' 
14 3 'Structure model' '_pdbx_struct_conn_angle.ptnr3_label_seq_id'  
15 3 'Structure model' '_struct_conn.pdbx_dist_value'                
16 3 'Structure model' '_struct_conn.ptnr1_auth_comp_id'             
17 3 'Structure model' '_struct_conn.ptnr1_auth_seq_id'              
18 3 'Structure model' '_struct_conn.ptnr1_label_asym_id'            
19 3 'Structure model' '_struct_conn.ptnr1_label_atom_id'            
20 3 'Structure model' '_struct_conn.ptnr1_label_comp_id'            
21 3 'Structure model' '_struct_conn.ptnr1_label_seq_id'             
22 3 'Structure model' '_struct_conn.ptnr2_auth_comp_id'             
23 3 'Structure model' '_struct_conn.ptnr2_auth_seq_id'              
24 3 'Structure model' '_struct_conn.ptnr2_label_asym_id'            
25 3 'Structure model' '_struct_conn.ptnr2_label_atom_id'            
26 3 'Structure model' '_struct_conn.ptnr2_label_comp_id'            
27 3 'Structure model' '_struct_site.pdbx_auth_asym_id'              
28 3 'Structure model' '_struct_site.pdbx_auth_comp_id'              
29 3 'Structure model' '_struct_site.pdbx_auth_seq_id'               
# 
loop_
_software.name 
_software.classification 
_software.version 
_software.citation_id 
_software.pdbx_ordinal 
ADSC     'data collection' Quantum ? 1 
MOLREP   phasing           .       ? 2 
CNS      refinement        1.1     ? 3 
HKL-2000 'data reduction'  .       ? 4 
HKL-2000 'data scaling'    .       ? 5 
# 
_pdbx_validate_torsion.id              1 
_pdbx_validate_torsion.PDB_model_num   1 
_pdbx_validate_torsion.auth_comp_id    SER 
_pdbx_validate_torsion.auth_asym_id    A 
_pdbx_validate_torsion.auth_seq_id     206 
_pdbx_validate_torsion.PDB_ins_code    ? 
_pdbx_validate_torsion.label_alt_id    ? 
_pdbx_validate_torsion.phi             87.92 
_pdbx_validate_torsion.psi             -5.22 
# 
loop_
_pdbx_unobs_or_zero_occ_residues.id 
_pdbx_unobs_or_zero_occ_residues.PDB_model_num 
_pdbx_unobs_or_zero_occ_residues.polymer_flag 
_pdbx_unobs_or_zero_occ_residues.occupancy_flag 
_pdbx_unobs_or_zero_occ_residues.auth_asym_id 
_pdbx_unobs_or_zero_occ_residues.auth_comp_id 
_pdbx_unobs_or_zero_occ_residues.auth_seq_id 
_pdbx_unobs_or_zero_occ_residues.PDB_ins_code 
_pdbx_unobs_or_zero_occ_residues.label_asym_id 
_pdbx_unobs_or_zero_occ_residues.label_comp_id 
_pdbx_unobs_or_zero_occ_residues.label_seq_id 
1 1 Y 1 A TYR 186 ? A TYR 1 
2 1 Y 1 A PRO 187 ? A PRO 2 
# 
loop_
_chem_comp_atom.comp_id 
_chem_comp_atom.atom_id 
_chem_comp_atom.type_symbol 
_chem_comp_atom.pdbx_aromatic_flag 
_chem_comp_atom.pdbx_stereo_config 
_chem_comp_atom.pdbx_ordinal 
ALA N    N  N N 1   
ALA CA   C  N S 2   
ALA C    C  N N 3   
ALA O    O  N N 4   
ALA CB   C  N N 5   
ALA OXT  O  N N 6   
ALA H    H  N N 7   
ALA H2   H  N N 8   
ALA HA   H  N N 9   
ALA HB1  H  N N 10  
ALA HB2  H  N N 11  
ALA HB3  H  N N 12  
ALA HXT  H  N N 13  
ARG N    N  N N 14  
ARG CA   C  N S 15  
ARG C    C  N N 16  
ARG O    O  N N 17  
ARG CB   C  N N 18  
ARG CG   C  N N 19  
ARG CD   C  N N 20  
ARG NE   N  N N 21  
ARG CZ   C  N N 22  
ARG NH1  N  N N 23  
ARG NH2  N  N N 24  
ARG OXT  O  N N 25  
ARG H    H  N N 26  
ARG H2   H  N N 27  
ARG HA   H  N N 28  
ARG HB2  H  N N 29  
ARG HB3  H  N N 30  
ARG HG2  H  N N 31  
ARG HG3  H  N N 32  
ARG HD2  H  N N 33  
ARG HD3  H  N N 34  
ARG HE   H  N N 35  
ARG HH11 H  N N 36  
ARG HH12 H  N N 37  
ARG HH21 H  N N 38  
ARG HH22 H  N N 39  
ARG HXT  H  N N 40  
ASN N    N  N N 41  
ASN CA   C  N S 42  
ASN C    C  N N 43  
ASN O    O  N N 44  
ASN CB   C  N N 45  
ASN CG   C  N N 46  
ASN OD1  O  N N 47  
ASN ND2  N  N N 48  
ASN OXT  O  N N 49  
ASN H    H  N N 50  
ASN H2   H  N N 51  
ASN HA   H  N N 52  
ASN HB2  H  N N 53  
ASN HB3  H  N N 54  
ASN HD21 H  N N 55  
ASN HD22 H  N N 56  
ASN HXT  H  N N 57  
ASP N    N  N N 58  
ASP CA   C  N S 59  
ASP C    C  N N 60  
ASP O    O  N N 61  
ASP CB   C  N N 62  
ASP CG   C  N N 63  
ASP OD1  O  N N 64  
ASP OD2  O  N N 65  
ASP OXT  O  N N 66  
ASP H    H  N N 67  
ASP H2   H  N N 68  
ASP HA   H  N N 69  
ASP HB2  H  N N 70  
ASP HB3  H  N N 71  
ASP HD2  H  N N 72  
ASP HXT  H  N N 73  
CYS N    N  N N 74  
CYS CA   C  N R 75  
CYS C    C  N N 76  
CYS O    O  N N 77  
CYS CB   C  N N 78  
CYS SG   S  N N 79  
CYS OXT  O  N N 80  
CYS H    H  N N 81  
CYS H2   H  N N 82  
CYS HA   H  N N 83  
CYS HB2  H  N N 84  
CYS HB3  H  N N 85  
CYS HG   H  N N 86  
CYS HXT  H  N N 87  
GLN N    N  N N 88  
GLN CA   C  N S 89  
GLN C    C  N N 90  
GLN O    O  N N 91  
GLN CB   C  N N 92  
GLN CG   C  N N 93  
GLN CD   C  N N 94  
GLN OE1  O  N N 95  
GLN NE2  N  N N 96  
GLN OXT  O  N N 97  
GLN H    H  N N 98  
GLN H2   H  N N 99  
GLN HA   H  N N 100 
GLN HB2  H  N N 101 
GLN HB3  H  N N 102 
GLN HG2  H  N N 103 
GLN HG3  H  N N 104 
GLN HE21 H  N N 105 
GLN HE22 H  N N 106 
GLN HXT  H  N N 107 
GLU N    N  N N 108 
GLU CA   C  N S 109 
GLU C    C  N N 110 
GLU O    O  N N 111 
GLU CB   C  N N 112 
GLU CG   C  N N 113 
GLU CD   C  N N 114 
GLU OE1  O  N N 115 
GLU OE2  O  N N 116 
GLU OXT  O  N N 117 
GLU H    H  N N 118 
GLU H2   H  N N 119 
GLU HA   H  N N 120 
GLU HB2  H  N N 121 
GLU HB3  H  N N 122 
GLU HG2  H  N N 123 
GLU HG3  H  N N 124 
GLU HE2  H  N N 125 
GLU HXT  H  N N 126 
GLY N    N  N N 127 
GLY CA   C  N N 128 
GLY C    C  N N 129 
GLY O    O  N N 130 
GLY OXT  O  N N 131 
GLY H    H  N N 132 
GLY H2   H  N N 133 
GLY HA2  H  N N 134 
GLY HA3  H  N N 135 
GLY HXT  H  N N 136 
HIS N    N  N N 137 
HIS CA   C  N S 138 
HIS C    C  N N 139 
HIS O    O  N N 140 
HIS CB   C  N N 141 
HIS CG   C  Y N 142 
HIS ND1  N  Y N 143 
HIS CD2  C  Y N 144 
HIS CE1  C  Y N 145 
HIS NE2  N  Y N 146 
HIS OXT  O  N N 147 
HIS H    H  N N 148 
HIS H2   H  N N 149 
HIS HA   H  N N 150 
HIS HB2  H  N N 151 
HIS HB3  H  N N 152 
HIS HD1  H  N N 153 
HIS HD2  H  N N 154 
HIS HE1  H  N N 155 
HIS HE2  H  N N 156 
HIS HXT  H  N N 157 
HOH O    O  N N 158 
HOH H1   H  N N 159 
HOH H2   H  N N 160 
ILE N    N  N N 161 
ILE CA   C  N S 162 
ILE C    C  N N 163 
ILE O    O  N N 164 
ILE CB   C  N S 165 
ILE CG1  C  N N 166 
ILE CG2  C  N N 167 
ILE CD1  C  N N 168 
ILE OXT  O  N N 169 
ILE H    H  N N 170 
ILE H2   H  N N 171 
ILE HA   H  N N 172 
ILE HB   H  N N 173 
ILE HG12 H  N N 174 
ILE HG13 H  N N 175 
ILE HG21 H  N N 176 
ILE HG22 H  N N 177 
ILE HG23 H  N N 178 
ILE HD11 H  N N 179 
ILE HD12 H  N N 180 
ILE HD13 H  N N 181 
ILE HXT  H  N N 182 
LEU N    N  N N 183 
LEU CA   C  N S 184 
LEU C    C  N N 185 
LEU O    O  N N 186 
LEU CB   C  N N 187 
LEU CG   C  N N 188 
LEU CD1  C  N N 189 
LEU CD2  C  N N 190 
LEU OXT  O  N N 191 
LEU H    H  N N 192 
LEU H2   H  N N 193 
LEU HA   H  N N 194 
LEU HB2  H  N N 195 
LEU HB3  H  N N 196 
LEU HG   H  N N 197 
LEU HD11 H  N N 198 
LEU HD12 H  N N 199 
LEU HD13 H  N N 200 
LEU HD21 H  N N 201 
LEU HD22 H  N N 202 
LEU HD23 H  N N 203 
LEU HXT  H  N N 204 
LYS N    N  N N 205 
LYS CA   C  N S 206 
LYS C    C  N N 207 
LYS O    O  N N 208 
LYS CB   C  N N 209 
LYS CG   C  N N 210 
LYS CD   C  N N 211 
LYS CE   C  N N 212 
LYS NZ   N  N N 213 
LYS OXT  O  N N 214 
LYS H    H  N N 215 
LYS H2   H  N N 216 
LYS HA   H  N N 217 
LYS HB2  H  N N 218 
LYS HB3  H  N N 219 
LYS HG2  H  N N 220 
LYS HG3  H  N N 221 
LYS HD2  H  N N 222 
LYS HD3  H  N N 223 
LYS HE2  H  N N 224 
LYS HE3  H  N N 225 
LYS HZ1  H  N N 226 
LYS HZ2  H  N N 227 
LYS HZ3  H  N N 228 
LYS HXT  H  N N 229 
MET N    N  N N 230 
MET CA   C  N S 231 
MET C    C  N N 232 
MET O    O  N N 233 
MET CB   C  N N 234 
MET CG   C  N N 235 
MET SD   S  N N 236 
MET CE   C  N N 237 
MET OXT  O  N N 238 
MET H    H  N N 239 
MET H2   H  N N 240 
MET HA   H  N N 241 
MET HB2  H  N N 242 
MET HB3  H  N N 243 
MET HG2  H  N N 244 
MET HG3  H  N N 245 
MET HE1  H  N N 246 
MET HE2  H  N N 247 
MET HE3  H  N N 248 
MET HXT  H  N N 249 
NI  NI   NI N N 250 
PHE N    N  N N 251 
PHE CA   C  N S 252 
PHE C    C  N N 253 
PHE O    O  N N 254 
PHE CB   C  N N 255 
PHE CG   C  Y N 256 
PHE CD1  C  Y N 257 
PHE CD2  C  Y N 258 
PHE CE1  C  Y N 259 
PHE CE2  C  Y N 260 
PHE CZ   C  Y N 261 
PHE OXT  O  N N 262 
PHE H    H  N N 263 
PHE H2   H  N N 264 
PHE HA   H  N N 265 
PHE HB2  H  N N 266 
PHE HB3  H  N N 267 
PHE HD1  H  N N 268 
PHE HD2  H  N N 269 
PHE HE1  H  N N 270 
PHE HE2  H  N N 271 
PHE HZ   H  N N 272 
PHE HXT  H  N N 273 
PRO N    N  N N 274 
PRO CA   C  N S 275 
PRO C    C  N N 276 
PRO O    O  N N 277 
PRO CB   C  N N 278 
PRO CG   C  N N 279 
PRO CD   C  N N 280 
PRO OXT  O  N N 281 
PRO H    H  N N 282 
PRO HA   H  N N 283 
PRO HB2  H  N N 284 
PRO HB3  H  N N 285 
PRO HG2  H  N N 286 
PRO HG3  H  N N 287 
PRO HD2  H  N N 288 
PRO HD3  H  N N 289 
PRO HXT  H  N N 290 
SER N    N  N N 291 
SER CA   C  N S 292 
SER C    C  N N 293 
SER O    O  N N 294 
SER CB   C  N N 295 
SER OG   O  N N 296 
SER OXT  O  N N 297 
SER H    H  N N 298 
SER H2   H  N N 299 
SER HA   H  N N 300 
SER HB2  H  N N 301 
SER HB3  H  N N 302 
SER HG   H  N N 303 
SER HXT  H  N N 304 
THR N    N  N N 305 
THR CA   C  N S 306 
THR C    C  N N 307 
THR O    O  N N 308 
THR CB   C  N R 309 
THR OG1  O  N N 310 
THR CG2  C  N N 311 
THR OXT  O  N N 312 
THR H    H  N N 313 
THR H2   H  N N 314 
THR HA   H  N N 315 
THR HB   H  N N 316 
THR HG1  H  N N 317 
THR HG21 H  N N 318 
THR HG22 H  N N 319 
THR HG23 H  N N 320 
THR HXT  H  N N 321 
TRP N    N  N N 322 
TRP CA   C  N S 323 
TRP C    C  N N 324 
TRP O    O  N N 325 
TRP CB   C  N N 326 
TRP CG   C  Y N 327 
TRP CD1  C  Y N 328 
TRP CD2  C  Y N 329 
TRP NE1  N  Y N 330 
TRP CE2  C  Y N 331 
TRP CE3  C  Y N 332 
TRP CZ2  C  Y N 333 
TRP CZ3  C  Y N 334 
TRP CH2  C  Y N 335 
TRP OXT  O  N N 336 
TRP H    H  N N 337 
TRP H2   H  N N 338 
TRP HA   H  N N 339 
TRP HB2  H  N N 340 
TRP HB3  H  N N 341 
TRP HD1  H  N N 342 
TRP HE1  H  N N 343 
TRP HE3  H  N N 344 
TRP HZ2  H  N N 345 
TRP HZ3  H  N N 346 
TRP HH2  H  N N 347 
TRP HXT  H  N N 348 
TYR N    N  N N 349 
TYR CA   C  N S 350 
TYR C    C  N N 351 
TYR O    O  N N 352 
TYR CB   C  N N 353 
TYR CG   C  Y N 354 
TYR CD1  C  Y N 355 
TYR CD2  C  Y N 356 
TYR CE1  C  Y N 357 
TYR CE2  C  Y N 358 
TYR CZ   C  Y N 359 
TYR OH   O  N N 360 
TYR OXT  O  N N 361 
TYR H    H  N N 362 
TYR H2   H  N N 363 
TYR HA   H  N N 364 
TYR HB2  H  N N 365 
TYR HB3  H  N N 366 
TYR HD1  H  N N 367 
TYR HD2  H  N N 368 
TYR HE1  H  N N 369 
TYR HE2  H  N N 370 
TYR HH   H  N N 371 
TYR HXT  H  N N 372 
VAL N    N  N N 373 
VAL CA   C  N S 374 
VAL C    C  N N 375 
VAL O    O  N N 376 
VAL CB   C  N N 377 
VAL CG1  C  N N 378 
VAL CG2  C  N N 379 
VAL OXT  O  N N 380 
VAL H    H  N N 381 
VAL H2   H  N N 382 
VAL HA   H  N N 383 
VAL HB   H  N N 384 
VAL HG11 H  N N 385 
VAL HG12 H  N N 386 
VAL HG13 H  N N 387 
VAL HG21 H  N N 388 
VAL HG22 H  N N 389 
VAL HG23 H  N N 390 
VAL HXT  H  N N 391 
# 
loop_
_chem_comp_bond.comp_id 
_chem_comp_bond.atom_id_1 
_chem_comp_bond.atom_id_2 
_chem_comp_bond.value_order 
_chem_comp_bond.pdbx_aromatic_flag 
_chem_comp_bond.pdbx_stereo_config 
_chem_comp_bond.pdbx_ordinal 
ALA N   CA   sing N N 1   
ALA N   H    sing N N 2   
ALA N   H2   sing N N 3   
ALA CA  C    sing N N 4   
ALA CA  CB   sing N N 5   
ALA CA  HA   sing N N 6   
ALA C   O    doub N N 7   
ALA C   OXT  sing N N 8   
ALA CB  HB1  sing N N 9   
ALA CB  HB2  sing N N 10  
ALA CB  HB3  sing N N 11  
ALA OXT HXT  sing N N 12  
ARG N   CA   sing N N 13  
ARG N   H    sing N N 14  
ARG N   H2   sing N N 15  
ARG CA  C    sing N N 16  
ARG CA  CB   sing N N 17  
ARG CA  HA   sing N N 18  
ARG C   O    doub N N 19  
ARG C   OXT  sing N N 20  
ARG CB  CG   sing N N 21  
ARG CB  HB2  sing N N 22  
ARG CB  HB3  sing N N 23  
ARG CG  CD   sing N N 24  
ARG CG  HG2  sing N N 25  
ARG CG  HG3  sing N N 26  
ARG CD  NE   sing N N 27  
ARG CD  HD2  sing N N 28  
ARG CD  HD3  sing N N 29  
ARG NE  CZ   sing N N 30  
ARG NE  HE   sing N N 31  
ARG CZ  NH1  sing N N 32  
ARG CZ  NH2  doub N N 33  
ARG NH1 HH11 sing N N 34  
ARG NH1 HH12 sing N N 35  
ARG NH2 HH21 sing N N 36  
ARG NH2 HH22 sing N N 37  
ARG OXT HXT  sing N N 38  
ASN N   CA   sing N N 39  
ASN N   H    sing N N 40  
ASN N   H2   sing N N 41  
ASN CA  C    sing N N 42  
ASN CA  CB   sing N N 43  
ASN CA  HA   sing N N 44  
ASN C   O    doub N N 45  
ASN C   OXT  sing N N 46  
ASN CB  CG   sing N N 47  
ASN CB  HB2  sing N N 48  
ASN CB  HB3  sing N N 49  
ASN CG  OD1  doub N N 50  
ASN CG  ND2  sing N N 51  
ASN ND2 HD21 sing N N 52  
ASN ND2 HD22 sing N N 53  
ASN OXT HXT  sing N N 54  
ASP N   CA   sing N N 55  
ASP N   H    sing N N 56  
ASP N   H2   sing N N 57  
ASP CA  C    sing N N 58  
ASP CA  CB   sing N N 59  
ASP CA  HA   sing N N 60  
ASP C   O    doub N N 61  
ASP C   OXT  sing N N 62  
ASP CB  CG   sing N N 63  
ASP CB  HB2  sing N N 64  
ASP CB  HB3  sing N N 65  
ASP CG  OD1  doub N N 66  
ASP CG  OD2  sing N N 67  
ASP OD2 HD2  sing N N 68  
ASP OXT HXT  sing N N 69  
CYS N   CA   sing N N 70  
CYS N   H    sing N N 71  
CYS N   H2   sing N N 72  
CYS CA  C    sing N N 73  
CYS CA  CB   sing N N 74  
CYS CA  HA   sing N N 75  
CYS C   O    doub N N 76  
CYS C   OXT  sing N N 77  
CYS CB  SG   sing N N 78  
CYS CB  HB2  sing N N 79  
CYS CB  HB3  sing N N 80  
CYS SG  HG   sing N N 81  
CYS OXT HXT  sing N N 82  
GLN N   CA   sing N N 83  
GLN N   H    sing N N 84  
GLN N   H2   sing N N 85  
GLN CA  C    sing N N 86  
GLN CA  CB   sing N N 87  
GLN CA  HA   sing N N 88  
GLN C   O    doub N N 89  
GLN C   OXT  sing N N 90  
GLN CB  CG   sing N N 91  
GLN CB  HB2  sing N N 92  
GLN CB  HB3  sing N N 93  
GLN CG  CD   sing N N 94  
GLN CG  HG2  sing N N 95  
GLN CG  HG3  sing N N 96  
GLN CD  OE1  doub N N 97  
GLN CD  NE2  sing N N 98  
GLN NE2 HE21 sing N N 99  
GLN NE2 HE22 sing N N 100 
GLN OXT HXT  sing N N 101 
GLU N   CA   sing N N 102 
GLU N   H    sing N N 103 
GLU N   H2   sing N N 104 
GLU CA  C    sing N N 105 
GLU CA  CB   sing N N 106 
GLU CA  HA   sing N N 107 
GLU C   O    doub N N 108 
GLU C   OXT  sing N N 109 
GLU CB  CG   sing N N 110 
GLU CB  HB2  sing N N 111 
GLU CB  HB3  sing N N 112 
GLU CG  CD   sing N N 113 
GLU CG  HG2  sing N N 114 
GLU CG  HG3  sing N N 115 
GLU CD  OE1  doub N N 116 
GLU CD  OE2  sing N N 117 
GLU OE2 HE2  sing N N 118 
GLU OXT HXT  sing N N 119 
GLY N   CA   sing N N 120 
GLY N   H    sing N N 121 
GLY N   H2   sing N N 122 
GLY CA  C    sing N N 123 
GLY CA  HA2  sing N N 124 
GLY CA  HA3  sing N N 125 
GLY C   O    doub N N 126 
GLY C   OXT  sing N N 127 
GLY OXT HXT  sing N N 128 
HIS N   CA   sing N N 129 
HIS N   H    sing N N 130 
HIS N   H2   sing N N 131 
HIS CA  C    sing N N 132 
HIS CA  CB   sing N N 133 
HIS CA  HA   sing N N 134 
HIS C   O    doub N N 135 
HIS C   OXT  sing N N 136 
HIS CB  CG   sing N N 137 
HIS CB  HB2  sing N N 138 
HIS CB  HB3  sing N N 139 
HIS CG  ND1  sing Y N 140 
HIS CG  CD2  doub Y N 141 
HIS ND1 CE1  doub Y N 142 
HIS ND1 HD1  sing N N 143 
HIS CD2 NE2  sing Y N 144 
HIS CD2 HD2  sing N N 145 
HIS CE1 NE2  sing Y N 146 
HIS CE1 HE1  sing N N 147 
HIS NE2 HE2  sing N N 148 
HIS OXT HXT  sing N N 149 
HOH O   H1   sing N N 150 
HOH O   H2   sing N N 151 
ILE N   CA   sing N N 152 
ILE N   H    sing N N 153 
ILE N   H2   sing N N 154 
ILE CA  C    sing N N 155 
ILE CA  CB   sing N N 156 
ILE CA  HA   sing N N 157 
ILE C   O    doub N N 158 
ILE C   OXT  sing N N 159 
ILE CB  CG1  sing N N 160 
ILE CB  CG2  sing N N 161 
ILE CB  HB   sing N N 162 
ILE CG1 CD1  sing N N 163 
ILE CG1 HG12 sing N N 164 
ILE CG1 HG13 sing N N 165 
ILE CG2 HG21 sing N N 166 
ILE CG2 HG22 sing N N 167 
ILE CG2 HG23 sing N N 168 
ILE CD1 HD11 sing N N 169 
ILE CD1 HD12 sing N N 170 
ILE CD1 HD13 sing N N 171 
ILE OXT HXT  sing N N 172 
LEU N   CA   sing N N 173 
LEU N   H    sing N N 174 
LEU N   H2   sing N N 175 
LEU CA  C    sing N N 176 
LEU CA  CB   sing N N 177 
LEU CA  HA   sing N N 178 
LEU C   O    doub N N 179 
LEU C   OXT  sing N N 180 
LEU CB  CG   sing N N 181 
LEU CB  HB2  sing N N 182 
LEU CB  HB3  sing N N 183 
LEU CG  CD1  sing N N 184 
LEU CG  CD2  sing N N 185 
LEU CG  HG   sing N N 186 
LEU CD1 HD11 sing N N 187 
LEU CD1 HD12 sing N N 188 
LEU CD1 HD13 sing N N 189 
LEU CD2 HD21 sing N N 190 
LEU CD2 HD22 sing N N 191 
LEU CD2 HD23 sing N N 192 
LEU OXT HXT  sing N N 193 
LYS N   CA   sing N N 194 
LYS N   H    sing N N 195 
LYS N   H2   sing N N 196 
LYS CA  C    sing N N 197 
LYS CA  CB   sing N N 198 
LYS CA  HA   sing N N 199 
LYS C   O    doub N N 200 
LYS C   OXT  sing N N 201 
LYS CB  CG   sing N N 202 
LYS CB  HB2  sing N N 203 
LYS CB  HB3  sing N N 204 
LYS CG  CD   sing N N 205 
LYS CG  HG2  sing N N 206 
LYS CG  HG3  sing N N 207 
LYS CD  CE   sing N N 208 
LYS CD  HD2  sing N N 209 
LYS CD  HD3  sing N N 210 
LYS CE  NZ   sing N N 211 
LYS CE  HE2  sing N N 212 
LYS CE  HE3  sing N N 213 
LYS NZ  HZ1  sing N N 214 
LYS NZ  HZ2  sing N N 215 
LYS NZ  HZ3  sing N N 216 
LYS OXT HXT  sing N N 217 
MET N   CA   sing N N 218 
MET N   H    sing N N 219 
MET N   H2   sing N N 220 
MET CA  C    sing N N 221 
MET CA  CB   sing N N 222 
MET CA  HA   sing N N 223 
MET C   O    doub N N 224 
MET C   OXT  sing N N 225 
MET CB  CG   sing N N 226 
MET CB  HB2  sing N N 227 
MET CB  HB3  sing N N 228 
MET CG  SD   sing N N 229 
MET CG  HG2  sing N N 230 
MET CG  HG3  sing N N 231 
MET SD  CE   sing N N 232 
MET CE  HE1  sing N N 233 
MET CE  HE2  sing N N 234 
MET CE  HE3  sing N N 235 
MET OXT HXT  sing N N 236 
PHE N   CA   sing N N 237 
PHE N   H    sing N N 238 
PHE N   H2   sing N N 239 
PHE CA  C    sing N N 240 
PHE CA  CB   sing N N 241 
PHE CA  HA   sing N N 242 
PHE C   O    doub N N 243 
PHE C   OXT  sing N N 244 
PHE CB  CG   sing N N 245 
PHE CB  HB2  sing N N 246 
PHE CB  HB3  sing N N 247 
PHE CG  CD1  doub Y N 248 
PHE CG  CD2  sing Y N 249 
PHE CD1 CE1  sing Y N 250 
PHE CD1 HD1  sing N N 251 
PHE CD2 CE2  doub Y N 252 
PHE CD2 HD2  sing N N 253 
PHE CE1 CZ   doub Y N 254 
PHE CE1 HE1  sing N N 255 
PHE CE2 CZ   sing Y N 256 
PHE CE2 HE2  sing N N 257 
PHE CZ  HZ   sing N N 258 
PHE OXT HXT  sing N N 259 
PRO N   CA   sing N N 260 
PRO N   CD   sing N N 261 
PRO N   H    sing N N 262 
PRO CA  C    sing N N 263 
PRO CA  CB   sing N N 264 
PRO CA  HA   sing N N 265 
PRO C   O    doub N N 266 
PRO C   OXT  sing N N 267 
PRO CB  CG   sing N N 268 
PRO CB  HB2  sing N N 269 
PRO CB  HB3  sing N N 270 
PRO CG  CD   sing N N 271 
PRO CG  HG2  sing N N 272 
PRO CG  HG3  sing N N 273 
PRO CD  HD2  sing N N 274 
PRO CD  HD3  sing N N 275 
PRO OXT HXT  sing N N 276 
SER N   CA   sing N N 277 
SER N   H    sing N N 278 
SER N   H2   sing N N 279 
SER CA  C    sing N N 280 
SER CA  CB   sing N N 281 
SER CA  HA   sing N N 282 
SER C   O    doub N N 283 
SER C   OXT  sing N N 284 
SER CB  OG   sing N N 285 
SER CB  HB2  sing N N 286 
SER CB  HB3  sing N N 287 
SER OG  HG   sing N N 288 
SER OXT HXT  sing N N 289 
THR N   CA   sing N N 290 
THR N   H    sing N N 291 
THR N   H2   sing N N 292 
THR CA  C    sing N N 293 
THR CA  CB   sing N N 294 
THR CA  HA   sing N N 295 
THR C   O    doub N N 296 
THR C   OXT  sing N N 297 
THR CB  OG1  sing N N 298 
THR CB  CG2  sing N N 299 
THR CB  HB   sing N N 300 
THR OG1 HG1  sing N N 301 
THR CG2 HG21 sing N N 302 
THR CG2 HG22 sing N N 303 
THR CG2 HG23 sing N N 304 
THR OXT HXT  sing N N 305 
TRP N   CA   sing N N 306 
TRP N   H    sing N N 307 
TRP N   H2   sing N N 308 
TRP CA  C    sing N N 309 
TRP CA  CB   sing N N 310 
TRP CA  HA   sing N N 311 
TRP C   O    doub N N 312 
TRP C   OXT  sing N N 313 
TRP CB  CG   sing N N 314 
TRP CB  HB2  sing N N 315 
TRP CB  HB3  sing N N 316 
TRP CG  CD1  doub Y N 317 
TRP CG  CD2  sing Y N 318 
TRP CD1 NE1  sing Y N 319 
TRP CD1 HD1  sing N N 320 
TRP CD2 CE2  doub Y N 321 
TRP CD2 CE3  sing Y N 322 
TRP NE1 CE2  sing Y N 323 
TRP NE1 HE1  sing N N 324 
TRP CE2 CZ2  sing Y N 325 
TRP CE3 CZ3  doub Y N 326 
TRP CE3 HE3  sing N N 327 
TRP CZ2 CH2  doub Y N 328 
TRP CZ2 HZ2  sing N N 329 
TRP CZ3 CH2  sing Y N 330 
TRP CZ3 HZ3  sing N N 331 
TRP CH2 HH2  sing N N 332 
TRP OXT HXT  sing N N 333 
TYR N   CA   sing N N 334 
TYR N   H    sing N N 335 
TYR N   H2   sing N N 336 
TYR CA  C    sing N N 337 
TYR CA  CB   sing N N 338 
TYR CA  HA   sing N N 339 
TYR C   O    doub N N 340 
TYR C   OXT  sing N N 341 
TYR CB  CG   sing N N 342 
TYR CB  HB2  sing N N 343 
TYR CB  HB3  sing N N 344 
TYR CG  CD1  doub Y N 345 
TYR CG  CD2  sing Y N 346 
TYR CD1 CE1  sing Y N 347 
TYR CD1 HD1  sing N N 348 
TYR CD2 CE2  doub Y N 349 
TYR CD2 HD2  sing N N 350 
TYR CE1 CZ   doub Y N 351 
TYR CE1 HE1  sing N N 352 
TYR CE2 CZ   sing Y N 353 
TYR CE2 HE2  sing N N 354 
TYR CZ  OH   sing N N 355 
TYR OH  HH   sing N N 356 
TYR OXT HXT  sing N N 357 
VAL N   CA   sing N N 358 
VAL N   H    sing N N 359 
VAL N   H2   sing N N 360 
VAL CA  C    sing N N 361 
VAL CA  CB   sing N N 362 
VAL CA  HA   sing N N 363 
VAL C   O    doub N N 364 
VAL C   OXT  sing N N 365 
VAL CB  CG1  sing N N 366 
VAL CB  CG2  sing N N 367 
VAL CB  HB   sing N N 368 
VAL CG1 HG11 sing N N 369 
VAL CG1 HG12 sing N N 370 
VAL CG1 HG13 sing N N 371 
VAL CG2 HG21 sing N N 372 
VAL CG2 HG22 sing N N 373 
VAL CG2 HG23 sing N N 374 
VAL OXT HXT  sing N N 375 
# 
loop_
_pdbx_entity_nonpoly.entity_id 
_pdbx_entity_nonpoly.name 
_pdbx_entity_nonpoly.comp_id 
2 'NICKEL (II) ION' NI  
3 water             HOH 
# 
_pdbx_initial_refinement_model.id               1 
_pdbx_initial_refinement_model.entity_id_list   ? 
_pdbx_initial_refinement_model.type             'experimental model' 
_pdbx_initial_refinement_model.source_name      PDB 
_pdbx_initial_refinement_model.accession_code   3KOE 
_pdbx_initial_refinement_model.details          'PDB entry 3KOE' 
# 
